data_6DZL
#
_entry.id   6DZL
#
loop_
_entity.id
_entity.type
_entity.pdbx_description
1 polymer 'Ebola virus Makona GP1'
2 polymer 'Ebola virus Makona GP2'
3 polymer 'Fv domain of ADI-15878 Fab light chain'
4 polymer 'Fv domain of ADI-15878 Fab heavy chain'
5 branched 2-acetamido-2-deoxy-beta-D-glucopyranose-(1-4)-2-acetamido-2-deoxy-beta-D-glucopyranose
6 branched alpha-D-mannopyranose-(1-2)-alpha-D-mannopyranose-(1-3)-[alpha-D-mannopyranose-(1-6)]beta-D-mannopyranose-(1-4)-2-acetamido-2-deoxy-beta-D-glucopyranose-(1-4)-2-acetamido-2-deoxy-beta-D-glucopyranose
7 non-polymer 2-acetamido-2-deoxy-beta-D-glucopyranose
#
loop_
_entity_poly.entity_id
_entity_poly.type
_entity_poly.pdbx_seq_one_letter_code
_entity_poly.pdbx_strand_id
1 'polypeptide(L)'
;SIPLGVIHNSTLQVSDVDKLVCRDKLSSTNQLRSVGLNLEGNGVATDVPSVTKRWGFRSGVPPKVVNYEAGEWAENCYNL
EIKKPDGSECLPAAPDGIRGFPRCRYVHKVSGTGPCAGDFAFHKEGAFFLYDRLASTVIYRGTTFAEGVVAFLILPQAKK
DFFSSHPLREPVNATEDPSSGYYSTTIRYQATGFGTNETEYLFEVDNLTYVQLESRFTPQFLLQLNETIYASGKRSNTTG
KLIWKVNPEIDTTIGEWAFWETKKNLTRKIRSEELSFTAVNNNTHHQDTGEESASSGKLGLITNTIAGVAGLITGGRRTR
R
;
A,B,C
2 'polypeptide(L)'
;EVIVNAQPKCNPNLHFWTTQDEGAAIGLAWIPYFGPAAEGIYTEGLMHNQDGLICGLRQLANETTQALQLFLRATTELRT
FSILNRKAIDFLLQRWGGTCHILGPDCCIEPHDWTKNITDKIDQIIHDVEVDDDDKAGWSHPQFEKGGGSGGGSGGGSWS
HPQFEK
;
D,E,F
3 'polypeptide(L)'
;DIVLTQSPSTLSASVGDRVTITCRASQSISSWLAWYQQKPGEAPKLLISDASSLESGVPSRFSGSGSGTEFTLTISSLQP
DDFATYYCQQYYSSPTFGGGTKVEIK
;
J,K,L
4 'polypeptide(L)'
;QVQLVQSGVTLVQPGGSLRVSCAASGFTFSSYAMSWVRQAPGKGLEWVSAISGLGGSTYYADSVKGRFTISRDNSKNTLY
LQMNSLRAEDTAVYYCAKDHRVWAAGYHFDYWGQGALVTVS
;
G,H,I
#
loop_
_chem_comp.id
_chem_comp.type
_chem_comp.name
_chem_comp.formula
BMA D-saccharide, beta linking beta-D-mannopyranose 'C6 H12 O6'
MAN D-saccharide, alpha linking alpha-D-mannopyranose 'C6 H12 O6'
NAG D-saccharide, beta linking 2-acetamido-2-deoxy-beta-D-glucopyranose 'C8 H15 N O6'
#
# COMPACT_ATOMS: atom_id res chain seq x y z
N SER A 1 -0.49 -0.76 -20.36
CA SER A 1 -0.02 -2.10 -20.03
C SER A 1 -1.15 -3.08 -19.86
N ILE A 2 -1.77 -3.05 -18.70
CA ILE A 2 -2.70 -4.10 -18.30
C ILE A 2 -4.05 -3.80 -18.95
N PRO A 3 -4.84 -4.81 -19.28
CA PRO A 3 -6.19 -4.54 -19.77
C PRO A 3 -7.09 -3.97 -18.71
N LEU A 4 -8.31 -3.66 -19.13
CA LEU A 4 -9.33 -3.21 -18.21
C LEU A 4 -10.66 -3.19 -18.94
N GLY A 5 -11.69 -3.64 -18.25
CA GLY A 5 -13.01 -3.73 -18.83
C GLY A 5 -13.94 -2.64 -18.34
N VAL A 6 -14.99 -2.40 -19.12
CA VAL A 6 -15.91 -1.30 -18.86
C VAL A 6 -17.33 -1.77 -19.09
N ILE A 7 -18.25 -1.00 -18.56
CA ILE A 7 -19.68 -1.27 -18.67
C ILE A 7 -20.34 0.02 -19.16
N HIS A 8 -20.52 0.11 -20.46
CA HIS A 8 -21.20 1.23 -21.10
C HIS A 8 -22.50 0.74 -21.68
N ASN A 9 -23.61 1.30 -21.20
CA ASN A 9 -24.94 0.87 -21.62
C ASN A 9 -25.16 -0.60 -21.30
N SER A 10 -24.74 -1.01 -20.11
CA SER A 10 -25.02 -2.35 -19.59
C SER A 10 -24.46 -3.45 -20.47
N THR A 11 -23.42 -3.14 -21.23
CA THR A 11 -22.71 -4.11 -22.02
C THR A 11 -21.24 -3.80 -21.99
N LEU A 12 -20.47 -4.63 -22.66
CA LEU A 12 -19.04 -4.71 -22.45
C LEU A 12 -18.27 -4.08 -23.60
N GLN A 13 -17.13 -3.52 -23.26
CA GLN A 13 -16.13 -3.10 -24.24
C GLN A 13 -14.77 -3.42 -23.63
N VAL A 14 -13.72 -2.89 -24.24
CA VAL A 14 -12.37 -3.15 -23.77
C VAL A 14 -11.48 -2.00 -24.24
N SER A 15 -10.45 -1.73 -23.46
CA SER A 15 -9.52 -0.64 -23.73
C SER A 15 -8.29 -0.71 -22.87
N ASP A 16 -7.11 -0.71 -23.48
CA ASP A 16 -5.88 -0.77 -22.70
C ASP A 16 -5.46 0.61 -22.21
N VAL A 17 -5.10 1.50 -23.14
CA VAL A 17 -4.54 2.80 -22.82
C VAL A 17 -5.24 3.88 -23.62
N ASP A 18 -5.17 3.74 -24.94
CA ASP A 18 -5.34 4.86 -25.84
C ASP A 18 -6.79 5.18 -26.15
N LYS A 19 -7.68 4.20 -26.04
CA LYS A 19 -9.09 4.45 -26.31
C LYS A 19 -9.62 5.47 -25.32
N LEU A 20 -9.96 6.65 -25.80
CA LEU A 20 -10.52 7.66 -24.93
C LEU A 20 -11.84 7.20 -24.35
N VAL A 21 -12.25 7.88 -23.30
CA VAL A 21 -13.66 8.02 -22.97
C VAL A 21 -13.86 9.46 -22.53
N CYS A 22 -14.54 10.24 -23.35
CA CYS A 22 -15.09 11.51 -22.91
C CYS A 22 -16.46 11.33 -22.28
N ARG A 23 -16.90 10.09 -22.08
CA ARG A 23 -18.21 9.76 -21.54
C ARG A 23 -18.12 9.30 -20.10
N ASP A 24 -17.32 8.26 -19.84
CA ASP A 24 -17.25 7.69 -18.52
C ASP A 24 -16.53 8.65 -17.60
N LYS A 25 -17.31 9.47 -16.89
CA LYS A 25 -16.74 10.46 -15.99
C LYS A 25 -15.92 9.82 -14.89
N LEU A 26 -16.16 8.55 -14.58
CA LEU A 26 -15.46 7.86 -13.50
C LEU A 26 -15.68 8.63 -12.19
N SER A 27 -16.94 8.67 -11.79
CA SER A 27 -17.35 9.52 -10.69
C SER A 27 -16.63 9.20 -9.40
N SER A 28 -16.23 7.95 -9.21
CA SER A 28 -15.59 7.55 -7.96
C SER A 28 -14.95 6.19 -8.15
N THR A 29 -14.48 5.62 -7.04
CA THR A 29 -13.71 4.38 -7.05
C THR A 29 -14.49 3.18 -6.58
N ASN A 30 -15.54 3.38 -5.78
CA ASN A 30 -16.34 2.25 -5.35
C ASN A 30 -16.95 1.54 -6.54
N GLN A 31 -17.19 2.25 -7.63
CA GLN A 31 -17.61 1.61 -8.86
C GLN A 31 -16.47 0.86 -9.50
N LEU A 32 -15.25 1.33 -9.30
CA LEU A 32 -14.08 0.64 -9.80
C LEU A 32 -13.81 -0.58 -8.92
N ARG A 33 -13.76 -1.75 -9.54
CA ARG A 33 -13.71 -2.99 -8.78
C ARG A 33 -12.87 -4.02 -9.51
N SER A 34 -12.58 -5.08 -8.78
CA SER A 34 -11.73 -6.17 -9.24
C SER A 34 -12.36 -7.47 -8.79
N VAL A 35 -12.43 -8.43 -9.71
CA VAL A 35 -13.34 -9.54 -9.58
C VAL A 35 -12.60 -10.83 -9.91
N GLY A 36 -12.81 -11.82 -9.07
CA GLY A 36 -12.34 -13.15 -9.36
C GLY A 36 -13.39 -13.96 -10.07
N LEU A 37 -12.97 -15.05 -10.70
CA LEU A 37 -13.90 -15.91 -11.40
C LEU A 37 -13.37 -17.33 -11.44
N ASN A 38 -14.26 -18.28 -11.18
CA ASN A 38 -13.90 -19.67 -11.16
C ASN A 38 -13.94 -20.27 -12.56
N LEU A 39 -13.12 -21.30 -12.75
CA LEU A 39 -13.03 -21.98 -14.02
C LEU A 39 -14.14 -22.99 -14.24
N GLU A 40 -14.92 -23.29 -13.21
CA GLU A 40 -16.11 -24.12 -13.39
C GLU A 40 -17.01 -23.54 -14.46
N GLY A 41 -17.05 -22.21 -14.57
CA GLY A 41 -17.82 -21.58 -15.62
C GLY A 41 -17.36 -22.00 -17.00
N ASN A 42 -16.06 -22.24 -17.16
CA ASN A 42 -15.54 -22.72 -18.42
C ASN A 42 -15.82 -24.20 -18.63
N GLY A 43 -16.12 -24.92 -17.56
CA GLY A 43 -16.62 -26.27 -17.70
C GLY A 43 -15.55 -27.28 -18.05
N VAL A 44 -14.49 -27.31 -17.25
CA VAL A 44 -13.45 -28.32 -17.38
C VAL A 44 -13.90 -29.58 -16.68
N ALA A 45 -13.12 -30.64 -16.83
CA ALA A 45 -13.32 -31.86 -16.05
C ALA A 45 -12.92 -31.56 -14.62
N THR A 46 -13.89 -31.30 -13.77
CA THR A 46 -13.64 -30.96 -12.37
C THR A 46 -13.68 -32.20 -11.48
N ASP A 47 -12.94 -33.21 -11.89
CA ASP A 47 -12.72 -34.37 -11.06
C ASP A 47 -11.50 -34.11 -10.17
N VAL A 48 -11.14 -35.11 -9.38
CA VAL A 48 -10.02 -34.98 -8.47
C VAL A 48 -8.70 -35.19 -9.21
N PRO A 49 -8.54 -36.22 -10.06
CA PRO A 49 -7.19 -36.49 -10.57
C PRO A 49 -6.66 -35.43 -11.50
N SER A 50 -7.51 -34.87 -12.35
CA SER A 50 -7.02 -33.89 -13.31
C SER A 50 -6.46 -32.68 -12.61
N VAL A 51 -6.97 -32.39 -11.41
CA VAL A 51 -6.41 -31.35 -10.56
C VAL A 51 -4.93 -31.57 -10.41
N THR A 52 -4.56 -32.75 -9.94
CA THR A 52 -3.17 -33.13 -9.83
C THR A 52 -2.47 -33.00 -11.17
N LYS A 53 -3.20 -33.30 -12.25
CA LYS A 53 -2.60 -33.11 -13.56
C LYS A 53 -2.58 -31.66 -13.97
N ARG A 54 -3.52 -30.86 -13.47
CA ARG A 54 -3.54 -29.45 -13.82
C ARG A 54 -2.52 -28.63 -13.04
N TRP A 55 -1.72 -29.27 -12.19
CA TRP A 55 -0.83 -28.57 -11.28
C TRP A 55 0.62 -29.06 -11.42
N GLY A 56 1.48 -28.62 -10.52
CA GLY A 56 2.85 -29.10 -10.48
C GLY A 56 3.59 -28.53 -9.31
N PHE A 57 4.90 -28.76 -9.31
CA PHE A 57 5.79 -28.27 -8.28
C PHE A 57 7.08 -27.79 -8.90
N ARG A 58 7.71 -26.84 -8.22
CA ARG A 58 9.08 -26.46 -8.52
C ARG A 58 9.56 -25.60 -7.36
N SER A 59 10.69 -24.95 -7.56
CA SER A 59 11.27 -24.08 -6.56
C SER A 59 12.03 -22.97 -7.28
N GLY A 60 12.63 -22.10 -6.48
CA GLY A 60 13.29 -20.93 -7.00
C GLY A 60 12.38 -19.77 -7.27
N VAL A 61 11.08 -19.99 -7.26
CA VAL A 61 10.10 -18.95 -7.53
C VAL A 61 9.41 -18.66 -6.20
N PRO A 62 9.09 -17.41 -5.88
CA PRO A 62 8.36 -17.15 -4.66
C PRO A 62 6.87 -17.35 -4.87
N PRO A 63 6.10 -17.18 -3.82
CA PRO A 63 4.67 -16.92 -3.96
C PRO A 63 4.40 -15.43 -4.14
N LYS A 64 3.25 -15.14 -4.72
CA LYS A 64 2.75 -13.78 -4.81
C LYS A 64 1.26 -13.79 -4.51
N VAL A 65 0.78 -12.64 -4.06
CA VAL A 65 -0.57 -12.50 -3.55
C VAL A 65 -1.18 -11.22 -4.08
N VAL A 66 -2.50 -11.22 -4.20
CA VAL A 66 -3.24 -10.12 -4.79
C VAL A 66 -4.63 -10.10 -4.18
N ASN A 67 -5.29 -8.95 -4.31
CA ASN A 67 -6.61 -8.75 -3.76
C ASN A 67 -7.65 -8.60 -4.85
N TYR A 68 -8.79 -9.25 -4.64
CA TYR A 68 -10.00 -8.97 -5.37
C TYR A 68 -11.14 -8.78 -4.37
N GLU A 69 -12.24 -8.22 -4.86
CA GLU A 69 -13.35 -7.84 -4.01
C GLU A 69 -14.52 -8.79 -4.08
N ALA A 70 -14.59 -9.62 -5.11
CA ALA A 70 -15.73 -10.51 -5.22
C ALA A 70 -15.44 -11.58 -6.26
N GLY A 71 -16.16 -12.69 -6.14
CA GLY A 71 -15.98 -13.79 -7.05
C GLY A 71 -17.25 -14.55 -7.35
N GLU A 72 -17.18 -15.86 -7.18
CA GLU A 72 -18.21 -16.77 -7.62
C GLU A 72 -18.32 -17.93 -6.65
N TRP A 73 -19.52 -18.49 -6.59
CA TRP A 73 -19.74 -19.72 -5.83
C TRP A 73 -18.91 -20.85 -6.40
N ALA A 74 -18.63 -21.82 -5.55
CA ALA A 74 -17.76 -22.94 -5.87
C ALA A 74 -18.55 -24.22 -5.78
N GLU A 75 -18.72 -24.89 -6.91
CA GLU A 75 -19.20 -26.25 -6.90
C GLU A 75 -18.12 -27.24 -6.53
N ASN A 76 -16.85 -26.83 -6.51
CA ASN A 76 -15.77 -27.72 -6.12
C ASN A 76 -14.67 -26.87 -5.47
N CYS A 77 -14.72 -26.79 -4.15
CA CYS A 77 -13.58 -26.29 -3.40
C CYS A 77 -12.60 -27.42 -3.15
N TYR A 78 -11.41 -27.05 -2.69
CA TYR A 78 -10.32 -27.99 -2.50
C TYR A 78 -9.49 -27.54 -1.32
N ASN A 79 -9.14 -28.48 -0.46
CA ASN A 79 -8.18 -28.26 0.59
C ASN A 79 -7.23 -29.45 0.64
N LEU A 80 -6.03 -29.21 1.14
CA LEU A 80 -4.96 -30.17 1.10
C LEU A 80 -4.19 -30.18 2.39
N GLU A 81 -3.79 -31.37 2.82
CA GLU A 81 -2.91 -31.55 3.97
C GLU A 81 -2.02 -32.74 3.60
N ILE A 82 -0.87 -32.42 3.04
CA ILE A 82 -0.01 -33.40 2.40
C ILE A 82 1.38 -33.30 3.00
N LYS A 83 2.03 -34.44 3.10
CA LYS A 83 3.41 -34.54 3.55
C LYS A 83 4.17 -35.36 2.54
N LYS A 84 5.46 -35.12 2.49
CA LYS A 84 6.30 -36.02 1.74
C LYS A 84 6.31 -37.38 2.42
N PRO A 85 6.40 -38.46 1.64
CA PRO A 85 6.26 -39.80 2.24
C PRO A 85 7.33 -40.12 3.26
N ASP A 86 8.44 -39.39 3.24
CA ASP A 86 9.40 -39.52 4.33
C ASP A 86 8.79 -39.11 5.66
N GLY A 87 7.86 -38.17 5.62
CA GLY A 87 7.19 -37.67 6.81
C GLY A 87 7.17 -36.16 6.88
N SER A 88 8.00 -35.51 6.08
CA SER A 88 8.08 -34.06 6.11
C SER A 88 6.95 -33.44 5.33
N GLU A 89 6.69 -32.17 5.64
CA GLU A 89 5.66 -31.44 4.93
C GLU A 89 6.05 -31.24 3.48
N CYS A 90 5.05 -31.30 2.60
CA CYS A 90 5.20 -30.77 1.27
C CYS A 90 5.00 -29.27 1.25
N LEU A 91 3.90 -28.81 1.80
CA LEU A 91 3.45 -27.45 1.61
C LEU A 91 3.90 -26.55 2.74
N PRO A 92 4.00 -25.24 2.49
CA PRO A 92 4.13 -24.29 3.57
C PRO A 92 2.79 -23.92 4.17
N ALA A 93 2.86 -23.52 5.43
CA ALA A 93 1.68 -23.06 6.13
C ALA A 93 1.06 -21.87 5.42
N ALA A 94 -0.20 -21.65 5.72
CA ALA A 94 -0.90 -20.48 5.24
C ALA A 94 -0.59 -19.31 6.16
N PRO A 95 -0.02 -18.22 5.66
CA PRO A 95 0.26 -17.08 6.54
C PRO A 95 -1.01 -16.47 7.10
N ASP A 96 -0.79 -15.50 7.97
CA ASP A 96 -1.87 -14.84 8.68
C ASP A 96 -2.75 -14.07 7.71
N GLY A 97 -3.99 -13.85 8.12
CA GLY A 97 -4.96 -13.14 7.30
C GLY A 97 -5.66 -14.06 6.33
N ILE A 98 -4.89 -14.91 5.64
CA ILE A 98 -5.46 -15.80 4.66
C ILE A 98 -6.36 -16.79 5.35
N ARG A 99 -7.48 -17.11 4.71
CA ARG A 99 -8.41 -18.10 5.21
C ARG A 99 -9.02 -18.82 4.03
N GLY A 100 -9.70 -19.92 4.35
CA GLY A 100 -10.24 -20.78 3.32
C GLY A 100 -11.21 -20.04 2.43
N PHE A 101 -11.48 -20.63 1.29
CA PHE A 101 -12.45 -20.03 0.40
C PHE A 101 -13.80 -20.08 1.08
N PRO A 102 -14.45 -18.95 1.29
CA PRO A 102 -15.54 -18.91 2.27
C PRO A 102 -16.78 -19.66 1.85
N ARG A 103 -17.04 -19.73 0.55
CA ARG A 103 -18.37 -20.01 0.02
C ARG A 103 -18.34 -21.22 -0.91
N CYS A 104 -18.44 -22.39 -0.32
CA CYS A 104 -18.26 -23.64 -1.01
C CYS A 104 -19.57 -24.42 -1.07
N ARG A 105 -19.54 -25.46 -1.87
CA ARG A 105 -20.63 -26.40 -2.05
C ARG A 105 -20.17 -27.84 -1.89
N TYR A 106 -18.96 -28.15 -2.33
CA TYR A 106 -18.39 -29.49 -2.19
C TYR A 106 -16.91 -29.33 -1.86
N VAL A 107 -16.58 -29.44 -0.57
CA VAL A 107 -15.21 -29.32 -0.11
C VAL A 107 -14.53 -30.65 -0.35
N HIS A 108 -13.68 -30.69 -1.36
CA HIS A 108 -12.88 -31.89 -1.66
C HIS A 108 -11.60 -31.85 -0.84
N LYS A 109 -11.77 -32.01 0.46
CA LYS A 109 -10.61 -32.11 1.34
C LYS A 109 -9.87 -33.40 1.07
N VAL A 110 -8.56 -33.36 1.27
CA VAL A 110 -7.68 -34.46 0.91
C VAL A 110 -6.55 -34.55 1.93
N SER A 111 -6.04 -35.76 2.10
CA SER A 111 -4.68 -35.97 2.56
C SER A 111 -4.03 -36.99 1.65
N GLY A 112 -2.78 -37.28 1.94
CA GLY A 112 -2.00 -38.18 1.12
C GLY A 112 -0.55 -37.77 1.16
N THR A 113 0.24 -38.39 0.29
CA THR A 113 1.66 -38.08 0.20
C THR A 113 2.11 -38.18 -1.25
N GLY A 114 3.41 -38.00 -1.44
CA GLY A 114 4.04 -38.14 -2.74
C GLY A 114 5.26 -37.24 -2.81
N PRO A 115 6.15 -37.50 -3.75
CA PRO A 115 7.33 -36.66 -3.88
C PRO A 115 6.97 -35.27 -4.34
N CYS A 116 7.09 -34.31 -3.43
CA CYS A 116 6.76 -32.92 -3.74
C CYS A 116 8.03 -32.21 -4.16
N ALA A 117 8.48 -32.59 -5.36
CA ALA A 117 9.71 -32.05 -5.91
C ALA A 117 9.48 -30.60 -6.29
N GLY A 118 9.69 -29.73 -5.33
CA GLY A 118 9.43 -28.31 -5.49
C GLY A 118 8.78 -27.80 -4.25
N ASP A 119 9.35 -26.76 -3.66
CA ASP A 119 8.88 -26.25 -2.39
C ASP A 119 7.63 -25.41 -2.51
N PHE A 120 7.05 -25.31 -3.69
CA PHE A 120 5.80 -24.61 -3.88
C PHE A 120 4.99 -25.31 -4.95
N ALA A 121 3.70 -25.00 -4.95
CA ALA A 121 2.70 -25.74 -5.70
C ALA A 121 1.95 -24.80 -6.62
N PHE A 122 2.51 -24.60 -7.81
CA PHE A 122 1.91 -23.70 -8.77
C PHE A 122 0.81 -24.41 -9.56
N HIS A 123 0.00 -23.61 -10.20
CA HIS A 123 -0.84 -24.10 -11.27
C HIS A 123 -0.02 -24.24 -12.54
N LYS A 124 -0.47 -25.13 -13.40
CA LYS A 124 0.29 -25.51 -14.58
C LYS A 124 0.14 -24.51 -15.69
N GLU A 125 -1.10 -24.14 -16.00
CA GLU A 125 -1.36 -23.10 -16.98
C GLU A 125 -1.09 -21.70 -16.43
N GLY A 126 -0.95 -21.58 -15.12
CA GLY A 126 -0.66 -20.28 -14.53
C GLY A 126 -1.93 -19.63 -14.05
N ALA A 127 -2.81 -20.44 -13.48
CA ALA A 127 -4.03 -19.96 -12.86
C ALA A 127 -3.73 -19.49 -11.45
N PHE A 128 -4.78 -19.32 -10.66
CA PHE A 128 -4.69 -18.88 -9.29
C PHE A 128 -5.20 -19.94 -8.34
N PHE A 129 -5.19 -19.58 -7.07
CA PHE A 129 -5.64 -20.42 -5.98
C PHE A 129 -6.37 -19.50 -5.02
N LEU A 130 -7.69 -19.53 -5.09
CA LEU A 130 -8.50 -18.41 -4.66
C LEU A 130 -8.98 -18.63 -3.24
N TYR A 131 -8.40 -17.88 -2.32
CA TYR A 131 -8.76 -17.90 -0.92
C TYR A 131 -9.79 -16.80 -0.65
N ASP A 132 -10.02 -16.51 0.63
CA ASP A 132 -10.97 -15.48 1.01
C ASP A 132 -10.52 -14.13 0.47
N ARG A 133 -11.21 -13.68 -0.58
CA ARG A 133 -10.96 -12.40 -1.22
C ARG A 133 -9.53 -12.26 -1.73
N LEU A 134 -8.82 -13.37 -1.86
CA LEU A 134 -7.41 -13.34 -2.21
C LEU A 134 -7.06 -14.51 -3.11
N ALA A 135 -6.07 -14.27 -3.95
CA ALA A 135 -5.52 -15.26 -4.83
C ALA A 135 -4.05 -15.41 -4.55
N SER A 136 -3.50 -16.48 -5.09
CA SER A 136 -2.10 -16.78 -4.97
C SER A 136 -1.60 -17.38 -6.26
N THR A 137 -0.30 -17.39 -6.38
CA THR A 137 0.36 -18.18 -7.40
C THR A 137 0.43 -19.64 -7.03
N VAL A 138 0.19 -19.97 -5.76
CA VAL A 138 0.51 -21.26 -5.20
C VAL A 138 -0.61 -21.68 -4.26
N ILE A 139 -0.41 -22.83 -3.64
CA ILE A 139 -1.30 -23.34 -2.60
C ILE A 139 -0.58 -23.20 -1.27
N TYR A 140 -1.37 -23.10 -0.21
CA TYR A 140 -0.90 -23.11 1.15
C TYR A 140 -1.37 -24.36 1.88
N ARG A 141 -0.59 -24.77 2.86
CA ARG A 141 -0.87 -26.00 3.58
C ARG A 141 -2.14 -25.86 4.39
N GLY A 142 -3.05 -26.82 4.21
CA GLY A 142 -4.20 -26.94 5.07
C GLY A 142 -5.15 -25.78 4.99
N THR A 143 -5.67 -25.51 3.79
CA THR A 143 -6.57 -24.39 3.63
C THR A 143 -7.41 -24.58 2.38
N THR A 144 -8.71 -24.33 2.53
CA THR A 144 -9.62 -24.40 1.41
C THR A 144 -9.24 -23.35 0.38
N PHE A 145 -9.57 -23.62 -0.88
CA PHE A 145 -9.40 -22.64 -1.93
C PHE A 145 -10.25 -23.03 -3.12
N ALA A 146 -10.01 -22.37 -4.24
CA ALA A 146 -10.61 -22.73 -5.49
C ALA A 146 -9.73 -22.24 -6.62
N GLU A 147 -9.93 -22.83 -7.78
CA GLU A 147 -9.24 -22.40 -8.99
C GLU A 147 -10.06 -21.37 -9.71
N GLY A 148 -9.37 -20.41 -10.30
CA GLY A 148 -10.06 -19.32 -10.94
C GLY A 148 -9.07 -18.29 -11.46
N VAL A 149 -9.64 -17.20 -11.95
CA VAL A 149 -8.90 -16.12 -12.55
C VAL A 149 -9.51 -14.81 -12.06
N VAL A 150 -9.02 -13.71 -12.62
CA VAL A 150 -9.38 -12.38 -12.18
C VAL A 150 -9.58 -11.48 -13.39
N ALA A 151 -10.48 -10.52 -13.24
CA ALA A 151 -10.56 -9.39 -14.13
C ALA A 151 -10.80 -8.13 -13.32
N PHE A 152 -10.55 -7.02 -13.98
CA PHE A 152 -10.71 -5.69 -13.42
C PHE A 152 -11.76 -4.95 -14.22
N LEU A 153 -12.56 -4.15 -13.55
CA LEU A 153 -13.74 -3.59 -14.18
C LEU A 153 -14.11 -2.25 -13.62
N ILE A 154 -14.81 -1.50 -14.45
CA ILE A 154 -15.50 -0.29 -14.09
C ILE A 154 -16.99 -0.57 -14.16
N LEU A 155 -17.74 0.12 -13.33
CA LEU A 155 -19.19 0.10 -13.37
C LEU A 155 -19.73 1.52 -13.48
N PRO A 156 -20.94 1.69 -13.98
CA PRO A 156 -21.59 3.00 -13.95
C PRO A 156 -22.16 3.29 -12.57
N GLN A 157 -22.70 4.49 -12.45
CA GLN A 157 -23.20 5.01 -11.19
C GLN A 157 -24.72 4.80 -11.10
N ALA A 158 -25.12 3.54 -11.10
CA ALA A 158 -26.51 3.17 -10.86
C ALA A 158 -26.70 2.25 -9.67
N LYS A 159 -25.99 1.12 -9.64
CA LYS A 159 -26.26 0.04 -8.69
C LYS A 159 -24.96 -0.69 -8.40
N LYS A 160 -25.06 -1.82 -7.71
CA LYS A 160 -23.97 -2.75 -7.49
C LYS A 160 -24.24 -4.05 -8.23
N ASP A 161 -23.16 -4.71 -8.64
CA ASP A 161 -23.23 -5.92 -9.40
C ASP A 161 -22.16 -6.91 -8.93
N TYR A 182 -27.49 -22.92 1.85
CA TYR A 182 -26.06 -22.85 2.10
C TYR A 182 -25.63 -23.91 3.10
N TYR A 183 -24.85 -24.87 2.61
CA TYR A 183 -24.52 -26.07 3.37
C TYR A 183 -23.03 -26.26 3.59
N SER A 184 -22.22 -26.11 2.53
CA SER A 184 -20.78 -26.28 2.60
C SER A 184 -20.41 -27.71 3.01
N THR A 185 -20.74 -28.62 2.11
CA THR A 185 -20.40 -30.03 2.24
C THR A 185 -18.92 -30.24 2.53
N THR A 186 -18.64 -31.34 3.24
CA THR A 186 -17.29 -31.85 3.42
C THR A 186 -17.14 -33.14 2.63
N ILE A 187 -15.96 -33.33 2.05
CA ILE A 187 -15.59 -34.57 1.38
C ILE A 187 -14.12 -34.82 1.68
N ARG A 188 -13.77 -36.10 1.77
CA ARG A 188 -12.43 -36.51 2.16
C ARG A 188 -11.89 -37.53 1.19
N TYR A 189 -10.56 -37.69 1.23
CA TYR A 189 -9.86 -38.52 0.27
C TYR A 189 -8.55 -39.01 0.87
N GLN A 190 -7.91 -39.91 0.15
CA GLN A 190 -6.51 -40.24 0.36
C GLN A 190 -5.89 -40.52 -1.00
N ALA A 191 -4.57 -40.43 -1.04
CA ALA A 191 -3.90 -40.59 -2.32
C ALA A 191 -2.40 -40.61 -2.13
N THR A 192 -1.72 -41.07 -3.18
CA THR A 192 -0.26 -41.14 -3.21
C THR A 192 0.20 -40.78 -4.61
N GLY A 193 1.51 -40.80 -4.81
CA GLY A 193 2.10 -40.47 -6.10
C GLY A 193 2.10 -38.97 -6.29
N PHE A 194 0.91 -38.41 -6.50
CA PHE A 194 0.63 -37.01 -6.23
C PHE A 194 1.51 -36.10 -7.09
N GLY A 195 1.22 -36.14 -8.38
CA GLY A 195 1.97 -35.39 -9.37
C GLY A 195 2.63 -36.37 -10.33
N THR A 196 1.94 -37.48 -10.55
CA THR A 196 2.52 -38.63 -11.22
C THR A 196 1.46 -39.29 -12.08
N ASN A 197 1.95 -39.97 -13.11
CA ASN A 197 1.14 -40.95 -13.82
C ASN A 197 0.87 -42.19 -12.99
N GLU A 198 1.52 -42.33 -11.83
CA GLU A 198 1.25 -43.39 -10.87
C GLU A 198 0.37 -42.93 -9.72
N THR A 199 -0.21 -41.73 -9.81
CA THR A 199 -0.97 -41.20 -8.68
C THR A 199 -2.18 -42.08 -8.39
N GLU A 200 -2.37 -42.38 -7.11
CA GLU A 200 -3.48 -43.16 -6.63
C GLU A 200 -4.49 -42.27 -5.94
N TYR A 201 -5.67 -42.84 -5.67
CA TYR A 201 -6.75 -42.10 -5.06
C TYR A 201 -7.64 -43.03 -4.28
N LEU A 202 -8.27 -42.48 -3.25
CA LEU A 202 -9.27 -43.21 -2.49
C LEU A 202 -10.30 -42.25 -1.95
N PHE A 203 -11.47 -42.80 -1.68
CA PHE A 203 -12.60 -42.04 -1.17
C PHE A 203 -13.04 -42.59 0.17
N GLU A 204 -13.34 -41.69 1.09
CA GLU A 204 -13.70 -42.05 2.45
C GLU A 204 -15.20 -42.08 2.63
N VAL A 205 -15.64 -43.11 3.33
CA VAL A 205 -16.94 -43.13 4.00
C VAL A 205 -16.78 -43.35 5.49
N ASP A 206 -15.84 -44.18 5.88
CA ASP A 206 -15.65 -44.64 7.24
C ASP A 206 -14.18 -44.57 7.57
N ASN A 207 -13.85 -45.06 8.76
CA ASN A 207 -12.47 -45.28 9.16
C ASN A 207 -11.76 -46.16 8.13
N LEU A 208 -12.39 -47.28 7.77
CA LEU A 208 -11.75 -48.35 7.02
C LEU A 208 -12.24 -48.47 5.60
N THR A 209 -13.52 -48.21 5.40
CA THR A 209 -14.11 -48.47 4.11
C THR A 209 -13.68 -47.38 3.15
N TYR A 210 -13.01 -47.77 2.08
CA TYR A 210 -12.60 -46.87 1.03
C TYR A 210 -12.91 -47.54 -0.30
N VAL A 211 -12.44 -46.93 -1.38
CA VAL A 211 -12.67 -47.49 -2.70
C VAL A 211 -11.67 -46.86 -3.66
N GLN A 212 -11.24 -47.65 -4.63
CA GLN A 212 -10.48 -47.11 -5.73
C GLN A 212 -11.34 -46.15 -6.52
N LEU A 213 -10.77 -45.00 -6.84
CA LEU A 213 -11.53 -43.89 -7.39
C LEU A 213 -11.49 -43.90 -8.91
N GLU A 214 -12.51 -43.28 -9.51
CA GLU A 214 -12.58 -43.05 -10.94
C GLU A 214 -12.97 -41.61 -11.21
N SER A 215 -12.54 -41.12 -12.36
CA SER A 215 -12.90 -39.78 -12.79
C SER A 215 -14.40 -39.66 -13.04
N ARG A 216 -15.09 -40.77 -13.27
CA ARG A 216 -16.52 -40.72 -13.47
C ARG A 216 -17.23 -40.15 -12.26
N PHE A 217 -16.77 -40.54 -11.07
CA PHE A 217 -17.54 -40.33 -9.86
C PHE A 217 -17.65 -38.85 -9.54
N THR A 218 -18.87 -38.41 -9.39
CA THR A 218 -19.19 -37.03 -9.05
C THR A 218 -19.37 -36.90 -7.56
N PRO A 219 -19.43 -35.67 -7.05
CA PRO A 219 -19.77 -35.49 -5.64
C PRO A 219 -21.13 -36.06 -5.32
N GLN A 220 -22.06 -35.98 -6.25
CA GLN A 220 -23.42 -36.43 -6.00
C GLN A 220 -23.46 -37.94 -5.91
N PHE A 221 -22.70 -38.59 -6.78
CA PHE A 221 -22.70 -40.05 -6.82
C PHE A 221 -22.08 -40.61 -5.56
N LEU A 222 -20.99 -40.01 -5.12
CA LEU A 222 -20.34 -40.47 -3.91
C LEU A 222 -21.17 -40.13 -2.69
N LEU A 223 -21.85 -39.00 -2.74
CA LEU A 223 -22.77 -38.63 -1.68
C LEU A 223 -23.90 -39.66 -1.58
N GLN A 224 -24.35 -40.15 -2.73
CA GLN A 224 -25.31 -41.24 -2.76
C GLN A 224 -24.72 -42.48 -2.13
N LEU A 225 -23.46 -42.75 -2.40
CA LEU A 225 -22.79 -43.90 -1.82
C LEU A 225 -22.54 -43.75 -0.34
N ASN A 226 -22.76 -42.56 0.20
CA ASN A 226 -22.91 -42.45 1.65
C ASN A 226 -24.28 -42.98 2.14
N GLU A 227 -25.04 -43.66 1.29
CA GLU A 227 -26.21 -44.43 1.71
C GLU A 227 -26.04 -45.91 1.45
N THR A 228 -25.53 -46.28 0.28
CA THR A 228 -25.45 -47.67 -0.15
C THR A 228 -24.59 -48.49 0.80
N ILE A 229 -23.30 -48.17 0.86
CA ILE A 229 -22.40 -48.90 1.75
C ILE A 229 -22.49 -48.35 3.16
N TYR A 230 -23.01 -47.15 3.33
CA TYR A 230 -23.41 -46.67 4.64
C TYR A 230 -24.39 -47.63 5.29
N ALA A 231 -25.24 -48.27 4.49
CA ALA A 231 -26.05 -49.38 4.94
C ALA A 231 -25.24 -50.67 4.97
N SER A 232 -24.60 -51.02 3.86
CA SER A 232 -23.88 -52.28 3.76
C SER A 232 -22.51 -52.27 4.41
N GLY A 233 -22.10 -51.18 5.04
CA GLY A 233 -20.83 -51.13 5.75
C GLY A 233 -19.62 -51.39 4.87
N PRO B 8 -16.42 -24.04 -26.58
CA PRO B 8 -16.29 -24.39 -25.17
C PRO B 8 -17.58 -24.24 -24.39
N LYS B 9 -17.54 -24.60 -23.13
CA LYS B 9 -18.67 -24.43 -22.23
C LYS B 9 -18.59 -23.08 -21.55
N CYS B 10 -19.74 -22.55 -21.20
CA CYS B 10 -19.83 -21.24 -20.55
C CYS B 10 -21.17 -21.15 -19.85
N ASN B 11 -21.15 -20.80 -18.58
CA ASN B 11 -22.40 -20.63 -17.85
C ASN B 11 -22.90 -19.21 -18.01
N PRO B 12 -23.91 -18.95 -18.83
CA PRO B 12 -24.41 -17.58 -18.95
C PRO B 12 -24.98 -17.05 -17.65
N ASN B 13 -25.48 -17.92 -16.79
CA ASN B 13 -25.96 -17.47 -15.50
C ASN B 13 -24.79 -17.17 -14.60
N LEU B 14 -25.08 -16.43 -13.54
CA LEU B 14 -24.05 -16.11 -12.57
C LEU B 14 -24.66 -15.83 -11.22
N HIS B 15 -23.91 -16.17 -10.20
CA HIS B 15 -24.29 -16.03 -8.81
C HIS B 15 -23.01 -15.72 -8.06
N PHE B 16 -23.02 -14.66 -7.25
CA PHE B 16 -21.80 -14.13 -6.68
C PHE B 16 -22.00 -13.79 -5.21
N TRP B 17 -20.91 -13.34 -4.58
CA TRP B 17 -20.80 -13.24 -3.13
C TRP B 17 -20.20 -11.91 -2.68
N THR B 18 -20.69 -10.80 -3.21
CA THR B 18 -20.08 -9.53 -2.85
C THR B 18 -20.29 -9.21 -1.38
N THR B 19 -19.72 -8.09 -0.97
CA THR B 19 -19.33 -7.85 0.42
C THR B 19 -20.27 -6.97 1.21
N GLN B 20 -20.97 -6.04 0.56
CA GLN B 20 -21.47 -4.83 1.20
C GLN B 20 -20.29 -4.03 1.76
N ASP B 21 -19.41 -3.61 0.85
CA ASP B 21 -18.47 -2.56 1.18
C ASP B 21 -19.22 -1.30 1.56
N GLU B 22 -20.28 -1.01 0.83
CA GLU B 22 -21.24 0.01 1.17
C GLU B 22 -22.61 -0.54 0.78
N GLY B 23 -23.61 0.32 0.77
CA GLY B 23 -24.99 -0.10 0.77
C GLY B 23 -25.56 0.47 2.04
N ALA B 24 -24.77 0.39 3.10
CA ALA B 24 -24.96 1.18 4.30
C ALA B 24 -26.31 0.90 4.96
N ALA B 25 -26.84 -0.30 4.76
CA ALA B 25 -28.04 -0.75 5.46
C ALA B 25 -27.62 -1.23 6.85
N ILE B 26 -27.29 -0.25 7.70
CA ILE B 26 -26.52 -0.51 8.91
C ILE B 26 -27.24 0.07 10.10
N GLY B 27 -27.30 -0.72 11.17
CA GLY B 27 -27.71 -0.26 12.47
C GLY B 27 -26.50 -0.08 13.35
N LEU B 28 -26.35 -0.94 14.35
CA LEU B 28 -25.20 -0.92 15.24
C LEU B 28 -24.32 -2.14 15.08
N ALA B 29 -24.73 -3.12 14.28
CA ALA B 29 -23.96 -4.34 14.12
C ALA B 29 -22.63 -4.12 13.45
N TRP B 30 -22.36 -2.90 12.95
CA TRP B 30 -21.05 -2.57 12.44
C TRP B 30 -19.96 -2.80 13.46
N ILE B 31 -20.30 -2.70 14.74
CA ILE B 31 -19.30 -2.94 15.77
C ILE B 31 -18.82 -4.38 15.67
N PRO B 32 -17.57 -4.67 15.93
CA PRO B 32 -17.13 -6.07 15.89
C PRO B 32 -17.73 -6.91 17.00
N TYR B 33 -17.59 -6.42 18.23
CA TYR B 33 -17.83 -7.25 19.41
C TYR B 33 -19.23 -7.84 19.42
N PHE B 34 -20.17 -7.14 18.83
CA PHE B 34 -21.54 -7.62 18.70
C PHE B 34 -21.87 -8.06 17.29
N GLY B 35 -20.89 -8.08 16.40
CA GLY B 35 -21.13 -8.39 15.02
C GLY B 35 -20.91 -9.85 14.72
N PRO B 36 -21.23 -10.26 13.51
CA PRO B 36 -20.90 -11.62 13.09
C PRO B 36 -19.40 -11.80 12.97
N ALA B 37 -19.00 -13.05 12.77
CA ALA B 37 -17.58 -13.38 12.82
C ALA B 37 -16.91 -13.08 11.48
N ALA B 38 -17.27 -13.84 10.46
CA ALA B 38 -16.80 -13.60 9.10
C ALA B 38 -17.87 -13.92 8.07
N GLU B 39 -19.07 -14.29 8.48
CA GLU B 39 -20.06 -14.86 7.59
C GLU B 39 -21.40 -14.21 7.88
N GLY B 40 -22.33 -14.41 6.96
CA GLY B 40 -23.52 -13.58 6.95
C GLY B 40 -23.22 -12.13 6.64
N ILE B 41 -22.02 -11.86 6.10
CA ILE B 41 -21.58 -10.51 5.82
C ILE B 41 -21.49 -10.25 4.33
N TYR B 42 -21.25 -11.28 3.54
CA TYR B 42 -21.14 -11.15 2.10
C TYR B 42 -22.52 -11.27 1.49
N THR B 43 -22.95 -10.19 0.83
CA THR B 43 -24.15 -10.25 0.04
C THR B 43 -24.00 -11.31 -1.04
N GLU B 44 -25.12 -11.93 -1.39
CA GLU B 44 -25.15 -13.04 -2.33
C GLU B 44 -26.13 -12.66 -3.43
N GLY B 45 -25.61 -11.94 -4.41
CA GLY B 45 -26.43 -11.45 -5.49
C GLY B 45 -26.41 -12.41 -6.66
N LEU B 46 -27.54 -12.47 -7.33
CA LEU B 46 -27.74 -13.32 -8.50
C LEU B 46 -27.67 -12.48 -9.75
N MET B 47 -27.60 -13.16 -10.89
CA MET B 47 -27.55 -12.44 -12.16
C MET B 47 -28.09 -13.31 -13.30
N HIS B 48 -28.89 -12.69 -14.17
CA HIS B 48 -29.45 -13.33 -15.34
C HIS B 48 -29.46 -12.41 -16.54
N ASN B 49 -28.50 -11.51 -16.62
CA ASN B 49 -28.46 -10.52 -17.69
C ASN B 49 -27.93 -11.18 -18.96
N GLN B 50 -27.51 -10.35 -19.93
CA GLN B 50 -26.99 -10.80 -21.21
C GLN B 50 -26.05 -11.98 -21.05
N ASP B 51 -26.26 -12.98 -21.89
CA ASP B 51 -25.62 -14.27 -21.73
C ASP B 51 -24.18 -14.22 -22.21
N GLY B 52 -23.98 -13.82 -23.47
CA GLY B 52 -22.65 -13.72 -24.01
C GLY B 52 -21.78 -12.69 -23.31
N LEU B 53 -22.41 -11.76 -22.59
CA LEU B 53 -21.68 -10.80 -21.78
C LEU B 53 -20.68 -11.49 -20.87
N ILE B 54 -21.17 -12.40 -20.04
CA ILE B 54 -20.32 -13.03 -19.05
C ILE B 54 -19.38 -14.01 -19.71
N CYS B 55 -19.75 -14.55 -20.86
CA CYS B 55 -18.80 -15.42 -21.55
C CYS B 55 -17.60 -14.60 -22.01
N GLY B 56 -17.86 -13.45 -22.61
CA GLY B 56 -16.79 -12.54 -22.93
C GLY B 56 -16.04 -12.09 -21.70
N LEU B 57 -16.73 -12.03 -20.57
CA LEU B 57 -16.09 -11.62 -19.34
C LEU B 57 -15.10 -12.67 -18.86
N ARG B 58 -15.54 -13.91 -18.80
CA ARG B 58 -14.66 -14.99 -18.42
C ARG B 58 -13.46 -15.04 -19.35
N GLN B 59 -13.74 -14.87 -20.64
CA GLN B 59 -12.68 -14.76 -21.63
C GLN B 59 -11.71 -13.67 -21.25
N LEU B 60 -12.26 -12.52 -20.85
CA LEU B 60 -11.44 -11.37 -20.57
C LEU B 60 -10.50 -11.64 -19.43
N ALA B 61 -11.01 -12.30 -18.40
CA ALA B 61 -10.18 -12.60 -17.24
C ALA B 61 -9.07 -13.56 -17.62
N ASN B 62 -9.43 -14.57 -18.39
CA ASN B 62 -8.46 -15.56 -18.81
C ASN B 62 -7.36 -14.91 -19.61
N GLU B 63 -7.69 -13.86 -20.35
CA GLU B 63 -6.67 -13.15 -21.09
C GLU B 63 -5.84 -12.27 -20.18
N THR B 64 -6.51 -11.65 -19.21
CA THR B 64 -5.86 -10.69 -18.33
C THR B 64 -4.79 -11.36 -17.47
N THR B 65 -4.98 -12.64 -17.21
CA THR B 65 -4.08 -13.43 -16.38
C THR B 65 -2.62 -13.20 -16.74
N GLN B 66 -2.34 -13.06 -18.02
CA GLN B 66 -0.95 -13.01 -18.49
C GLN B 66 -0.24 -11.81 -17.90
N ALA B 67 -0.73 -10.63 -18.26
CA ALA B 67 -0.13 -9.40 -17.77
C ALA B 67 -0.19 -9.34 -16.26
N LEU B 68 -1.20 -9.98 -15.68
CA LEU B 68 -1.31 -9.96 -14.24
C LEU B 68 -0.15 -10.68 -13.59
N GLN B 69 0.17 -11.87 -14.11
CA GLN B 69 1.30 -12.61 -13.58
C GLN B 69 2.59 -11.87 -13.84
N LEU B 70 2.68 -11.22 -14.99
CA LEU B 70 3.90 -10.49 -15.28
C LEU B 70 4.08 -9.37 -14.28
N PHE B 71 2.98 -8.75 -13.89
CA PHE B 71 3.04 -7.66 -12.94
C PHE B 71 3.53 -8.16 -11.60
N LEU B 72 2.89 -9.21 -11.10
CA LEU B 72 3.26 -9.72 -9.77
C LEU B 72 4.67 -10.24 -9.78
N ARG B 73 5.04 -10.89 -10.87
CA ARG B 73 6.41 -11.32 -11.08
C ARG B 73 7.35 -10.13 -11.05
N ALA B 74 6.88 -8.98 -11.51
CA ALA B 74 7.69 -7.81 -11.70
C ALA B 74 7.72 -6.91 -10.48
N THR B 75 7.47 -7.45 -9.29
CA THR B 75 7.66 -6.70 -8.07
C THR B 75 8.25 -7.61 -7.02
N THR B 76 8.34 -7.06 -5.82
CA THR B 76 8.72 -7.79 -4.62
C THR B 76 7.62 -7.84 -3.59
N GLU B 77 6.54 -7.08 -3.80
CA GLU B 77 5.42 -7.11 -2.88
C GLU B 77 4.89 -8.53 -2.75
N LEU B 78 4.46 -8.85 -1.54
CA LEU B 78 3.68 -10.06 -1.36
C LEU B 78 2.22 -9.80 -1.67
N ARG B 79 1.60 -8.96 -0.86
CA ARG B 79 0.16 -8.79 -0.83
C ARG B 79 -0.15 -7.47 -1.49
N THR B 80 -0.34 -7.53 -2.80
CA THR B 80 -0.72 -6.36 -3.55
C THR B 80 -2.09 -5.87 -3.12
N PHE B 81 -2.23 -4.56 -3.07
CA PHE B 81 -3.52 -3.93 -2.87
C PHE B 81 -3.67 -2.65 -3.68
N SER B 82 -2.70 -2.30 -4.51
CA SER B 82 -2.54 -0.96 -5.04
C SER B 82 -2.87 -0.88 -6.52
N ILE B 83 -3.55 -1.88 -7.05
CA ILE B 83 -3.76 -1.94 -8.49
C ILE B 83 -4.72 -0.86 -8.92
N LEU B 84 -5.94 -0.91 -8.40
CA LEU B 84 -7.01 -0.10 -8.94
C LEU B 84 -6.73 1.36 -8.78
N ASN B 85 -6.07 1.73 -7.68
CA ASN B 85 -5.65 3.10 -7.50
C ASN B 85 -4.69 3.50 -8.61
N ARG B 86 -3.76 2.62 -8.94
CA ARG B 86 -2.82 2.88 -10.01
C ARG B 86 -3.54 3.03 -11.33
N LYS B 87 -4.54 2.20 -11.57
CA LYS B 87 -5.28 2.27 -12.83
C LYS B 87 -6.03 3.59 -12.92
N ALA B 88 -6.58 4.02 -11.80
CA ALA B 88 -7.34 5.25 -11.77
C ALA B 88 -6.46 6.42 -12.12
N ILE B 89 -5.31 6.50 -11.45
CA ILE B 89 -4.41 7.63 -11.68
C ILE B 89 -3.84 7.57 -13.09
N ASP B 90 -3.66 6.36 -13.62
CA ASP B 90 -3.25 6.22 -15.00
C ASP B 90 -4.30 6.82 -15.92
N PHE B 91 -5.57 6.54 -15.63
CA PHE B 91 -6.63 7.09 -16.46
C PHE B 91 -6.66 8.60 -16.37
N LEU B 92 -6.37 9.13 -15.18
CA LEU B 92 -6.33 10.58 -15.01
C LEU B 92 -5.27 11.20 -15.90
N LEU B 93 -4.06 10.66 -15.84
CA LEU B 93 -3.00 11.15 -16.70
C LEU B 93 -3.37 11.00 -18.17
N GLN B 94 -3.95 9.87 -18.51
CA GLN B 94 -4.38 9.61 -19.88
C GLN B 94 -5.42 10.60 -20.34
N ARG B 95 -6.12 11.24 -19.40
CA ARG B 95 -7.01 12.33 -19.69
C ARG B 95 -6.44 13.68 -19.26
N TRP B 96 -5.42 13.70 -18.41
CA TRP B 96 -4.86 14.94 -17.91
C TRP B 96 -3.38 14.78 -17.63
N ASP C 1 15.17 -12.30 -28.03
CA ASP C 1 16.42 -12.54 -27.29
C ASP C 1 16.93 -13.95 -27.57
N ILE C 2 16.00 -14.87 -27.77
CA ILE C 2 16.34 -16.27 -28.03
C ILE C 2 16.44 -16.47 -29.54
N VAL C 3 17.28 -17.41 -29.93
CA VAL C 3 17.53 -17.73 -31.32
C VAL C 3 17.49 -19.24 -31.46
N LEU C 4 17.03 -19.69 -32.62
CA LEU C 4 16.92 -21.09 -32.95
C LEU C 4 18.07 -21.53 -33.83
N THR C 5 18.11 -22.82 -34.12
CA THR C 5 19.03 -23.37 -35.10
C THR C 5 18.36 -24.57 -35.74
N GLN C 6 17.79 -24.36 -36.91
CA GLN C 6 17.40 -25.50 -37.73
C GLN C 6 18.66 -26.26 -38.12
N SER C 7 18.53 -27.57 -38.16
CA SER C 7 19.62 -28.37 -38.68
C SER C 7 19.09 -29.74 -39.07
N PRO C 8 19.37 -30.24 -40.27
CA PRO C 8 20.20 -29.69 -41.36
C PRO C 8 19.54 -28.52 -42.04
N SER C 9 20.32 -27.85 -42.89
CA SER C 9 19.79 -26.73 -43.65
C SER C 9 18.69 -27.19 -44.60
N THR C 10 18.84 -28.38 -45.16
CA THR C 10 17.88 -28.89 -46.11
C THR C 10 18.08 -30.40 -46.22
N LEU C 11 17.47 -30.97 -47.26
CA LEU C 11 17.77 -32.34 -47.62
C LEU C 11 17.36 -32.58 -49.07
N SER C 12 18.10 -33.50 -49.69
CA SER C 12 17.84 -33.97 -51.04
C SER C 12 17.72 -35.49 -50.94
N ALA C 13 16.51 -35.97 -50.75
CA ALA C 13 16.27 -37.38 -50.51
C ALA C 13 15.02 -37.81 -51.23
N SER C 14 14.79 -39.12 -51.23
CA SER C 14 13.79 -39.74 -52.08
C SER C 14 12.70 -40.39 -51.25
N VAL C 15 11.66 -40.82 -51.95
CA VAL C 15 10.44 -41.31 -51.33
C VAL C 15 10.74 -42.60 -50.58
N GLY C 16 9.93 -42.85 -49.54
CA GLY C 16 10.03 -44.05 -48.76
C GLY C 16 11.04 -43.98 -47.66
N ASP C 17 12.08 -43.16 -47.82
CA ASP C 17 13.07 -42.95 -46.78
C ASP C 17 12.40 -42.41 -45.53
N ARG C 18 13.13 -42.52 -44.42
CA ARG C 18 12.77 -41.85 -43.18
C ARG C 18 13.80 -40.77 -42.90
N VAL C 19 13.31 -39.66 -42.37
CA VAL C 19 14.13 -38.49 -42.11
C VAL C 19 13.76 -37.91 -40.77
N THR C 20 14.77 -37.48 -40.05
CA THR C 20 14.61 -36.67 -38.87
C THR C 20 15.24 -35.31 -39.14
N ILE C 21 14.66 -34.28 -38.53
CA ILE C 21 15.25 -32.96 -38.54
C ILE C 21 15.37 -32.49 -37.11
N THR C 22 16.45 -31.78 -36.84
CA THR C 22 16.74 -31.22 -35.54
C THR C 22 16.40 -29.75 -35.52
N CYS C 23 16.27 -29.22 -34.32
CA CYS C 23 16.01 -27.81 -34.14
C CYS C 23 16.45 -27.44 -32.74
N ARG C 24 17.49 -26.62 -32.65
CA ARG C 24 18.07 -26.21 -31.39
C ARG C 24 17.72 -24.77 -31.08
N ALA C 25 18.04 -24.39 -29.85
CA ALA C 25 17.82 -23.03 -29.39
C ALA C 25 18.95 -22.62 -28.46
N SER C 26 18.98 -21.32 -28.19
CA SER C 26 19.97 -20.76 -27.28
C SER C 26 19.58 -20.90 -25.82
N GLN C 27 18.35 -21.32 -25.52
CA GLN C 27 17.89 -21.39 -24.14
C GLN C 27 16.88 -22.51 -24.01
N SER C 28 16.77 -23.01 -22.79
CA SER C 28 15.94 -24.19 -22.55
C SER C 28 14.48 -23.85 -22.69
N ILE C 29 13.73 -24.80 -23.24
CA ILE C 29 12.32 -24.63 -23.52
C ILE C 29 11.63 -25.95 -23.21
N SER C 30 10.39 -25.85 -22.80
CA SER C 30 9.54 -27.00 -22.55
C SER C 30 9.01 -27.54 -23.86
N SER C 31 7.95 -28.34 -23.78
CA SER C 31 7.23 -28.79 -24.97
C SER C 31 6.31 -27.70 -25.51
N TRP C 32 6.91 -26.57 -25.85
CA TRP C 32 6.20 -25.41 -26.39
C TRP C 32 6.77 -25.05 -27.72
N LEU C 33 6.85 -26.03 -28.61
CA LEU C 33 7.38 -25.83 -29.94
C LEU C 33 6.40 -26.33 -30.97
N ALA C 34 6.59 -25.85 -32.19
CA ALA C 34 5.71 -26.15 -33.31
C ALA C 34 6.52 -26.41 -34.56
N TRP C 35 5.81 -26.82 -35.60
CA TRP C 35 6.38 -27.14 -36.89
C TRP C 35 5.39 -26.76 -37.97
N TYR C 36 5.90 -26.52 -39.17
CA TYR C 36 5.07 -26.05 -40.27
C TYR C 36 5.58 -26.60 -41.58
N GLN C 37 4.80 -26.33 -42.62
CA GLN C 37 5.23 -26.55 -43.99
C GLN C 37 4.68 -25.45 -44.86
N GLN C 38 5.38 -25.23 -45.98
CA GLN C 38 4.94 -24.31 -47.02
C GLN C 38 5.83 -24.56 -48.23
N LYS C 39 5.31 -24.20 -49.39
CA LYS C 39 6.00 -24.43 -50.65
C LYS C 39 6.24 -23.10 -51.37
N PRO C 40 7.05 -23.10 -52.43
CA PRO C 40 7.42 -21.82 -53.04
C PRO C 40 6.23 -21.13 -53.69
N GLY C 41 5.42 -20.51 -52.84
CA GLY C 41 4.29 -19.72 -53.28
C GLY C 41 3.09 -19.99 -52.40
N GLU C 42 3.05 -21.16 -51.78
CA GLU C 42 1.89 -21.57 -51.02
C GLU C 42 1.85 -20.92 -49.66
N ALA C 43 0.65 -20.70 -49.18
CA ALA C 43 0.47 -20.29 -47.80
C ALA C 43 0.81 -21.47 -46.89
N PRO C 44 1.44 -21.23 -45.75
CA PRO C 44 1.88 -22.39 -44.94
C PRO C 44 0.79 -23.19 -44.28
N LYS C 45 1.24 -24.17 -43.49
CA LYS C 45 0.34 -25.07 -42.78
C LYS C 45 1.01 -25.50 -41.49
N LEU C 46 0.17 -25.77 -40.50
CA LEU C 46 0.63 -26.25 -39.22
C LEU C 46 0.73 -27.75 -39.21
N LEU C 47 1.68 -28.25 -38.42
CA LEU C 47 1.95 -29.67 -38.34
C LEU C 47 1.85 -30.21 -36.92
N ILE C 48 2.56 -29.61 -35.96
CA ILE C 48 2.54 -30.06 -34.58
C ILE C 48 2.44 -28.85 -33.67
N SER C 49 1.73 -29.03 -32.57
CA SER C 49 1.69 -28.10 -31.46
C SER C 49 2.39 -28.74 -30.28
N ASP C 50 3.05 -27.90 -29.47
CA ASP C 50 3.73 -28.38 -28.26
C ASP C 50 4.93 -29.30 -28.50
N ALA C 51 5.29 -29.51 -29.76
CA ALA C 51 6.41 -30.36 -30.12
C ALA C 51 6.06 -31.83 -30.29
N SER C 52 4.86 -32.24 -29.92
CA SER C 52 4.41 -33.60 -30.19
C SER C 52 2.95 -33.72 -30.56
N SER C 53 2.12 -32.72 -30.30
CA SER C 53 0.68 -32.87 -30.50
C SER C 53 0.37 -32.68 -31.97
N LEU C 54 0.11 -33.79 -32.65
CA LEU C 54 -0.17 -33.72 -34.07
C LEU C 54 -1.47 -32.98 -34.31
N GLU C 55 -1.58 -32.41 -35.50
CA GLU C 55 -2.75 -31.69 -35.92
C GLU C 55 -3.76 -32.60 -36.58
N SER C 56 -4.94 -32.05 -36.79
CA SER C 56 -6.01 -32.75 -37.47
C SER C 56 -5.78 -32.79 -38.97
N GLY C 57 -6.24 -33.87 -39.58
CA GLY C 57 -6.15 -33.98 -41.03
C GLY C 57 -4.74 -34.13 -41.54
N VAL C 58 -3.84 -34.67 -40.73
CA VAL C 58 -2.43 -34.82 -41.10
C VAL C 58 -2.09 -36.30 -41.06
N PRO C 59 -1.21 -36.80 -41.94
CA PRO C 59 -0.74 -38.18 -41.78
C PRO C 59 -0.04 -38.40 -40.46
N SER C 60 -0.15 -39.62 -39.97
CA SER C 60 0.52 -40.00 -38.75
C SER C 60 2.02 -40.20 -38.93
N ARG C 61 2.52 -40.17 -40.16
CA ARG C 61 3.95 -40.27 -40.39
C ARG C 61 4.69 -39.13 -39.72
N PHE C 62 4.03 -37.99 -39.58
CA PHE C 62 4.64 -36.82 -39.00
C PHE C 62 4.79 -37.00 -37.51
N SER C 63 6.02 -36.88 -37.03
CA SER C 63 6.25 -37.03 -35.61
C SER C 63 7.58 -36.39 -35.23
N GLY C 64 7.61 -35.86 -34.01
CA GLY C 64 8.82 -35.23 -33.50
C GLY C 64 8.74 -35.20 -31.99
N SER C 65 9.83 -34.77 -31.39
CA SER C 65 9.91 -34.75 -29.93
C SER C 65 11.15 -33.97 -29.53
N GLY C 66 11.40 -33.94 -28.23
CA GLY C 66 12.54 -33.28 -27.64
C GLY C 66 12.13 -32.59 -26.37
N SER C 67 13.05 -31.82 -25.83
CA SER C 67 12.84 -31.04 -24.62
C SER C 67 14.05 -30.14 -24.44
N GLY C 68 13.89 -29.14 -23.59
CA GLY C 68 14.97 -28.23 -23.33
C GLY C 68 15.30 -27.41 -24.57
N THR C 69 16.40 -27.75 -25.22
CA THR C 69 16.84 -27.08 -26.44
C THR C 69 16.80 -27.99 -27.65
N GLU C 70 17.14 -29.25 -27.48
CA GLU C 70 17.16 -30.19 -28.58
C GLU C 70 15.74 -30.61 -28.91
N PHE C 71 15.39 -30.54 -30.18
CA PHE C 71 14.06 -30.92 -30.62
C PHE C 71 14.15 -31.51 -32.02
N THR C 72 13.28 -32.48 -32.26
CA THR C 72 13.40 -33.37 -33.39
C THR C 72 12.15 -33.30 -34.24
N LEU C 73 12.23 -33.92 -35.42
CA LEU C 73 11.04 -34.13 -36.22
C LEU C 73 11.29 -35.29 -37.18
N THR C 74 10.74 -36.45 -36.84
CA THR C 74 11.00 -37.68 -37.58
C THR C 74 9.79 -38.04 -38.43
N ILE C 75 10.04 -38.31 -39.70
CA ILE C 75 9.00 -38.77 -40.62
C ILE C 75 9.56 -39.91 -41.43
N SER C 76 8.91 -41.06 -41.35
CA SER C 76 9.16 -42.19 -42.23
C SER C 76 8.36 -42.02 -43.51
N SER C 77 8.71 -42.83 -44.50
CA SER C 77 7.84 -43.13 -45.64
C SER C 77 7.34 -41.86 -46.33
N LEU C 78 8.30 -41.15 -46.90
CA LEU C 78 8.03 -39.81 -47.39
C LEU C 78 7.10 -39.85 -48.59
N GLN C 79 6.80 -38.66 -49.10
CA GLN C 79 5.89 -38.50 -50.22
C GLN C 79 6.38 -37.32 -51.04
N PRO C 80 5.82 -37.11 -52.23
CA PRO C 80 6.06 -35.84 -52.92
C PRO C 80 5.54 -34.65 -52.15
N ASP C 81 4.35 -34.78 -51.58
CA ASP C 81 3.76 -33.70 -50.81
C ASP C 81 4.63 -33.34 -49.62
N ASP C 82 5.35 -34.33 -49.10
CA ASP C 82 6.22 -34.12 -47.96
C ASP C 82 7.44 -33.26 -48.29
N PHE C 83 7.69 -32.97 -49.57
CA PHE C 83 8.89 -32.28 -49.99
C PHE C 83 8.72 -30.77 -50.05
N ALA C 84 7.85 -30.23 -49.20
CA ALA C 84 7.82 -28.80 -48.99
C ALA C 84 9.02 -28.37 -48.16
N THR C 85 9.09 -27.07 -47.90
CA THR C 85 10.01 -26.53 -46.93
C THR C 85 9.32 -26.48 -45.58
N TYR C 86 10.07 -26.77 -44.54
CA TYR C 86 9.54 -26.88 -43.20
C TYR C 86 10.25 -25.89 -42.29
N TYR C 87 9.59 -25.55 -41.19
CA TYR C 87 10.06 -24.53 -40.27
C TYR C 87 9.78 -24.94 -38.84
N CYS C 88 10.39 -24.19 -37.92
CA CYS C 88 10.43 -24.54 -36.51
C CYS C 88 10.15 -23.26 -35.73
N GLN C 89 8.94 -23.14 -35.19
CA GLN C 89 8.49 -21.90 -34.53
C GLN C 89 8.58 -22.05 -33.03
N GLN C 90 9.55 -21.38 -32.44
CA GLN C 90 9.54 -21.16 -31.00
C GLN C 90 8.29 -20.38 -30.62
N TYR C 91 7.73 -20.69 -29.46
CA TYR C 91 6.77 -19.78 -28.88
C TYR C 91 6.86 -19.76 -27.36
N TYR C 92 8.05 -19.94 -26.83
CA TYR C 92 8.24 -19.91 -25.39
C TYR C 92 8.09 -18.50 -24.85
N SER C 93 8.97 -17.62 -25.29
CA SER C 93 9.05 -16.26 -24.82
C SER C 93 8.81 -15.25 -25.91
N SER C 94 9.06 -15.62 -27.16
CA SER C 94 8.73 -14.77 -28.27
C SER C 94 8.55 -15.66 -29.48
N PRO C 95 7.62 -15.37 -30.36
CA PRO C 95 7.40 -16.27 -31.49
C PRO C 95 8.54 -16.16 -32.48
N THR C 96 9.58 -16.93 -32.22
CA THR C 96 10.81 -16.87 -33.00
C THR C 96 10.84 -17.99 -34.04
N PHE C 97 11.40 -17.68 -35.19
CA PHE C 97 11.64 -18.62 -36.27
C PHE C 97 13.13 -18.76 -36.48
N GLY C 98 13.50 -19.47 -37.54
CA GLY C 98 14.88 -19.50 -37.97
C GLY C 98 15.03 -19.79 -39.44
N GLY C 99 16.14 -20.42 -39.80
CA GLY C 99 16.53 -20.55 -41.19
C GLY C 99 15.68 -21.49 -42.01
N GLY C 100 14.72 -22.17 -41.40
CA GLY C 100 13.89 -23.08 -42.15
C GLY C 100 14.64 -24.27 -42.68
N THR C 101 13.91 -25.20 -43.29
CA THR C 101 14.46 -26.47 -43.73
C THR C 101 13.78 -26.90 -45.00
N LYS C 102 14.53 -26.93 -46.09
CA LYS C 102 14.02 -27.25 -47.41
C LYS C 102 14.20 -28.73 -47.68
N VAL C 103 13.40 -29.24 -48.60
CA VAL C 103 13.41 -30.64 -48.98
C VAL C 103 13.43 -30.73 -50.50
N GLU C 104 14.08 -31.77 -51.01
CA GLU C 104 14.04 -32.05 -52.43
C GLU C 104 14.41 -33.51 -52.66
N ILE C 105 14.62 -33.84 -53.92
CA ILE C 105 15.12 -35.13 -54.37
C ILE C 105 16.51 -34.89 -54.95
N LYS C 106 17.31 -35.94 -55.01
CA LYS C 106 18.55 -35.97 -55.78
C LYS C 106 18.45 -35.22 -57.11
N GLN D 1 -14.19 -24.03 -43.67
CA GLN D 1 -15.04 -22.99 -43.03
C GLN D 1 -14.23 -21.75 -42.75
N VAL D 2 -13.07 -21.99 -42.13
CA VAL D 2 -12.17 -20.90 -41.78
C VAL D 2 -11.70 -20.29 -43.09
N GLN D 3 -12.16 -19.07 -43.34
CA GLN D 3 -12.00 -18.44 -44.64
C GLN D 3 -11.35 -17.07 -44.41
N LEU D 4 -10.03 -17.07 -44.40
CA LEU D 4 -9.30 -15.81 -44.38
C LEU D 4 -9.41 -15.14 -45.74
N VAL D 5 -9.35 -13.81 -45.71
CA VAL D 5 -9.37 -13.00 -46.92
C VAL D 5 -8.25 -11.98 -46.77
N GLN D 6 -7.08 -12.31 -47.29
CA GLN D 6 -6.00 -11.36 -47.34
C GLN D 6 -6.29 -10.35 -48.45
N SER D 7 -6.20 -9.07 -48.12
CA SER D 7 -6.43 -8.04 -49.10
C SER D 7 -5.38 -8.11 -50.20
N GLY D 8 -5.63 -7.38 -51.28
CA GLY D 8 -4.66 -7.27 -52.35
C GLY D 8 -3.48 -6.41 -51.96
N VAL D 9 -2.59 -6.22 -52.92
CA VAL D 9 -1.30 -5.57 -52.70
C VAL D 9 -1.32 -4.19 -53.32
N THR D 10 -0.52 -3.30 -52.76
CA THR D 10 -0.39 -1.94 -53.22
C THR D 10 1.04 -1.50 -53.07
N LEU D 11 1.49 -0.67 -54.02
CA LEU D 11 2.80 -0.04 -53.92
C LEU D 11 2.67 1.26 -53.14
N VAL D 12 3.66 1.49 -52.29
CA VAL D 12 3.72 2.70 -51.48
C VAL D 12 5.16 3.16 -51.47
N GLN D 13 5.37 4.47 -51.44
CA GLN D 13 6.71 4.97 -51.48
C GLN D 13 7.37 4.77 -50.13
N PRO D 14 8.70 4.92 -50.07
CA PRO D 14 9.37 4.89 -48.77
C PRO D 14 8.86 6.01 -47.88
N GLY D 15 8.82 5.71 -46.58
CA GLY D 15 8.25 6.62 -45.62
C GLY D 15 6.75 6.71 -45.64
N GLY D 16 6.07 6.01 -46.54
CA GLY D 16 4.64 6.12 -46.67
C GLY D 16 3.90 5.42 -45.56
N SER D 17 2.72 4.91 -45.87
CA SER D 17 1.84 4.31 -44.89
C SER D 17 0.79 3.49 -45.59
N LEU D 18 0.02 2.74 -44.81
CA LEU D 18 -0.92 1.79 -45.36
C LEU D 18 -1.79 1.25 -44.25
N ARG D 19 -3.02 0.87 -44.63
CA ARG D 19 -3.93 0.17 -43.75
C ARG D 19 -4.30 -1.15 -44.42
N VAL D 20 -3.82 -2.24 -43.86
CA VAL D 20 -4.22 -3.56 -44.31
C VAL D 20 -5.60 -3.90 -43.76
N SER D 21 -6.27 -4.83 -44.43
CA SER D 21 -7.49 -5.40 -43.90
C SER D 21 -7.56 -6.86 -44.33
N CYS D 22 -7.40 -7.75 -43.36
CA CYS D 22 -7.70 -9.16 -43.53
C CYS D 22 -9.06 -9.43 -42.88
N ALA D 23 -9.90 -10.18 -43.59
CA ALA D 23 -11.20 -10.58 -43.10
C ALA D 23 -11.23 -12.08 -42.90
N ALA D 24 -12.16 -12.51 -42.06
CA ALA D 24 -12.25 -13.91 -41.68
C ALA D 24 -13.70 -14.31 -41.52
N SER D 25 -13.91 -15.62 -41.62
CA SER D 25 -15.22 -16.18 -41.42
C SER D 25 -15.06 -17.69 -41.32
N GLY D 26 -15.96 -18.30 -40.58
CA GLY D 26 -15.94 -19.72 -40.31
C GLY D 26 -15.91 -20.07 -38.85
N PHE D 27 -15.97 -19.10 -37.95
CA PHE D 27 -15.85 -19.36 -36.53
C PHE D 27 -16.21 -18.08 -35.79
N THR D 28 -15.99 -18.09 -34.48
CA THR D 28 -16.22 -16.92 -33.66
C THR D 28 -14.98 -16.04 -33.76
N PHE D 29 -15.10 -14.97 -34.52
CA PHE D 29 -13.97 -14.08 -34.76
C PHE D 29 -13.41 -13.48 -33.49
N SER D 30 -14.24 -13.35 -32.47
CA SER D 30 -13.81 -12.74 -31.22
C SER D 30 -13.08 -13.73 -30.33
N SER D 31 -13.45 -15.00 -30.39
CA SER D 31 -12.90 -15.97 -29.46
C SER D 31 -11.43 -16.23 -29.68
N TYR D 32 -10.92 -15.89 -30.85
CA TYR D 32 -9.54 -16.15 -31.21
C TYR D 32 -8.83 -14.83 -31.45
N ALA D 33 -7.52 -14.91 -31.37
CA ALA D 33 -6.64 -13.81 -31.66
C ALA D 33 -6.04 -13.97 -33.04
N MET D 34 -5.31 -12.95 -33.45
CA MET D 34 -4.68 -12.92 -34.75
C MET D 34 -3.33 -12.24 -34.59
N SER D 35 -2.59 -12.17 -35.68
CA SER D 35 -1.27 -11.58 -35.64
C SER D 35 -0.86 -11.26 -37.08
N TRP D 36 0.43 -10.97 -37.25
CA TRP D 36 0.99 -10.75 -38.57
C TRP D 36 2.41 -11.26 -38.60
N VAL D 37 2.75 -11.92 -39.71
CA VAL D 37 4.08 -12.42 -39.96
C VAL D 37 4.41 -12.07 -41.39
N ARG D 38 5.69 -11.89 -41.66
CA ARG D 38 6.15 -11.49 -42.97
C ARG D 38 7.23 -12.43 -43.46
N GLN D 39 7.31 -12.53 -44.78
CA GLN D 39 8.36 -13.26 -45.45
C GLN D 39 8.78 -12.44 -46.65
N ALA D 40 9.96 -11.86 -46.59
CA ALA D 40 10.49 -11.25 -47.76
C ALA D 40 10.85 -12.34 -48.76
N PRO D 41 11.04 -11.99 -50.03
CA PRO D 41 11.37 -13.01 -51.03
C PRO D 41 12.69 -13.68 -50.72
N GLY D 42 12.72 -15.00 -50.85
CA GLY D 42 13.92 -15.75 -50.57
C GLY D 42 14.35 -15.65 -49.13
N LYS D 43 13.40 -15.52 -48.21
CA LYS D 43 13.69 -15.35 -46.80
C LYS D 43 12.76 -16.20 -45.98
N GLY D 44 13.08 -16.28 -44.69
CA GLY D 44 12.25 -16.96 -43.73
C GLY D 44 11.21 -16.03 -43.16
N LEU D 45 10.71 -16.39 -42.00
CA LEU D 45 9.58 -15.71 -41.39
C LEU D 45 10.03 -14.73 -40.34
N GLU D 46 9.09 -13.89 -39.94
CA GLU D 46 9.38 -12.87 -38.94
C GLU D 46 8.08 -12.39 -38.35
N TRP D 47 7.89 -12.61 -37.07
CA TRP D 47 6.69 -12.12 -36.42
C TRP D 47 6.72 -10.60 -36.39
N VAL D 48 5.53 -10.04 -36.51
CA VAL D 48 5.34 -8.61 -36.56
C VAL D 48 4.72 -8.12 -35.26
N SER D 49 3.51 -8.56 -34.99
CA SER D 49 2.74 -8.02 -33.89
C SER D 49 1.49 -8.88 -33.75
N ALA D 50 0.80 -8.69 -32.64
CA ALA D 50 -0.34 -9.52 -32.33
C ALA D 50 -1.26 -8.78 -31.39
N ILE D 51 -2.43 -9.38 -31.20
CA ILE D 51 -3.55 -8.74 -30.55
C ILE D 51 -4.23 -9.76 -29.66
N SER D 52 -4.97 -9.26 -28.68
CA SER D 52 -5.83 -10.13 -27.92
C SER D 52 -7.00 -10.57 -28.79
N GLY D 53 -7.80 -11.48 -28.25
CA GLY D 53 -9.01 -11.85 -28.94
C GLY D 53 -10.07 -10.78 -28.96
N LEU D 54 -9.90 -9.72 -28.17
CA LEU D 54 -10.87 -8.64 -28.06
C LEU D 54 -10.29 -7.28 -28.32
N GLY D 55 -8.97 -7.12 -28.28
CA GLY D 55 -8.32 -5.88 -28.63
C GLY D 55 -7.67 -5.15 -27.49
N GLY D 56 -7.82 -5.65 -26.26
CA GLY D 56 -7.13 -5.04 -25.14
C GLY D 56 -5.63 -5.15 -25.32
N SER D 57 -5.11 -6.35 -25.24
CA SER D 57 -3.67 -6.52 -25.28
C SER D 57 -3.16 -6.46 -26.71
N THR D 58 -2.07 -5.73 -26.87
CA THR D 58 -1.31 -5.71 -28.10
C THR D 58 0.10 -6.18 -27.80
N TYR D 59 0.73 -6.69 -28.83
CA TYR D 59 2.10 -7.14 -28.73
C TYR D 59 2.79 -6.86 -30.05
N TYR D 60 3.95 -6.25 -29.98
CA TYR D 60 4.70 -5.85 -31.14
C TYR D 60 6.11 -6.40 -31.05
N ALA D 61 6.69 -6.73 -32.19
CA ALA D 61 8.09 -7.04 -32.23
C ALA D 61 8.90 -5.77 -31.98
N ASP D 62 10.14 -5.98 -31.55
CA ASP D 62 11.01 -4.85 -31.22
C ASP D 62 11.37 -4.05 -32.45
N SER D 63 11.55 -4.73 -33.59
CA SER D 63 12.08 -4.08 -34.77
C SER D 63 11.15 -3.04 -35.35
N VAL D 64 9.86 -3.10 -35.02
CA VAL D 64 8.84 -2.28 -35.64
C VAL D 64 7.98 -1.59 -34.60
N LYS D 65 8.46 -1.58 -33.35
CA LYS D 65 7.66 -1.01 -32.28
C LYS D 65 7.44 0.47 -32.52
N GLY D 66 6.17 0.86 -32.48
CA GLY D 66 5.76 2.22 -32.74
C GLY D 66 5.49 2.49 -34.20
N ARG D 67 6.22 1.83 -35.09
CA ARG D 67 6.00 2.03 -36.51
C ARG D 67 4.67 1.46 -36.96
N PHE D 68 4.24 0.38 -36.35
CA PHE D 68 3.06 -0.35 -36.79
C PHE D 68 2.01 -0.34 -35.69
N THR D 69 0.76 -0.33 -36.12
CA THR D 69 -0.37 -0.25 -35.22
C THR D 69 -1.39 -1.28 -35.65
N ILE D 70 -1.54 -2.29 -34.84
CA ILE D 70 -2.51 -3.36 -35.08
C ILE D 70 -3.88 -2.90 -34.65
N SER D 71 -4.90 -3.50 -35.24
CA SER D 71 -6.28 -3.29 -34.82
C SER D 71 -7.17 -4.29 -35.52
N ARG D 72 -8.35 -4.49 -34.93
CA ARG D 72 -9.35 -5.40 -35.45
C ARG D 72 -10.72 -4.74 -35.31
N ASP D 73 -11.74 -5.49 -35.70
CA ASP D 73 -13.13 -5.11 -35.47
C ASP D 73 -13.91 -6.41 -35.31
N ASN D 74 -14.27 -6.72 -34.07
CA ASN D 74 -15.03 -7.92 -33.79
C ASN D 74 -16.37 -7.90 -34.51
N SER D 75 -17.00 -6.73 -34.55
CA SER D 75 -18.34 -6.63 -35.14
C SER D 75 -18.31 -6.98 -36.62
N LYS D 76 -17.31 -6.50 -37.33
CA LYS D 76 -17.22 -6.70 -38.76
C LYS D 76 -16.54 -7.99 -39.16
N ASN D 77 -16.07 -8.78 -38.20
CA ASN D 77 -15.31 -9.99 -38.47
C ASN D 77 -14.09 -9.66 -39.33
N THR D 78 -13.34 -8.68 -38.86
CA THR D 78 -12.33 -8.02 -39.67
C THR D 78 -11.09 -7.72 -38.86
N LEU D 79 -9.94 -7.89 -39.50
CA LEU D 79 -8.67 -7.46 -38.98
C LEU D 79 -8.20 -6.23 -39.74
N TYR D 80 -7.27 -5.52 -39.12
CA TYR D 80 -6.63 -4.38 -39.75
C TYR D 80 -5.18 -4.33 -39.34
N LEU D 81 -4.44 -3.44 -39.98
CA LEU D 81 -3.10 -3.11 -39.56
C LEU D 81 -2.70 -1.79 -40.18
N GLN D 82 -2.43 -0.79 -39.35
CA GLN D 82 -1.95 0.50 -39.79
C GLN D 82 -0.44 0.57 -39.60
N MET D 83 0.23 1.18 -40.58
CA MET D 83 1.67 1.12 -40.67
C MET D 83 2.12 2.42 -41.32
N ASN D 84 3.38 2.80 -41.08
CA ASN D 84 3.84 4.08 -41.55
C ASN D 84 5.36 4.15 -41.59
N SER D 85 5.86 5.24 -42.16
CA SER D 85 7.28 5.58 -42.09
C SER D 85 8.12 4.48 -42.68
N LEU D 86 7.65 3.92 -43.77
CA LEU D 86 8.07 2.58 -44.15
C LEU D 86 9.42 2.58 -44.83
N ARG D 87 10.25 1.60 -44.46
CA ARG D 87 11.56 1.39 -45.03
C ARG D 87 11.48 0.30 -46.11
N ALA D 88 12.62 0.09 -46.76
CA ALA D 88 12.71 -0.92 -47.80
C ALA D 88 12.63 -2.32 -47.23
N GLU D 89 13.12 -2.50 -46.01
CA GLU D 89 13.14 -3.82 -45.40
C GLU D 89 11.73 -4.38 -45.24
N ASP D 90 10.73 -3.52 -45.15
CA ASP D 90 9.37 -3.95 -44.95
C ASP D 90 8.78 -4.63 -46.17
N THR D 91 9.47 -4.61 -47.30
CA THR D 91 9.01 -5.29 -48.49
C THR D 91 8.92 -6.79 -48.21
N ALA D 92 7.71 -7.33 -48.15
CA ALA D 92 7.54 -8.73 -47.83
C ALA D 92 6.08 -9.11 -48.00
N VAL D 93 5.79 -10.38 -47.74
CA VAL D 93 4.45 -10.94 -47.83
C VAL D 93 3.89 -11.02 -46.43
N TYR D 94 2.96 -10.14 -46.12
CA TYR D 94 2.36 -10.08 -44.81
C TYR D 94 1.12 -10.96 -44.78
N TYR D 95 1.10 -11.90 -43.84
CA TYR D 95 0.02 -12.84 -43.67
C TYR D 95 -0.77 -12.55 -42.41
N CYS D 96 -2.09 -12.64 -42.52
CA CYS D 96 -2.95 -12.68 -41.35
C CYS D 96 -3.11 -14.12 -40.91
N ALA D 97 -2.82 -14.38 -39.64
CA ALA D 97 -2.67 -15.74 -39.14
C ALA D 97 -3.47 -15.95 -37.86
N LYS D 98 -4.06 -17.13 -37.77
CA LYS D 98 -4.90 -17.51 -36.66
C LYS D 98 -4.18 -18.50 -35.77
N ASP D 99 -4.56 -18.50 -34.50
CA ASP D 99 -3.97 -19.37 -33.51
C ASP D 99 -4.57 -20.76 -33.56
N HIS D 100 -3.89 -21.67 -32.88
CA HIS D 100 -4.41 -22.99 -32.59
C HIS D 100 -5.30 -22.94 -31.36
N ARG D 101 -4.78 -22.34 -30.30
CA ARG D 101 -5.52 -22.23 -29.05
C ARG D 101 -6.56 -21.13 -29.20
N VAL D 102 -7.24 -20.84 -28.10
CA VAL D 102 -8.34 -19.90 -28.08
C VAL D 102 -8.13 -18.96 -26.90
N TRP D 103 -8.77 -17.80 -26.98
CA TRP D 103 -8.70 -16.79 -25.91
C TRP D 103 -7.28 -16.31 -25.68
N ALA D 104 -6.75 -15.71 -26.75
CA ALA D 104 -5.55 -14.86 -26.72
C ALA D 104 -4.36 -15.55 -26.07
N ALA D 105 -4.28 -16.86 -26.24
CA ALA D 105 -3.10 -17.61 -25.89
C ALA D 105 -2.76 -18.54 -27.05
N GLY D 106 -1.56 -19.08 -27.02
CA GLY D 106 -1.18 -20.01 -28.06
C GLY D 106 -0.79 -19.26 -29.31
N TYR D 107 0.29 -18.51 -29.21
CA TYR D 107 0.80 -17.76 -30.34
C TYR D 107 1.03 -18.63 -31.56
N HIS D 108 1.33 -19.90 -31.36
CA HIS D 108 1.52 -20.80 -32.48
C HIS D 108 0.26 -20.86 -33.33
N PHE D 109 0.45 -20.77 -34.64
CA PHE D 109 -0.62 -20.41 -35.56
C PHE D 109 -1.17 -21.61 -36.29
N ASP D 110 -2.49 -21.64 -36.41
CA ASP D 110 -3.19 -22.69 -37.12
C ASP D 110 -3.24 -22.42 -38.61
N TYR D 111 -3.88 -21.33 -38.99
CA TYR D 111 -4.15 -21.01 -40.38
C TYR D 111 -3.22 -19.92 -40.86
N TRP D 112 -3.35 -19.60 -42.14
CA TRP D 112 -2.46 -18.67 -42.80
C TRP D 112 -3.24 -17.99 -43.92
N GLY D 113 -3.20 -16.67 -43.93
CA GLY D 113 -3.82 -15.93 -45.02
C GLY D 113 -3.12 -16.18 -46.33
N GLN D 114 -3.61 -15.56 -47.39
CA GLN D 114 -3.00 -15.74 -48.70
C GLN D 114 -1.66 -15.01 -48.79
N GLY D 115 -1.50 -13.92 -48.06
CA GLY D 115 -0.32 -13.09 -48.15
C GLY D 115 -0.45 -12.00 -49.18
N ALA D 116 0.30 -10.93 -48.97
CA ALA D 116 0.33 -9.79 -49.88
C ALA D 116 1.73 -9.23 -49.95
N LEU D 117 2.34 -9.29 -51.14
CA LEU D 117 3.74 -8.97 -51.32
C LEU D 117 3.91 -7.46 -51.39
N VAL D 118 3.89 -6.84 -50.23
CA VAL D 118 3.97 -5.40 -50.14
C VAL D 118 5.34 -4.93 -50.62
N THR D 119 5.38 -3.73 -51.18
CA THR D 119 6.55 -3.18 -51.85
C THR D 119 6.69 -1.71 -51.51
N VAL D 120 7.86 -1.16 -51.88
CA VAL D 120 8.24 0.19 -51.47
C VAL D 120 8.55 1.10 -52.65
N SER D 121 9.01 0.54 -53.76
CA SER D 121 9.29 1.36 -54.94
C SER D 121 9.49 0.49 -56.18
N SER E 1 7.94 18.76 -0.63
CA SER E 1 8.84 18.10 0.30
C SER E 1 10.02 17.46 -0.38
N ILE E 2 9.80 16.28 -0.94
CA ILE E 2 10.90 15.45 -1.41
C ILE E 2 11.31 15.93 -2.78
N PRO E 3 12.58 15.81 -3.16
CA PRO E 3 12.97 16.16 -4.52
C PRO E 3 12.41 15.21 -5.55
N LEU E 4 12.70 15.52 -6.80
CA LEU E 4 12.34 14.65 -7.89
C LEU E 4 13.02 15.15 -9.15
N GLY E 5 13.52 14.19 -9.93
CA GLY E 5 14.26 14.51 -11.14
C GLY E 5 13.45 14.26 -12.38
N VAL E 6 13.86 14.90 -13.47
CA VAL E 6 13.13 14.87 -14.73
C VAL E 6 14.11 14.73 -15.87
N ILE E 7 13.56 14.33 -17.01
CA ILE E 7 14.33 14.14 -18.24
C ILE E 7 13.59 14.91 -19.33
N HIS E 8 14.03 16.14 -19.57
CA HIS E 8 13.49 16.98 -20.62
C HIS E 8 14.58 17.18 -21.67
N ASN E 9 14.29 16.74 -22.89
CA ASN E 9 15.26 16.79 -23.98
C ASN E 9 16.52 16.00 -23.63
N SER E 10 16.32 14.82 -23.06
CA SER E 10 17.40 13.87 -22.82
C SER E 10 18.47 14.43 -21.90
N THR E 11 18.11 15.39 -21.07
CA THR E 11 19.00 15.93 -20.08
C THR E 11 18.21 16.22 -18.82
N LEU E 12 18.91 16.69 -17.81
CA LEU E 12 18.42 16.69 -16.45
C LEU E 12 18.02 18.08 -16.00
N GLN E 13 17.02 18.12 -15.13
CA GLN E 13 16.66 19.31 -14.39
C GLN E 13 16.26 18.84 -13.00
N VAL E 14 15.65 19.74 -12.23
CA VAL E 14 15.26 19.42 -10.87
C VAL E 14 14.11 20.35 -10.48
N SER E 15 13.25 19.86 -9.60
CA SER E 15 12.09 20.61 -9.16
C SER E 15 11.43 19.94 -7.96
N ASP E 16 11.25 20.70 -6.88
CA ASP E 16 10.60 20.14 -5.69
C ASP E 16 9.09 20.18 -5.81
N VAL E 17 8.51 21.38 -5.82
CA VAL E 17 7.08 21.58 -5.78
C VAL E 17 6.65 22.57 -6.84
N ASP E 18 7.21 23.77 -6.76
CA ASP E 18 6.59 24.94 -7.35
C ASP E 18 6.92 25.12 -8.82
N LYS E 19 8.04 24.58 -9.28
CA LYS E 19 8.39 24.70 -10.69
C LYS E 19 7.34 24.01 -11.54
N LEU E 20 6.58 24.79 -12.30
CA LEU E 20 5.59 24.21 -13.18
C LEU E 20 6.24 23.32 -14.22
N VAL E 21 5.42 22.49 -14.83
CA VAL E 21 5.67 22.02 -16.18
C VAL E 21 4.32 22.03 -16.89
N CYS E 22 4.16 22.95 -17.83
CA CYS E 22 3.08 22.85 -18.80
C CYS E 22 3.48 21.99 -20.00
N ARG E 23 4.65 21.35 -19.94
CA ARG E 23 5.19 20.55 -21.02
C ARG E 23 5.05 19.07 -20.73
N ASP E 24 5.60 18.61 -19.61
CA ASP E 24 5.62 17.20 -19.29
C ASP E 24 4.21 16.75 -18.96
N LYS E 25 3.51 16.23 -19.97
CA LYS E 25 2.14 15.79 -19.78
C LYS E 25 2.03 14.68 -18.75
N LEU E 26 3.12 13.95 -18.51
CA LEU E 26 3.10 12.82 -17.58
C LEU E 26 2.05 11.81 -18.03
N SER E 27 2.30 11.26 -19.21
CA SER E 27 1.32 10.43 -19.89
C SER E 27 0.90 9.22 -19.06
N SER E 28 1.79 8.71 -18.23
CA SER E 28 1.48 7.52 -17.46
C SER E 28 2.52 7.36 -16.36
N THR E 29 2.48 6.21 -15.69
CA THR E 29 3.29 5.94 -14.52
C THR E 29 4.45 5.00 -14.78
N ASN E 30 4.35 4.17 -15.81
CA ASN E 30 5.45 3.28 -16.14
C ASN E 30 6.70 4.08 -16.46
N GLN E 31 6.54 5.29 -16.98
CA GLN E 31 7.67 6.18 -17.15
C GLN E 31 8.16 6.71 -15.83
N LEU E 32 7.27 6.85 -14.87
CA LEU E 32 7.66 7.28 -13.54
C LEU E 32 8.31 6.11 -12.81
N ARG E 33 9.54 6.32 -12.35
CA ARG E 33 10.33 5.23 -11.82
C ARG E 33 11.20 5.71 -10.68
N SER E 34 11.78 4.74 -10.00
CA SER E 34 12.60 4.95 -8.82
C SER E 34 13.79 4.02 -8.91
N VAL E 35 14.97 4.56 -8.65
CA VAL E 35 16.22 3.96 -9.08
C VAL E 35 17.20 3.96 -7.92
N GLY E 36 17.85 2.84 -7.72
CA GLY E 36 18.95 2.76 -6.80
C GLY E 36 20.26 3.02 -7.50
N LEU E 37 21.29 3.31 -6.71
CA LEU E 37 22.60 3.56 -7.28
C LEU E 37 23.67 3.23 -6.26
N ASN E 38 24.70 2.55 -6.73
CA ASN E 38 25.81 2.15 -5.88
C ASN E 38 26.81 3.26 -5.72
N LEU E 39 27.51 3.23 -4.59
CA LEU E 39 28.53 4.22 -4.29
C LEU E 39 29.86 3.94 -4.95
N GLU E 40 30.02 2.77 -5.54
CA GLU E 40 31.21 2.50 -6.33
C GLU E 40 31.39 3.54 -7.41
N GLY E 41 30.28 4.07 -7.94
CA GLY E 41 30.36 5.14 -8.92
C GLY E 41 31.05 6.36 -8.36
N ASN E 42 30.87 6.63 -7.07
CA ASN E 42 31.56 7.74 -6.44
C ASN E 42 33.02 7.42 -6.16
N GLY E 43 33.37 6.15 -6.14
CA GLY E 43 34.77 5.78 -6.10
C GLY E 43 35.41 5.94 -4.75
N VAL E 44 34.80 5.35 -3.74
CA VAL E 44 35.37 5.30 -2.41
C VAL E 44 36.37 4.17 -2.33
N ALA E 45 37.10 4.10 -1.22
CA ALA E 45 37.95 2.95 -0.94
C ALA E 45 37.06 1.77 -0.63
N THR E 46 36.86 0.91 -1.62
CA THR E 46 35.99 -0.26 -1.49
C THR E 46 36.77 -1.48 -1.04
N ASP E 47 37.55 -1.31 0.01
CA ASP E 47 38.20 -2.43 0.67
C ASP E 47 37.25 -2.99 1.72
N VAL E 48 37.72 -4.00 2.44
CA VAL E 48 36.91 -4.63 3.47
C VAL E 48 36.90 -3.81 4.75
N PRO E 49 38.05 -3.34 5.25
CA PRO E 49 38.00 -2.73 6.60
C PRO E 49 37.21 -1.45 6.68
N SER E 50 37.31 -0.59 5.67
CA SER E 50 36.63 0.69 5.73
C SER E 50 35.13 0.50 5.81
N VAL E 51 34.64 -0.62 5.26
CA VAL E 51 33.24 -1.00 5.42
C VAL E 51 32.87 -0.98 6.88
N THR E 52 33.63 -1.74 7.67
CA THR E 52 33.44 -1.76 9.11
C THR E 52 33.56 -0.36 9.67
N LYS E 53 34.44 0.44 9.09
CA LYS E 53 34.54 1.82 9.53
C LYS E 53 33.40 2.68 9.00
N ARG E 54 32.84 2.32 7.85
CA ARG E 54 31.74 3.09 7.30
C ARG E 54 30.41 2.77 7.96
N TRP E 55 30.40 1.89 8.97
CA TRP E 55 29.17 1.39 9.57
C TRP E 55 29.15 1.59 11.07
N GLY E 56 28.17 1.00 11.73
CA GLY E 56 28.11 1.03 13.17
C GLY E 56 26.94 0.22 13.69
N PHE E 57 26.71 0.34 14.99
CA PHE E 57 25.61 -0.33 15.66
C PHE E 57 24.97 0.60 16.66
N ARG E 58 23.70 0.35 16.91
CA ARG E 58 22.99 0.95 18.03
C ARG E 58 21.68 0.22 18.19
N SER E 59 20.79 0.78 19.00
CA SER E 59 19.49 0.21 19.24
C SER E 59 18.52 1.34 19.51
N GLY E 60 17.26 0.96 19.76
CA GLY E 60 16.20 1.92 19.94
C GLY E 60 15.60 2.40 18.65
N VAL E 61 16.23 2.13 17.52
CA VAL E 61 15.74 2.56 16.22
C VAL E 61 15.26 1.31 15.51
N PRO E 62 14.17 1.35 14.76
CA PRO E 62 13.77 0.18 14.01
C PRO E 62 14.52 0.09 12.70
N PRO E 63 14.26 -0.96 11.94
CA PRO E 63 14.57 -0.95 10.51
C PRO E 63 13.42 -0.35 9.71
N LYS E 64 13.76 0.11 8.51
CA LYS E 64 12.79 0.55 7.54
C LYS E 64 13.19 0.05 6.17
N VAL E 65 12.19 -0.08 5.31
CA VAL E 65 12.35 -0.72 4.02
C VAL E 65 11.62 0.10 2.97
N VAL E 66 12.11 0.01 1.74
CA VAL E 66 11.62 0.80 0.64
C VAL E 66 11.86 0.03 -0.65
N ASN E 67 11.12 0.41 -1.69
CA ASN E 67 11.20 -0.23 -2.99
C ASN E 67 11.81 0.68 -4.03
N TYR E 68 12.68 0.10 -4.85
CA TYR E 68 13.11 0.69 -6.09
C TYR E 68 12.98 -0.34 -7.19
N GLU E 69 13.03 0.12 -8.43
CA GLU E 69 12.78 -0.71 -9.59
C GLU E 69 14.04 -1.13 -10.31
N ALA E 70 15.15 -0.44 -10.11
CA ALA E 70 16.35 -0.79 -10.84
C ALA E 70 17.54 -0.12 -10.19
N GLY E 71 18.71 -0.68 -10.44
CA GLY E 71 19.93 -0.15 -9.90
C GLY E 71 21.13 -0.31 -10.81
N GLU E 72 22.19 -0.87 -10.24
CA GLU E 72 23.50 -0.89 -10.87
C GLU E 72 24.21 -2.19 -10.53
N TRP E 73 25.08 -2.60 -11.43
CA TRP E 73 25.96 -3.73 -11.16
C TRP E 73 26.86 -3.44 -9.99
N ALA E 74 27.32 -4.50 -9.35
CA ALA E 74 28.11 -4.42 -8.13
C ALA E 74 29.47 -5.03 -8.39
N GLU E 75 30.51 -4.20 -8.32
CA GLU E 75 31.86 -4.72 -8.26
C GLU E 75 32.22 -5.22 -6.89
N ASN E 76 31.43 -4.92 -5.86
CA ASN E 76 31.70 -5.41 -4.51
C ASN E 76 30.36 -5.58 -3.79
N CYS E 77 29.84 -6.79 -3.83
CA CYS E 77 28.76 -7.17 -2.95
C CYS E 77 29.32 -7.61 -1.61
N TYR E 78 28.43 -7.76 -0.65
CA TYR E 78 28.82 -8.07 0.72
C TYR E 78 27.74 -8.91 1.36
N ASN E 79 28.13 -9.96 2.05
CA ASN E 79 27.25 -10.73 2.89
C ASN E 79 27.96 -11.00 4.21
N LEU E 80 27.15 -11.22 5.24
CA LEU E 80 27.65 -11.33 6.59
C LEU E 80 26.93 -12.43 7.35
N GLU E 81 27.69 -13.14 8.17
CA GLU E 81 27.16 -14.14 9.07
C GLU E 81 28.01 -14.04 10.33
N ILE E 82 27.55 -13.25 11.28
CA ILE E 82 28.33 -12.83 12.42
C ILE E 82 27.56 -13.14 13.69
N LYS E 83 28.30 -13.51 14.72
CA LYS E 83 27.76 -13.75 16.03
C LYS E 83 28.56 -12.95 17.03
N LYS E 84 27.94 -12.65 18.14
CA LYS E 84 28.70 -12.09 19.23
C LYS E 84 29.65 -13.16 19.76
N PRO E 85 30.84 -12.76 20.23
CA PRO E 85 31.85 -13.76 20.61
C PRO E 85 31.41 -14.66 21.74
N ASP E 86 30.40 -14.26 22.51
CA ASP E 86 29.81 -15.17 23.47
C ASP E 86 29.19 -16.37 22.78
N GLY E 87 28.70 -16.18 21.56
CA GLY E 87 28.08 -17.23 20.79
C GLY E 87 26.74 -16.83 20.22
N SER E 88 26.16 -15.75 20.73
CA SER E 88 24.87 -15.31 20.26
C SER E 88 24.98 -14.54 18.96
N GLU E 89 23.85 -14.46 18.26
CA GLU E 89 23.80 -13.73 17.02
C GLU E 89 24.01 -12.24 17.27
N CYS E 90 24.70 -11.60 16.34
CA CYS E 90 24.66 -10.15 16.26
C CYS E 90 23.42 -9.70 15.51
N LEU E 91 23.21 -10.23 14.33
CA LEU E 91 22.24 -9.68 13.41
C LEU E 91 20.90 -10.39 13.51
N PRO E 92 19.82 -9.72 13.12
CA PRO E 92 18.55 -10.42 12.91
C PRO E 92 18.49 -11.07 11.55
N ALA E 93 17.67 -12.11 11.48
CA ALA E 93 17.42 -12.80 10.23
C ALA E 93 16.84 -11.85 9.20
N ALA E 94 16.98 -12.24 7.96
CA ALA E 94 16.37 -11.53 6.87
C ALA E 94 14.91 -11.97 6.75
N PRO E 95 13.94 -11.07 6.86
CA PRO E 95 12.55 -11.50 6.72
C PRO E 95 12.24 -12.02 5.32
N ASP E 96 11.02 -12.49 5.19
CA ASP E 96 10.56 -13.10 3.96
C ASP E 96 10.53 -12.08 2.83
N GLY E 97 10.61 -12.59 1.61
CA GLY E 97 10.61 -11.75 0.43
C GLY E 97 11.98 -11.23 0.10
N ILE E 98 12.70 -10.74 1.10
CA ILE E 98 14.02 -10.19 0.88
C ILE E 98 14.96 -11.29 0.43
N ARG E 99 15.83 -10.95 -0.50
CA ARG E 99 16.84 -11.87 -0.98
C ARG E 99 18.09 -11.09 -1.31
N GLY E 100 19.17 -11.83 -1.53
CA GLY E 100 20.46 -11.22 -1.74
C GLY E 100 20.46 -10.29 -2.93
N PHE E 101 21.46 -9.45 -2.99
CA PHE E 101 21.58 -8.58 -4.14
C PHE E 101 21.85 -9.44 -5.36
N PRO E 102 21.01 -9.37 -6.37
CA PRO E 102 21.00 -10.44 -7.37
C PRO E 102 22.22 -10.46 -8.27
N ARG E 103 22.82 -9.31 -8.49
CA ARG E 103 23.71 -9.10 -9.64
C ARG E 103 25.07 -8.60 -9.20
N CYS E 104 25.93 -9.55 -8.84
CA CYS E 104 27.20 -9.28 -8.22
C CYS E 104 28.34 -9.66 -9.15
N ARG E 105 29.52 -9.24 -8.76
CA ARG E 105 30.77 -9.53 -9.43
C ARG E 105 31.82 -10.07 -8.46
N TYR E 106 31.84 -9.56 -7.24
CA TYR E 106 32.76 -10.03 -6.20
C TYR E 106 32.01 -10.07 -4.89
N VAL E 107 31.54 -11.27 -4.51
CA VAL E 107 30.81 -11.45 -3.27
C VAL E 107 31.82 -11.55 -2.14
N HIS E 108 31.93 -10.49 -1.35
CA HIS E 108 32.81 -10.48 -0.20
C HIS E 108 32.06 -11.03 1.01
N LYS E 109 31.78 -12.33 0.94
CA LYS E 109 31.17 -13.01 2.07
C LYS E 109 32.14 -13.06 3.23
N VAL E 110 31.60 -13.04 4.43
CA VAL E 110 32.37 -12.91 5.66
C VAL E 110 31.72 -13.73 6.76
N SER E 111 32.55 -14.19 7.69
CA SER E 111 32.10 -14.49 9.03
C SER E 111 33.09 -13.86 10.00
N GLY E 112 32.83 -14.04 11.28
CA GLY E 112 33.63 -13.45 12.32
C GLY E 112 32.76 -13.12 13.51
N THR E 113 33.33 -12.39 14.45
CA THR E 113 32.61 -11.99 15.65
C THR E 113 33.06 -10.60 16.07
N GLY E 114 32.53 -10.17 17.21
CA GLY E 114 32.89 -8.92 17.82
C GLY E 114 31.72 -8.39 18.62
N PRO E 115 31.97 -7.44 19.51
CA PRO E 115 30.87 -6.88 20.30
C PRO E 115 29.95 -6.06 19.44
N CYS E 116 28.75 -6.59 19.22
CA CYS E 116 27.77 -5.92 18.38
C CYS E 116 26.86 -5.09 19.29
N ALA E 117 27.45 -4.04 19.82
CA ALA E 117 26.76 -3.16 20.74
C ALA E 117 25.70 -2.37 19.99
N GLY E 118 24.52 -2.97 19.89
CA GLY E 118 23.44 -2.41 19.12
C GLY E 118 22.78 -3.52 18.35
N ASP E 119 21.47 -3.65 18.51
CA ASP E 119 20.74 -4.76 17.92
C ASP E 119 20.47 -4.55 16.44
N PHE E 120 21.01 -3.50 15.83
CA PHE E 120 20.88 -3.29 14.41
C PHE E 120 22.14 -2.63 13.89
N ALA E 121 22.31 -2.72 12.58
CA ALA E 121 23.56 -2.41 11.90
C ALA E 121 23.30 -1.35 10.85
N PHE E 122 23.35 -0.10 11.26
CA PHE E 122 23.12 1.00 10.35
C PHE E 122 24.38 1.34 9.59
N HIS E 123 24.18 2.08 8.50
CA HIS E 123 25.27 2.79 7.89
C HIS E 123 25.55 4.06 8.67
N LYS E 124 26.79 4.52 8.57
CA LYS E 124 27.28 5.61 9.38
C LYS E 124 26.83 6.96 8.85
N GLU E 125 27.04 7.18 7.55
CA GLU E 125 26.57 8.39 6.90
C GLU E 125 25.07 8.35 6.65
N GLY E 126 24.44 7.19 6.76
CA GLY E 126 23.01 7.09 6.57
C GLY E 126 22.71 6.66 5.16
N ALA E 127 23.52 5.73 4.66
CA ALA E 127 23.28 5.13 3.36
C ALA E 127 22.30 3.99 3.50
N PHE E 128 22.22 3.15 2.48
CA PHE E 128 21.32 2.02 2.42
C PHE E 128 22.09 0.71 2.37
N PHE E 129 21.32 -0.35 2.27
CA PHE E 129 21.84 -1.72 2.19
C PHE E 129 20.95 -2.42 1.19
N LEU E 130 21.44 -2.57 -0.02
CA LEU E 130 20.59 -2.74 -1.19
C LEU E 130 20.44 -4.22 -1.51
N TYR E 131 19.27 -4.74 -1.23
CA TYR E 131 18.92 -6.12 -1.52
C TYR E 131 18.22 -6.18 -2.88
N ASP E 132 17.61 -7.32 -3.18
CA ASP E 132 16.88 -7.49 -4.43
C ASP E 132 15.74 -6.49 -4.53
N ARG E 133 15.96 -5.47 -5.35
CA ARG E 133 14.98 -4.41 -5.61
C ARG E 133 14.55 -3.69 -4.35
N LEU E 134 15.31 -3.81 -3.28
CA LEU E 134 14.93 -3.26 -1.99
C LEU E 134 16.15 -2.74 -1.25
N ALA E 135 15.89 -1.73 -0.44
CA ALA E 135 16.89 -1.13 0.42
C ALA E 135 16.42 -1.23 1.85
N SER E 136 17.37 -0.97 2.73
CA SER E 136 17.11 -0.98 4.16
C SER E 136 17.91 0.11 4.81
N THR E 137 17.51 0.41 6.03
CA THR E 137 18.34 1.23 6.89
C THR E 137 19.46 0.43 7.51
N VAL E 138 19.38 -0.90 7.44
CA VAL E 138 20.22 -1.78 8.22
C VAL E 138 20.64 -2.96 7.36
N ILE E 139 21.35 -3.88 7.99
CA ILE E 139 21.74 -5.14 7.38
C ILE E 139 20.90 -6.25 8.02
N TYR E 140 20.71 -7.32 7.28
CA TYR E 140 20.08 -8.53 7.75
C TYR E 140 21.08 -9.67 7.79
N ARG E 141 20.84 -10.61 8.69
CA ARG E 141 21.74 -11.71 8.91
C ARG E 141 21.77 -12.62 7.69
N GLY E 142 22.98 -12.89 7.21
CA GLY E 142 23.19 -13.91 6.21
C GLY E 142 22.52 -13.60 4.89
N THR E 143 22.88 -12.48 4.28
CA THR E 143 22.26 -12.10 3.02
C THR E 143 23.15 -11.14 2.28
N THR E 144 23.32 -11.37 0.99
CA THR E 144 24.08 -10.48 0.15
C THR E 144 23.40 -9.13 0.08
N PHE E 145 24.18 -8.09 -0.16
CA PHE E 145 23.63 -6.76 -0.38
C PHE E 145 24.68 -5.91 -1.06
N ALA E 146 24.41 -4.61 -1.10
CA ALA E 146 25.38 -3.64 -1.56
C ALA E 146 25.04 -2.30 -0.95
N GLU E 147 26.02 -1.43 -0.94
CA GLU E 147 25.84 -0.06 -0.49
C GLU E 147 25.47 0.83 -1.65
N GLY E 148 24.60 1.78 -1.38
CA GLY E 148 24.11 2.63 -2.44
C GLY E 148 23.05 3.57 -1.91
N VAL E 149 22.47 4.30 -2.85
CA VAL E 149 21.48 5.32 -2.59
C VAL E 149 20.38 5.19 -3.62
N VAL E 150 19.44 6.14 -3.59
CA VAL E 150 18.25 6.09 -4.40
C VAL E 150 17.96 7.48 -4.95
N ALA E 151 17.37 7.51 -6.13
CA ALA E 151 16.73 8.68 -6.64
C ALA E 151 15.42 8.29 -7.32
N PHE E 152 14.59 9.29 -7.51
CA PHE E 152 13.30 9.17 -8.15
C PHE E 152 13.29 9.99 -9.42
N LEU E 153 12.63 9.49 -10.44
CA LEU E 153 12.76 10.09 -11.75
C LEU E 153 11.51 9.93 -12.59
N ILE E 154 11.40 10.85 -13.53
CA ILE E 154 10.44 10.78 -14.61
C ILE E 154 11.21 10.55 -15.89
N LEU E 155 10.57 9.87 -16.82
CA LEU E 155 11.10 9.69 -18.17
C LEU E 155 10.08 10.15 -19.20
N PRO E 156 10.52 10.50 -20.39
CA PRO E 156 9.59 10.80 -21.47
C PRO E 156 9.05 9.51 -22.08
N GLN E 157 8.14 9.69 -23.03
CA GLN E 157 7.42 8.59 -23.66
C GLN E 157 8.07 8.22 -24.98
N ALA E 158 9.32 7.76 -24.90
CA ALA E 158 10.03 7.21 -26.04
C ALA E 158 10.48 5.78 -25.85
N LYS E 159 11.22 5.50 -24.77
CA LYS E 159 11.92 4.23 -24.60
C LYS E 159 12.02 3.92 -23.10
N LYS E 160 12.80 2.89 -22.77
CA LYS E 160 13.16 2.56 -21.41
C LYS E 160 14.64 2.81 -21.20
N ASP E 161 14.99 3.13 -19.96
CA ASP E 161 16.35 3.46 -19.59
C ASP E 161 16.68 2.86 -18.23
N TYR E 182 28.71 -13.10 -17.00
CA TYR E 182 28.08 -13.09 -15.68
C TYR E 182 28.51 -14.31 -14.87
N TYR E 183 29.25 -14.04 -13.81
CA TYR E 183 29.91 -15.08 -13.03
C TYR E 183 29.49 -15.12 -11.58
N SER E 184 29.46 -13.97 -10.91
CA SER E 184 29.10 -13.86 -9.50
C SER E 184 30.07 -14.65 -8.62
N THR E 185 31.29 -14.13 -8.60
CA THR E 185 32.37 -14.67 -7.78
C THR E 185 31.95 -14.78 -6.31
N THR E 186 32.56 -15.75 -5.62
CA THR E 186 32.49 -15.87 -4.18
C THR E 186 33.83 -15.52 -3.57
N ILE E 187 33.80 -14.86 -2.43
CA ILE E 187 34.99 -14.57 -1.64
C ILE E 187 34.61 -14.71 -0.18
N ARG E 188 35.58 -15.15 0.62
CA ARG E 188 35.35 -15.45 2.03
C ARG E 188 36.39 -14.77 2.89
N TYR E 189 36.07 -14.66 4.18
CA TYR E 189 36.89 -13.93 5.12
C TYR E 189 36.65 -14.45 6.53
N GLN E 190 37.48 -13.96 7.45
CA GLN E 190 37.23 -14.05 8.87
C GLN E 190 37.73 -12.78 9.51
N ALA E 191 37.23 -12.51 10.72
CA ALA E 191 37.58 -11.26 11.35
C ALA E 191 37.02 -11.23 12.77
N THR E 192 37.55 -10.29 13.55
CA THR E 192 37.14 -10.06 14.92
C THR E 192 37.15 -8.57 15.18
N GLY E 193 36.79 -8.19 16.41
CA GLY E 193 36.75 -6.79 16.79
C GLY E 193 35.51 -6.14 16.24
N PHE E 194 35.51 -5.94 14.93
CA PHE E 194 34.29 -5.79 14.16
C PHE E 194 33.48 -4.57 14.61
N GLY E 195 34.07 -3.41 14.33
CA GLY E 195 33.51 -2.14 14.73
C GLY E 195 34.47 -1.45 15.67
N THR E 196 35.75 -1.70 15.45
CA THR E 196 36.79 -1.34 16.39
C THR E 196 38.04 -0.91 15.63
N ASN E 197 38.82 -0.07 16.32
CA ASN E 197 40.20 0.16 15.91
C ASN E 197 41.09 -1.06 16.13
N GLU E 198 40.58 -2.09 16.81
CA GLU E 198 41.27 -3.37 16.97
C GLU E 198 40.76 -4.44 16.02
N THR E 199 39.94 -4.07 15.04
CA THR E 199 39.34 -5.06 14.16
C THR E 199 40.41 -5.79 13.38
N GLU E 200 40.29 -7.12 13.34
CA GLU E 200 41.19 -7.99 12.60
C GLU E 200 40.51 -8.50 11.36
N TYR E 201 41.31 -9.10 10.47
CA TYR E 201 40.81 -9.60 9.20
C TYR E 201 41.67 -10.76 8.74
N LEU E 202 41.04 -11.65 7.98
CA LEU E 202 41.74 -12.74 7.34
C LEU E 202 41.07 -13.09 6.03
N PHE E 203 41.86 -13.70 5.16
CA PHE E 203 41.40 -14.11 3.84
C PHE E 203 41.56 -15.61 3.67
N GLU E 204 40.55 -16.22 3.08
CA GLU E 204 40.51 -17.65 2.92
C GLU E 204 40.98 -18.06 1.54
N VAL E 205 41.79 -19.11 1.52
CA VAL E 205 42.02 -19.93 0.34
C VAL E 205 41.64 -21.38 0.60
N ASP E 206 41.91 -21.86 1.79
CA ASP E 206 41.77 -23.26 2.16
C ASP E 206 41.08 -23.33 3.52
N ASN E 207 40.98 -24.55 4.03
CA ASN E 207 40.58 -24.78 5.40
C ASN E 207 41.47 -23.99 6.36
N LEU E 208 42.77 -24.10 6.18
CA LEU E 208 43.76 -23.64 7.16
C LEU E 208 44.52 -22.43 6.72
N THR E 209 44.81 -22.34 5.44
CA THR E 209 45.68 -21.30 4.94
C THR E 209 44.92 -20.00 4.91
N TYR E 210 45.41 -19.02 5.66
CA TYR E 210 44.85 -17.69 5.68
C TYR E 210 46.01 -16.71 5.61
N VAL E 211 45.69 -15.43 5.79
CA VAL E 211 46.72 -14.41 5.77
C VAL E 211 46.16 -13.16 6.43
N GLN E 212 47.05 -12.43 7.11
CA GLN E 212 46.70 -11.11 7.60
C GLN E 212 46.43 -10.19 6.42
N LEU E 213 45.35 -9.45 6.52
CA LEU E 213 44.83 -8.70 5.39
C LEU E 213 45.35 -7.27 5.38
N GLU E 214 45.37 -6.67 4.19
CA GLU E 214 45.69 -5.28 4.01
C GLU E 214 44.66 -4.62 3.11
N SER E 215 44.48 -3.32 3.31
CA SER E 215 43.60 -2.54 2.46
C SER E 215 44.07 -2.49 1.02
N ARG E 216 45.36 -2.73 0.79
CA ARG E 216 45.88 -2.75 -0.58
C ARG E 216 45.20 -3.81 -1.40
N PHE E 217 44.96 -4.98 -0.81
CA PHE E 217 44.62 -6.16 -1.57
C PHE E 217 43.26 -6.01 -2.21
N THR E 218 43.23 -6.19 -3.52
CA THR E 218 42.02 -6.11 -4.31
C THR E 218 41.44 -7.50 -4.49
N PRO E 219 40.21 -7.59 -4.99
CA PRO E 219 39.68 -8.91 -5.34
C PRO E 219 40.52 -9.60 -6.38
N GLN E 220 41.09 -8.84 -7.31
CA GLN E 220 41.86 -9.43 -8.39
C GLN E 220 43.17 -9.98 -7.87
N PHE E 221 43.78 -9.27 -6.94
CA PHE E 221 45.05 -9.69 -6.39
C PHE E 221 44.90 -10.95 -5.59
N LEU E 222 43.86 -11.02 -4.79
CA LEU E 222 43.62 -12.19 -3.99
C LEU E 222 43.18 -13.36 -4.86
N LEU E 223 42.43 -13.05 -5.91
CA LEU E 223 42.07 -14.07 -6.88
C LEU E 223 43.30 -14.65 -7.54
N GLN E 224 44.29 -13.79 -7.80
CA GLN E 224 45.57 -14.26 -8.30
C GLN E 224 46.23 -15.15 -7.27
N LEU E 225 46.13 -14.79 -6.00
CA LEU E 225 46.71 -15.61 -4.95
C LEU E 225 45.97 -16.91 -4.73
N ASN E 226 44.82 -17.07 -5.37
CA ASN E 226 44.28 -18.41 -5.51
C ASN E 226 45.03 -19.24 -6.58
N GLU E 227 46.18 -18.78 -7.05
CA GLU E 227 47.10 -19.59 -7.84
C GLU E 227 48.43 -19.79 -7.15
N THR E 228 48.99 -18.73 -6.56
CA THR E 228 50.33 -18.76 -5.98
C THR E 228 50.41 -19.79 -4.85
N ILE E 229 49.67 -19.55 -3.78
CA ILE E 229 49.70 -20.47 -2.64
C ILE E 229 48.76 -21.64 -2.90
N TYR E 230 47.83 -21.49 -3.83
CA TYR E 230 47.09 -22.62 -4.34
C TYR E 230 48.03 -23.68 -4.88
N ALA E 231 49.15 -23.26 -5.45
CA ALA E 231 50.24 -24.16 -5.79
C ALA E 231 51.08 -24.48 -4.56
N SER E 232 51.56 -23.45 -3.85
CA SER E 232 52.45 -23.64 -2.73
C SER E 232 51.75 -24.04 -1.43
N GLY E 233 50.43 -24.23 -1.45
CA GLY E 233 49.72 -24.69 -0.28
C GLY E 233 49.83 -23.77 0.93
N PRO F 8 35.85 14.83 -6.96
CA PRO F 8 35.64 13.41 -6.67
C PRO F 8 35.66 12.55 -7.91
N LYS F 9 35.53 11.24 -7.70
CA LYS F 9 35.44 10.29 -8.79
C LYS F 9 34.00 10.10 -9.20
N CYS F 10 33.80 9.76 -10.47
CA CYS F 10 32.47 9.56 -11.02
C CYS F 10 32.60 8.72 -12.28
N ASN F 11 31.83 7.65 -12.36
CA ASN F 11 31.86 6.84 -13.56
C ASN F 11 30.84 7.36 -14.56
N PRO F 12 31.25 8.06 -15.62
CA PRO F 12 30.26 8.53 -16.59
C PRO F 12 29.54 7.40 -17.28
N ASN F 13 30.17 6.25 -17.40
CA ASN F 13 29.49 5.11 -17.99
C ASN F 13 28.51 4.53 -16.99
N LEU F 14 27.60 3.73 -17.51
CA LEU F 14 26.64 3.08 -16.65
C LEU F 14 26.13 1.81 -17.29
N HIS F 15 25.80 0.85 -16.45
CA HIS F 15 25.32 -0.46 -16.83
C HIS F 15 24.35 -0.86 -15.73
N PHE F 16 23.15 -1.30 -16.11
CA PHE F 16 22.08 -1.48 -15.16
C PHE F 16 21.34 -2.78 -15.43
N TRP F 17 20.35 -3.06 -14.58
CA TRP F 17 19.73 -4.37 -14.49
C TRP F 17 18.21 -4.27 -14.40
N THR F 18 17.58 -3.51 -15.29
CA THR F 18 16.14 -3.35 -15.19
C THR F 18 15.43 -4.66 -15.46
N THR F 19 14.10 -4.60 -15.33
CA THR F 19 13.27 -5.77 -15.03
C THR F 19 12.54 -6.37 -16.21
N GLN F 20 12.20 -5.57 -17.22
CA GLN F 20 11.09 -5.86 -18.12
C GLN F 20 9.79 -5.96 -17.30
N ASP F 21 9.45 -4.85 -16.67
CA ASP F 21 8.09 -4.68 -16.17
C ASP F 21 7.12 -4.75 -17.33
N GLU F 22 7.48 -4.13 -18.44
CA GLU F 22 6.79 -4.27 -19.70
C GLU F 22 7.88 -4.29 -20.78
N GLY F 23 7.47 -4.15 -22.02
CA GLY F 23 8.31 -4.50 -23.15
C GLY F 23 7.56 -5.58 -23.87
N ALA F 24 6.99 -6.49 -23.06
CA ALA F 24 5.94 -7.39 -23.52
C ALA F 24 6.41 -8.30 -24.65
N ALA F 25 7.71 -8.57 -24.69
CA ALA F 25 8.26 -9.55 -25.63
C ALA F 25 8.06 -10.94 -25.03
N ILE F 26 6.80 -11.37 -25.06
CA ILE F 26 6.35 -12.47 -24.24
C ILE F 26 5.66 -13.51 -25.08
N GLY F 27 6.00 -14.77 -24.83
CA GLY F 27 5.29 -15.90 -25.35
C GLY F 27 4.40 -16.48 -24.27
N LEU F 28 4.75 -17.68 -23.79
CA LEU F 28 4.04 -18.33 -22.72
C LEU F 28 4.86 -18.44 -21.44
N ALA F 29 6.13 -18.06 -21.48
CA ALA F 29 6.99 -18.18 -20.32
C ALA F 29 6.59 -17.28 -19.18
N TRP F 30 5.61 -16.40 -19.39
CA TRP F 30 5.06 -15.61 -18.31
C TRP F 30 4.52 -16.49 -17.19
N ILE F 31 4.10 -17.70 -17.52
CA ILE F 31 3.61 -18.59 -16.47
C ILE F 31 4.74 -18.88 -15.50
N PRO F 32 4.48 -19.03 -14.21
CA PRO F 32 5.56 -19.37 -13.29
C PRO F 32 6.11 -20.76 -13.52
N TYR F 33 5.21 -21.74 -13.53
CA TYR F 33 5.61 -23.14 -13.42
C TYR F 33 6.58 -23.54 -14.50
N PHE F 34 6.51 -22.92 -15.65
CA PHE F 34 7.43 -23.15 -16.75
C PHE F 34 8.42 -22.02 -16.92
N GLY F 35 8.42 -21.04 -16.03
CA GLY F 35 9.25 -19.88 -16.18
C GLY F 35 10.56 -20.04 -15.43
N PRO F 36 11.46 -19.08 -15.59
CA PRO F 36 12.68 -19.06 -14.80
C PRO F 36 12.36 -18.78 -13.34
N ALA F 37 13.39 -18.94 -12.51
CA ALA F 37 13.17 -18.87 -11.07
C ALA F 37 13.16 -17.42 -10.59
N ALA F 38 14.30 -16.76 -10.67
CA ALA F 38 14.40 -15.35 -10.36
C ALA F 38 15.41 -14.64 -11.25
N GLU F 39 16.00 -15.33 -12.22
CA GLU F 39 17.14 -14.82 -12.95
C GLU F 39 16.92 -15.08 -14.42
N GLY F 40 17.73 -14.42 -15.24
CA GLY F 40 17.42 -14.32 -16.65
C GLY F 40 16.16 -13.53 -16.91
N ILE F 41 15.71 -12.76 -15.92
CA ILE F 41 14.47 -12.01 -16.00
C ILE F 41 14.74 -10.51 -16.06
N TYR F 42 15.83 -10.06 -15.47
CA TYR F 42 16.18 -8.66 -15.45
C TYR F 42 16.96 -8.33 -16.70
N THR F 43 16.40 -7.44 -17.51
CA THR F 43 17.14 -6.89 -18.63
C THR F 43 18.38 -6.19 -18.13
N GLU F 44 19.43 -6.24 -18.94
CA GLU F 44 20.74 -5.71 -18.59
C GLU F 44 21.13 -4.70 -19.65
N GLY F 45 20.66 -3.48 -19.46
CA GLY F 45 20.90 -2.44 -20.42
C GLY F 45 22.14 -1.64 -20.08
N LEU F 46 22.82 -1.20 -21.12
CA LEU F 46 24.02 -0.41 -21.02
C LEU F 46 23.70 1.05 -21.29
N MET F 47 24.67 1.91 -21.00
CA MET F 47 24.48 3.34 -21.25
C MET F 47 25.80 4.04 -21.46
N HIS F 48 25.84 4.93 -22.45
CA HIS F 48 27.01 5.75 -22.75
C HIS F 48 26.63 7.16 -23.14
N ASN F 49 25.53 7.66 -22.58
CA ASN F 49 25.04 8.99 -22.93
C ASN F 49 25.87 10.04 -22.23
N GLN F 50 25.35 11.27 -22.18
CA GLN F 50 26.01 12.41 -21.55
C GLN F 50 26.67 12.02 -20.23
N ASP F 51 27.90 12.47 -20.08
CA ASP F 51 28.75 12.00 -19.00
C ASP F 51 28.39 12.68 -17.70
N GLY F 52 28.41 14.02 -17.69
CA GLY F 52 28.06 14.77 -16.49
C GLY F 52 26.63 14.56 -16.07
N LEU F 53 25.78 14.09 -16.98
CA LEU F 53 24.41 13.74 -16.64
C LEU F 53 24.35 12.81 -15.43
N ILE F 54 25.03 11.68 -15.53
CA ILE F 54 24.94 10.68 -14.48
C ILE F 54 25.70 11.13 -13.26
N CYS F 55 26.71 11.98 -13.41
CA CYS F 55 27.37 12.48 -12.24
C CYS F 55 26.42 13.36 -11.44
N GLY F 56 25.71 14.25 -12.12
CA GLY F 56 24.67 15.00 -11.47
C GLY F 56 23.59 14.10 -10.92
N LEU F 57 23.38 12.96 -11.56
CA LEU F 57 22.37 12.02 -11.09
C LEU F 57 22.77 11.39 -9.77
N ARG F 58 24.00 10.89 -9.70
CA ARG F 58 24.51 10.31 -8.48
C ARG F 58 24.47 11.35 -7.38
N GLN F 59 24.86 12.57 -7.72
CA GLN F 59 24.76 13.69 -6.80
C GLN F 59 23.34 13.82 -6.30
N LEU F 60 22.39 13.73 -7.23
CA LEU F 60 21.00 13.96 -6.88
C LEU F 60 20.51 12.94 -5.88
N ALA F 61 20.90 11.69 -6.09
CA ALA F 61 20.48 10.63 -5.18
C ALA F 61 21.07 10.85 -3.81
N ASN F 62 22.36 11.19 -3.78
CA ASN F 62 23.04 11.43 -2.52
C ASN F 62 22.37 12.54 -1.76
N GLU F 63 21.82 13.52 -2.47
CA GLU F 63 21.11 14.60 -1.82
C GLU F 63 19.75 14.13 -1.34
N THR F 64 19.10 13.34 -2.17
CA THR F 64 17.73 12.90 -1.91
C THR F 64 17.65 12.06 -0.65
N THR F 65 18.74 11.38 -0.34
CA THR F 65 18.84 10.49 0.82
C THR F 65 18.27 11.11 2.07
N GLN F 66 18.49 12.40 2.26
CA GLN F 66 18.14 13.05 3.50
C GLN F 66 16.66 13.00 3.73
N ALA F 67 15.91 13.63 2.84
CA ALA F 67 14.47 13.64 2.96
C ALA F 67 13.91 12.25 2.91
N LEU F 68 14.60 11.35 2.22
CA LEU F 68 14.12 9.98 2.14
C LEU F 68 14.12 9.32 3.51
N GLN F 69 15.23 9.48 4.22
CA GLN F 69 15.32 8.92 5.57
C GLN F 69 14.32 9.59 6.48
N LEU F 70 14.12 10.89 6.30
CA LEU F 70 13.17 11.58 7.16
C LEU F 70 11.78 11.03 6.93
N PHE F 71 11.49 10.69 5.69
CA PHE F 71 10.18 10.15 5.37
C PHE F 71 9.98 8.80 6.03
N LEU F 72 10.94 7.91 5.85
CA LEU F 72 10.79 6.57 6.40
C LEU F 72 10.78 6.62 7.91
N ARG F 73 11.60 7.49 8.47
CA ARG F 73 11.58 7.76 9.89
C ARG F 73 10.21 8.23 10.32
N ALA F 74 9.53 8.95 9.45
CA ALA F 74 8.29 9.64 9.77
C ALA F 74 7.07 8.79 9.49
N THR F 75 7.22 7.47 9.49
CA THR F 75 6.06 6.58 9.41
C THR F 75 6.29 5.40 10.32
N THR F 76 5.37 4.45 10.22
CA THR F 76 5.46 3.17 10.88
C THR F 76 5.51 2.02 9.89
N GLU F 77 5.30 2.29 8.61
CA GLU F 77 5.38 1.26 7.60
C GLU F 77 6.74 0.60 7.64
N LEU F 78 6.75 -0.70 7.38
CA LEU F 78 8.01 -1.36 7.11
C LEU F 78 8.39 -1.21 5.65
N ARG F 79 7.58 -1.79 4.79
CA ARG F 79 7.92 -1.99 3.40
C ARG F 79 7.10 -0.99 2.59
N THR F 80 7.67 0.19 2.41
CA THR F 80 7.03 1.20 1.61
C THR F 80 6.93 0.75 0.16
N PHE F 81 5.82 1.10 -0.46
CA PHE F 81 5.63 0.92 -1.88
C PHE F 81 4.84 2.06 -2.51
N SER F 82 4.51 3.10 -1.75
CA SER F 82 3.46 4.04 -2.12
C SER F 82 4.02 5.40 -2.49
N ILE F 83 5.31 5.48 -2.76
CA ILE F 83 5.94 6.78 -2.97
C ILE F 83 5.47 7.38 -4.27
N LEU F 84 5.75 6.68 -5.37
CA LEU F 84 5.60 7.29 -6.68
C LEU F 84 4.16 7.65 -6.96
N ASN F 85 3.23 6.83 -6.46
CA ASN F 85 1.83 7.17 -6.57
C ASN F 85 1.54 8.48 -5.85
N ARG F 86 2.13 8.63 -4.67
CA ARG F 86 1.94 9.87 -3.92
C ARG F 86 2.52 11.05 -4.67
N LYS F 87 3.67 10.86 -5.30
CA LYS F 87 4.29 11.95 -6.04
C LYS F 87 3.43 12.33 -7.22
N ALA F 88 2.85 11.34 -7.86
CA ALA F 88 2.02 11.59 -9.03
C ALA F 88 0.82 12.43 -8.65
N ILE F 89 0.13 11.99 -7.60
CA ILE F 89 -1.07 12.70 -7.19
C ILE F 89 -0.73 14.08 -6.68
N ASP F 90 0.45 14.22 -6.07
CA ASP F 90 0.92 15.54 -5.67
C ASP F 90 1.07 16.43 -6.89
N PHE F 91 1.63 15.88 -7.95
CA PHE F 91 1.81 16.67 -9.16
C PHE F 91 0.46 17.06 -9.74
N LEU F 92 -0.50 16.16 -9.65
CA LEU F 92 -1.85 16.46 -10.14
C LEU F 92 -2.42 17.66 -9.41
N LEU F 93 -2.40 17.61 -8.08
CA LEU F 93 -2.89 18.73 -7.30
C LEU F 93 -2.12 20.00 -7.62
N GLN F 94 -0.81 19.88 -7.75
CA GLN F 94 0.04 21.01 -8.08
C GLN F 94 -0.32 21.60 -9.43
N ARG F 95 -0.95 20.82 -10.29
CA ARG F 95 -1.51 21.30 -11.53
C ARG F 95 -3.03 21.41 -11.49
N TRP F 96 -3.69 20.76 -10.54
CA TRP F 96 -5.14 20.78 -10.46
C TRP F 96 -5.60 20.69 -9.01
N ASP G 1 15.39 24.64 17.99
CA ASP G 1 14.91 24.05 19.27
C ASP G 1 16.07 23.94 20.25
N ILE G 2 17.26 23.70 19.73
CA ILE G 2 18.45 23.56 20.55
C ILE G 2 19.12 24.92 20.68
N VAL G 3 19.80 25.10 21.81
CA VAL G 3 20.48 26.34 22.13
C VAL G 3 21.86 26.00 22.65
N LEU G 4 22.80 26.87 22.36
CA LEU G 4 24.18 26.71 22.77
C LEU G 4 24.48 27.57 23.98
N THR G 5 25.70 27.44 24.48
CA THR G 5 26.20 28.33 25.52
C THR G 5 27.70 28.44 25.33
N GLN G 6 28.14 29.52 24.69
CA GLN G 6 29.53 29.87 24.74
C GLN G 6 29.91 30.18 26.18
N SER G 7 31.11 29.79 26.54
CA SER G 7 31.62 30.18 27.83
C SER G 7 33.14 30.03 27.84
N PRO G 8 33.90 31.05 28.27
CA PRO G 8 33.53 32.36 28.80
C PRO G 8 32.96 33.27 27.74
N SER G 9 32.41 34.39 28.19
CA SER G 9 31.87 35.38 27.27
C SER G 9 32.97 35.96 26.40
N THR G 10 34.16 36.12 26.97
CA THR G 10 35.27 36.72 26.25
C THR G 10 36.55 36.37 26.99
N LEU G 11 37.63 37.08 26.61
CA LEU G 11 38.85 37.02 27.38
C LEU G 11 39.70 38.23 27.07
N SER G 12 40.48 38.64 28.06
CA SER G 12 41.44 39.72 27.97
C SER G 12 42.77 39.13 28.43
N ALA G 13 43.54 38.61 27.49
CA ALA G 13 44.76 37.91 27.80
C ALA G 13 45.82 38.26 26.77
N SER G 14 47.04 37.81 27.04
CA SER G 14 48.22 38.27 26.33
C SER G 14 48.86 37.12 25.57
N VAL G 15 49.85 37.48 24.75
CA VAL G 15 50.47 36.57 23.82
C VAL G 15 51.23 35.49 24.58
N GLY G 16 51.36 34.32 23.96
CA GLY G 16 52.10 33.22 24.50
C GLY G 16 51.30 32.35 25.45
N ASP G 17 50.30 32.93 26.10
CA ASP G 17 49.41 32.18 26.97
C ASP G 17 48.73 31.07 26.18
N ARG G 18 48.20 30.10 26.92
CA ARG G 18 47.30 29.10 26.37
C ARG G 18 45.91 29.34 26.92
N VAL G 19 44.91 29.12 26.07
CA VAL G 19 43.53 29.37 26.41
C VAL G 19 42.68 28.24 25.88
N THR G 20 41.70 27.85 26.68
CA THR G 20 40.63 26.98 26.26
C THR G 20 39.33 27.76 26.33
N ILE G 21 38.42 27.43 25.43
CA ILE G 21 37.07 27.95 25.49
C ILE G 21 36.11 26.78 25.45
N THR G 22 35.04 26.90 26.20
CA THR G 22 34.00 25.90 26.29
C THR G 22 32.82 26.30 25.43
N CYS G 23 31.99 25.32 25.13
CA CYS G 23 30.77 25.57 24.38
C CYS G 23 29.82 24.44 24.70
N ARG G 24 28.71 24.77 25.35
CA ARG G 24 27.72 23.80 25.76
C ARG G 24 26.47 23.91 24.92
N ALA G 25 25.59 22.93 25.10
CA ALA G 25 24.32 22.90 24.40
C ALA G 25 23.26 22.33 25.32
N SER G 26 22.02 22.49 24.88
CA SER G 26 20.88 21.97 25.61
C SER G 26 20.62 20.50 25.32
N GLN G 27 21.30 19.90 24.35
CA GLN G 27 21.04 18.52 23.98
C GLN G 27 22.32 17.88 23.46
N SER G 28 22.36 16.57 23.57
CA SER G 28 23.58 15.84 23.25
C SER G 28 23.84 15.86 21.76
N ILE G 29 25.11 15.97 21.41
CA ILE G 29 25.55 16.07 20.02
C ILE G 29 26.82 15.27 19.89
N SER G 30 27.02 14.72 18.69
CA SER G 30 28.21 13.99 18.34
C SER G 30 29.33 14.97 18.01
N SER G 31 30.36 14.49 17.33
CA SER G 31 31.42 15.35 16.81
C SER G 31 30.97 16.06 15.53
N TRP G 32 29.89 16.84 15.65
CA TRP G 32 29.30 17.59 14.56
C TRP G 32 29.26 19.05 14.94
N LEU G 33 30.40 19.58 15.34
CA LEU G 33 30.51 20.97 15.74
C LEU G 33 31.64 21.64 14.99
N ALA G 34 31.58 22.96 14.96
CA ALA G 34 32.53 23.77 14.22
C ALA G 34 32.93 24.98 15.05
N TRP G 35 33.89 25.72 14.51
CA TRP G 35 34.43 26.92 15.13
C TRP G 35 34.80 27.90 14.04
N TYR G 36 34.84 29.17 14.40
CA TYR G 36 35.09 30.22 13.44
C TYR G 36 35.86 31.36 14.08
N GLN G 37 36.26 32.30 13.23
CA GLN G 37 36.78 33.57 13.68
C GLN G 37 36.31 34.67 12.75
N GLN G 38 36.27 35.88 13.28
CA GLN G 38 35.98 37.08 12.52
C GLN G 38 36.32 38.26 13.39
N LYS G 39 36.58 39.39 12.76
CA LYS G 39 36.99 40.60 13.45
C LYS G 39 36.01 41.74 13.18
N PRO G 40 36.10 42.85 13.89
CA PRO G 40 35.07 43.88 13.75
C PRO G 40 35.10 44.53 12.38
N GLY G 41 34.54 43.81 11.41
CA GLY G 41 34.38 44.30 10.06
C GLY G 41 34.72 43.21 9.07
N GLU G 42 35.52 42.25 9.49
CA GLU G 42 36.02 41.25 8.58
C GLU G 42 34.99 40.16 8.32
N ALA G 43 35.04 39.60 7.13
CA ALA G 43 34.26 38.42 6.85
C ALA G 43 34.86 37.24 7.62
N PRO G 44 34.04 36.34 8.16
CA PRO G 44 34.61 35.28 9.00
C PRO G 44 35.46 34.25 8.31
N LYS G 45 35.89 33.27 9.10
CA LYS G 45 36.72 32.19 8.62
C LYS G 45 36.42 30.94 9.42
N LEU G 46 36.61 29.80 8.78
CA LEU G 46 36.42 28.52 9.41
C LEU G 46 37.69 28.04 10.05
N LEU G 47 37.53 27.29 11.13
CA LEU G 47 38.64 26.80 11.92
C LEU G 47 38.65 25.29 12.06
N ILE G 48 37.56 24.70 12.52
CA ILE G 48 37.47 23.25 12.69
C ILE G 48 36.12 22.77 12.18
N SER G 49 36.14 21.58 11.61
CA SER G 49 34.95 20.83 11.25
C SER G 49 34.86 19.63 12.16
N ASP G 50 33.63 19.22 12.49
CA ASP G 50 33.39 18.04 13.34
C ASP G 50 33.87 18.15 14.78
N ALA G 51 34.37 19.32 15.15
CA ALA G 51 34.86 19.55 16.51
C ALA G 51 36.32 19.20 16.73
N SER G 52 36.96 18.53 15.76
CA SER G 52 38.39 18.30 15.84
C SER G 52 39.12 18.38 14.52
N SER G 53 38.44 18.33 13.39
CA SER G 53 39.12 18.26 12.10
C SER G 53 39.58 19.65 11.72
N LEU G 54 40.88 19.90 11.86
CA LEU G 54 41.41 21.21 11.55
C LEU G 54 41.28 21.48 10.06
N GLU G 55 41.25 22.76 9.73
CA GLU G 55 41.16 23.19 8.36
C GLU G 55 42.53 23.38 7.74
N SER G 56 42.52 23.58 6.43
CA SER G 56 43.73 23.82 5.69
C SER G 56 44.21 25.25 5.89
N GLY G 57 45.53 25.42 5.85
CA GLY G 57 46.10 26.75 5.94
C GLY G 57 45.94 27.39 7.28
N VAL G 58 45.82 26.60 8.34
CA VAL G 58 45.60 27.11 9.69
C VAL G 58 46.75 26.65 10.57
N PRO G 59 47.21 27.45 11.55
CA PRO G 59 48.19 26.94 12.50
C PRO G 59 47.68 25.73 13.25
N SER G 60 48.62 24.87 13.62
CA SER G 60 48.29 23.70 14.41
C SER G 60 48.02 24.03 15.87
N ARG G 61 48.25 25.27 16.29
CA ARG G 61 47.94 25.67 17.66
C ARG G 61 46.46 25.51 17.94
N PHE G 62 45.64 25.65 16.91
CA PHE G 62 44.21 25.57 17.06
C PHE G 62 43.79 24.13 17.29
N SER G 63 43.09 23.90 18.40
CA SER G 63 42.66 22.55 18.70
C SER G 63 41.51 22.60 19.70
N GLY G 64 40.61 21.64 19.58
CA GLY G 64 39.47 21.54 20.47
C GLY G 64 38.95 20.13 20.42
N SER G 65 37.99 19.86 21.29
CA SER G 65 37.43 18.52 21.39
C SER G 65 36.19 18.58 22.26
N GLY G 66 35.64 17.40 22.51
CA GLY G 66 34.46 17.23 23.33
C GLY G 66 33.56 16.18 22.73
N SER G 67 32.38 16.07 23.32
CA SER G 67 31.35 15.15 22.85
C SER G 67 30.09 15.45 23.65
N GLY G 68 28.97 14.94 23.15
CA GLY G 68 27.72 15.16 23.83
C GLY G 68 27.33 16.61 23.79
N THR G 69 27.48 17.29 24.92
CA THR G 69 27.17 18.70 25.06
C THR G 69 28.40 19.54 25.33
N GLU G 70 29.33 19.04 26.12
CA GLU G 70 30.52 19.78 26.45
C GLU G 70 31.50 19.73 25.29
N PHE G 71 32.00 20.90 24.90
CA PHE G 71 32.94 20.99 23.81
C PHE G 71 33.89 22.12 24.07
N THR G 72 35.12 21.92 23.63
CA THR G 72 36.26 22.71 24.03
C THR G 72 36.93 23.35 22.82
N LEU G 73 37.84 24.26 23.10
CA LEU G 73 38.70 24.77 22.05
C LEU G 73 39.97 25.34 22.71
N THR G 74 41.05 24.58 22.63
CA THR G 74 42.29 24.91 23.30
C THR G 74 43.31 25.41 22.30
N ILE G 75 43.92 26.56 22.60
CA ILE G 75 44.99 27.11 21.78
C ILE G 75 46.08 27.60 22.70
N SER G 76 47.27 27.05 22.53
CA SER G 76 48.48 27.57 23.16
C SER G 76 49.06 28.69 22.32
N SER G 77 49.99 29.43 22.93
CA SER G 77 50.95 30.27 22.20
C SER G 77 50.25 31.24 21.25
N LEU G 78 49.50 32.14 21.86
CA LEU G 78 48.59 32.98 21.12
C LEU G 78 49.37 33.95 20.23
N GLN G 79 48.61 34.76 19.50
CA GLN G 79 49.16 35.73 18.58
C GLN G 79 48.25 36.94 18.58
N PRO G 80 48.68 38.03 17.94
CA PRO G 80 47.73 39.13 17.69
C PRO G 80 46.61 38.71 16.78
N ASP G 81 46.93 37.95 15.73
CA ASP G 81 45.90 37.49 14.81
C ASP G 81 44.89 36.61 15.51
N ASP G 82 45.31 35.92 16.56
CA ASP G 82 44.44 35.05 17.31
C ASP G 82 43.39 35.81 18.11
N PHE G 83 43.49 37.14 18.21
CA PHE G 83 42.64 37.94 19.07
C PHE G 83 41.40 38.43 18.35
N ALA G 84 40.92 37.68 17.37
CA ALA G 84 39.62 37.94 16.80
C ALA G 84 38.54 37.47 17.78
N THR G 85 37.29 37.65 17.36
CA THR G 85 36.16 37.05 18.04
C THR G 85 35.88 35.70 17.41
N TYR G 86 35.52 34.74 18.24
CA TYR G 86 35.32 33.37 17.82
C TYR G 86 33.90 32.94 18.14
N TYR G 87 33.45 31.92 17.42
CA TYR G 87 32.08 31.46 17.50
C TYR G 87 32.03 29.95 17.43
N CYS G 88 30.85 29.41 17.74
CA CYS G 88 30.63 27.99 17.94
C CYS G 88 29.34 27.61 17.22
N GLN G 89 29.45 26.97 16.06
CA GLN G 89 28.31 26.68 15.21
C GLN G 89 27.89 25.23 15.37
N GLN G 90 26.76 25.04 16.05
CA GLN G 90 26.07 23.77 15.97
C GLN G 90 25.69 23.47 14.54
N TYR G 91 25.74 22.20 14.17
CA TYR G 91 25.07 21.80 12.94
C TYR G 91 24.48 20.40 13.05
N TYR G 92 24.05 20.02 14.25
CA TYR G 92 23.46 18.70 14.45
C TYR G 92 22.10 18.62 13.79
N SER G 93 21.18 19.45 14.28
CA SER G 93 19.79 19.45 13.86
C SER G 93 19.38 20.75 13.24
N SER G 94 20.05 21.85 13.58
CA SER G 94 19.81 23.11 12.92
C SER G 94 21.08 23.93 13.06
N PRO G 95 21.44 24.71 12.08
CA PRO G 95 22.69 25.45 12.18
C PRO G 95 22.56 26.58 13.17
N THR G 96 22.79 26.26 14.43
CA THR G 96 22.60 27.18 15.52
C THR G 96 23.92 27.80 15.94
N PHE G 97 23.86 29.07 16.32
CA PHE G 97 24.97 29.81 16.87
C PHE G 97 24.66 30.20 18.30
N GLY G 98 25.54 31.01 18.88
CA GLY G 98 25.25 31.61 20.17
C GLY G 98 25.95 32.92 20.39
N GLY G 99 26.25 33.23 21.64
CA GLY G 99 26.73 34.55 22.01
C GLY G 99 28.11 34.88 21.55
N GLY G 100 28.82 33.96 20.93
CA GLY G 100 30.16 34.24 20.48
C GLY G 100 31.13 34.49 21.60
N THR G 101 32.40 34.64 21.25
CA THR G 101 33.48 34.73 22.22
C THR G 101 34.54 35.70 21.72
N LYS G 102 34.67 36.82 22.41
CA LYS G 102 35.59 37.87 22.02
C LYS G 102 36.93 37.69 22.73
N VAL G 103 37.96 38.26 22.15
CA VAL G 103 39.31 38.19 22.68
C VAL G 103 39.92 39.58 22.69
N GLU G 104 40.78 39.82 23.67
CA GLU G 104 41.54 41.06 23.70
C GLU G 104 42.77 40.87 24.58
N ILE G 105 43.43 41.98 24.87
CA ILE G 105 44.54 42.06 25.80
C ILE G 105 44.06 42.89 26.98
N LYS G 106 44.72 42.73 28.12
CA LYS G 106 44.59 43.63 29.27
C LYS G 106 44.44 45.10 28.87
N GLN H 1 41.06 31.17 -5.27
CA GLN H 1 40.22 30.77 -6.44
C GLN H 1 38.77 31.03 -6.13
N VAL H 2 38.36 30.55 -4.97
CA VAL H 2 36.99 30.70 -4.52
C VAL H 2 36.75 32.18 -4.34
N GLN H 3 35.93 32.75 -5.23
CA GLN H 3 35.77 34.18 -5.34
C GLN H 3 34.28 34.48 -5.24
N LEU H 4 33.82 34.68 -4.01
CA LEU H 4 32.47 35.17 -3.80
C LEU H 4 32.40 36.64 -4.18
N VAL H 5 31.22 37.04 -4.61
CA VAL H 5 30.93 38.43 -4.96
C VAL H 5 29.61 38.78 -4.30
N GLN H 6 29.68 39.34 -3.11
CA GLN H 6 28.49 39.85 -2.46
C GLN H 6 28.11 41.17 -3.11
N SER H 7 26.84 41.27 -3.52
CA SER H 7 26.35 42.49 -4.13
C SER H 7 26.45 43.65 -3.14
N GLY H 8 26.27 44.85 -3.67
CA GLY H 8 26.22 46.03 -2.84
C GLY H 8 24.94 46.11 -2.05
N VAL H 9 24.80 47.22 -1.32
CA VAL H 9 23.73 47.41 -0.35
C VAL H 9 22.74 48.42 -0.90
N THR H 10 21.50 48.29 -0.47
CA THR H 10 20.42 49.18 -0.88
C THR H 10 19.49 49.40 0.30
N LEU H 11 18.96 50.61 0.39
CA LEU H 11 17.93 50.92 1.36
C LEU H 11 16.56 50.57 0.79
N VAL H 12 15.73 50.00 1.64
CA VAL H 12 14.37 49.63 1.27
C VAL H 12 13.48 49.98 2.44
N GLN H 13 12.26 50.40 2.15
CA GLN H 13 11.37 50.80 3.20
C GLN H 13 10.85 49.58 3.94
N PRO H 14 10.24 49.76 5.10
CA PRO H 14 9.58 48.64 5.77
C PRO H 14 8.47 48.07 4.90
N GLY H 15 8.30 46.76 5.00
CA GLY H 15 7.35 46.07 4.16
C GLY H 15 7.79 45.88 2.72
N GLY H 16 8.95 46.41 2.33
CA GLY H 16 9.39 46.35 0.97
C GLY H 16 9.86 44.98 0.56
N SER H 17 10.82 44.94 -0.36
CA SER H 17 11.30 43.68 -0.92
C SER H 17 12.62 43.93 -1.61
N LEU H 18 13.25 42.84 -2.02
CA LEU H 18 14.60 42.92 -2.55
C LEU H 18 14.99 41.58 -3.15
N ARG H 19 15.86 41.63 -4.16
CA ARG H 19 16.49 40.45 -4.72
C ARG H 19 17.99 40.61 -4.59
N VAL H 20 18.59 39.80 -3.72
CA VAL H 20 20.03 39.76 -3.61
C VAL H 20 20.60 38.92 -4.75
N SER H 21 21.87 39.15 -5.05
CA SER H 21 22.61 38.30 -5.97
C SER H 21 24.05 38.22 -5.49
N CYS H 22 24.43 37.05 -4.99
CA CYS H 22 25.83 36.72 -4.76
C CYS H 22 26.29 35.83 -5.91
N ALA H 23 27.48 36.13 -6.42
CA ALA H 23 28.09 35.34 -7.47
C ALA H 23 29.36 34.68 -6.94
N ALA H 24 29.75 33.62 -7.62
CA ALA H 24 30.87 32.80 -7.18
C ALA H 24 31.65 32.31 -8.37
N SER H 25 32.90 31.97 -8.10
CA SER H 25 33.78 31.39 -9.09
C SER H 25 35.00 30.85 -8.38
N GLY H 26 35.58 29.81 -8.98
CA GLY H 26 36.73 29.13 -8.43
C GLY H 26 36.50 27.65 -8.23
N PHE H 27 35.37 27.11 -8.63
CA PHE H 27 35.05 25.72 -8.39
C PHE H 27 33.80 25.37 -9.18
N THR H 28 33.28 24.17 -8.95
CA THR H 28 32.04 23.75 -9.57
C THR H 28 30.89 24.30 -8.75
N PHE H 29 30.25 25.34 -9.27
CA PHE H 29 29.18 26.01 -8.55
C PHE H 29 28.03 25.09 -8.23
N SER H 30 27.84 24.05 -9.03
CA SER H 30 26.73 23.13 -8.83
C SER H 30 27.03 22.10 -7.76
N SER H 31 28.28 21.70 -7.63
CA SER H 31 28.62 20.60 -6.75
C SER H 31 28.43 20.96 -5.28
N TYR H 32 28.36 22.24 -4.97
CA TYR H 32 28.24 22.70 -3.60
C TYR H 32 26.94 23.44 -3.42
N ALA H 33 26.54 23.53 -2.18
CA ALA H 33 25.38 24.29 -1.78
C ALA H 33 25.80 25.62 -1.19
N MET H 34 24.80 26.44 -0.90
CA MET H 34 25.02 27.75 -0.36
C MET H 34 23.90 28.02 0.65
N SER H 35 23.98 29.19 1.28
CA SER H 35 23.00 29.54 2.30
C SER H 35 23.08 31.03 2.53
N TRP H 36 22.44 31.49 3.60
CA TRP H 36 22.53 32.87 4.01
C TRP H 36 22.51 32.96 5.52
N VAL H 37 23.35 33.82 6.05
CA VAL H 37 23.42 34.10 7.47
C VAL H 37 23.51 35.61 7.61
N ARG H 38 23.01 36.10 8.73
CA ARG H 38 22.96 37.53 8.98
C ARG H 38 23.59 37.85 10.32
N GLN H 39 24.11 39.06 10.40
CA GLN H 39 24.63 39.62 11.63
C GLN H 39 24.18 41.07 11.68
N ALA H 40 23.26 41.37 12.56
CA ALA H 40 22.95 42.75 12.81
C ALA H 40 24.13 43.39 13.54
N PRO H 41 24.21 44.71 13.54
CA PRO H 41 25.33 45.37 14.20
C PRO H 41 25.36 45.07 15.69
N GLY H 42 26.54 44.78 16.19
CA GLY H 42 26.70 44.47 17.60
C GLY H 42 25.97 43.21 17.99
N LYS H 43 25.85 42.25 17.08
CA LYS H 43 25.11 41.02 17.32
C LYS H 43 25.88 39.84 16.79
N GLY H 44 25.39 38.66 17.14
CA GLY H 44 25.93 37.42 16.65
C GLY H 44 25.28 37.03 15.35
N LEU H 45 25.36 35.75 15.05
CA LEU H 45 24.93 35.22 13.76
C LEU H 45 23.55 34.62 13.84
N GLU H 46 22.99 34.37 12.67
CA GLU H 46 21.66 33.80 12.58
C GLU H 46 21.47 33.20 11.21
N TRP H 47 21.28 31.90 11.15
CA TRP H 47 21.03 31.27 9.86
C TRP H 47 19.70 31.72 9.32
N VAL H 48 19.65 31.85 8.02
CA VAL H 48 18.47 32.31 7.31
C VAL H 48 17.82 31.17 6.58
N SER H 49 18.52 30.59 5.63
CA SER H 49 17.92 29.62 4.73
C SER H 49 19.04 29.03 3.90
N ALA H 50 18.72 27.94 3.22
CA ALA H 50 19.73 27.22 2.46
C ALA H 50 19.07 26.43 1.37
N ILE H 51 19.91 25.89 0.50
CA ILE H 51 19.51 25.32 -0.76
C ILE H 51 20.32 24.06 -0.99
N SER H 52 19.80 23.18 -1.84
CA SER H 52 20.58 22.07 -2.31
C SER H 52 21.67 22.56 -3.25
N GLY H 53 22.54 21.65 -3.64
CA GLY H 53 23.52 22.00 -4.63
C GLY H 53 22.96 22.21 -6.02
N LEU H 54 21.70 21.82 -6.24
CA LEU H 54 21.05 21.92 -7.53
C LEU H 54 19.74 22.68 -7.52
N GLY H 55 19.15 22.89 -6.35
CA GLY H 55 17.97 23.72 -6.21
C GLY H 55 16.71 22.97 -5.84
N GLY H 56 16.76 21.64 -5.78
CA GLY H 56 15.61 20.89 -5.33
C GLY H 56 15.25 21.24 -3.92
N SER H 57 16.11 20.87 -2.97
CA SER H 57 15.77 21.07 -1.58
C SER H 57 16.04 22.50 -1.16
N THR H 58 15.11 23.05 -0.42
CA THR H 58 15.25 24.31 0.26
C THR H 58 15.08 24.09 1.74
N TYR H 59 15.67 25.00 2.50
CA TYR H 59 15.56 24.97 3.94
C TYR H 59 15.54 26.39 4.43
N TYR H 60 14.60 26.69 5.30
CA TYR H 60 14.40 28.02 5.82
C TYR H 60 14.36 27.97 7.34
N ALA H 61 14.86 29.02 7.95
CA ALA H 61 14.66 29.18 9.38
C ALA H 61 13.19 29.47 9.66
N ASP H 62 12.80 29.19 10.91
CA ASP H 62 11.41 29.35 11.30
C ASP H 62 11.02 30.82 11.30
N SER H 63 11.94 31.68 11.70
CA SER H 63 11.61 33.08 11.93
C SER H 63 11.22 33.82 10.66
N VAL H 64 11.59 33.29 9.50
CA VAL H 64 11.43 33.99 8.23
C VAL H 64 10.76 33.09 7.21
N LYS H 65 10.16 32.01 7.67
CA LYS H 65 9.56 31.06 6.76
C LYS H 65 8.43 31.72 5.99
N GLY H 66 8.49 31.61 4.65
CA GLY H 66 7.55 32.23 3.78
C GLY H 66 7.91 33.65 3.39
N ARG H 67 8.55 34.38 4.29
CA ARG H 67 8.94 35.74 3.98
C ARG H 67 10.05 35.78 2.95
N PHE H 68 10.93 34.79 2.95
CA PHE H 68 12.12 34.80 2.12
C PHE H 68 12.08 33.62 1.18
N THR H 69 12.65 33.85 0.00
CA THR H 69 12.65 32.86 -1.07
C THR H 69 14.05 32.78 -1.64
N ILE H 70 14.70 31.67 -1.38
CA ILE H 70 16.04 31.43 -1.89
C ILE H 70 15.97 30.95 -3.32
N SER H 71 17.04 31.16 -4.06
CA SER H 71 17.17 30.63 -5.41
C SER H 71 18.59 30.84 -5.90
N ARG H 72 18.96 30.05 -6.90
CA ARG H 72 20.27 30.10 -7.50
C ARG H 72 20.12 29.98 -9.01
N ASP H 73 21.26 29.94 -9.69
CA ASP H 73 21.32 29.64 -11.11
C ASP H 73 22.66 28.97 -11.35
N ASN H 74 22.61 27.65 -11.55
CA ASN H 74 23.83 26.89 -11.80
C ASN H 74 24.51 27.37 -13.07
N SER H 75 23.73 27.68 -14.09
CA SER H 75 24.30 28.07 -15.38
C SER H 75 25.11 29.34 -15.26
N LYS H 76 24.61 30.32 -14.52
CA LYS H 76 25.25 31.61 -14.41
C LYS H 76 26.27 31.69 -13.29
N ASN H 77 26.47 30.59 -12.55
CA ASN H 77 27.37 30.58 -11.40
C ASN H 77 26.97 31.68 -10.41
N THR H 78 25.68 31.66 -10.06
CA THR H 78 25.05 32.77 -9.40
C THR H 78 24.08 32.30 -8.33
N LEU H 79 24.06 33.01 -7.23
CA LEU H 79 23.08 32.85 -6.18
C LEU H 79 22.11 34.01 -6.22
N TYR H 80 20.96 33.81 -5.61
CA TYR H 80 19.97 34.86 -5.45
C TYR H 80 19.28 34.70 -4.12
N LEU H 81 18.49 35.71 -3.78
CA LEU H 81 17.59 35.60 -2.64
C LEU H 81 16.52 36.67 -2.77
N GLN H 82 15.27 36.24 -2.86
CA GLN H 82 14.13 37.15 -2.91
C GLN H 82 13.50 37.21 -1.53
N MET H 83 13.08 38.41 -1.16
CA MET H 83 12.66 38.71 0.20
C MET H 83 11.61 39.79 0.12
N ASN H 84 10.77 39.86 1.15
CA ASN H 84 9.66 40.80 1.09
C ASN H 84 9.10 41.07 2.48
N SER H 85 8.17 42.02 2.53
CA SER H 85 7.35 42.28 3.71
C SER H 85 8.24 42.61 4.90
N LEU H 86 9.27 43.38 4.65
CA LEU H 86 10.44 43.38 5.52
C LEU H 86 10.21 44.22 6.77
N ARG H 87 10.65 43.68 7.90
CA ARG H 87 10.61 44.35 9.18
C ARG H 87 11.95 45.00 9.50
N ALA H 88 11.97 45.72 10.61
CA ALA H 88 13.18 46.38 11.04
C ALA H 88 14.23 45.39 11.51
N GLU H 89 13.80 44.26 12.05
CA GLU H 89 14.74 43.27 12.56
C GLU H 89 15.66 42.74 11.47
N ASP H 90 15.20 42.78 10.23
CA ASP H 90 15.97 42.25 9.13
C ASP H 90 17.19 43.09 8.81
N THR H 91 17.34 44.26 9.41
CA THR H 91 18.51 45.09 9.21
C THR H 91 19.75 44.35 9.69
N ALA H 92 20.60 43.93 8.77
CA ALA H 92 21.78 43.16 9.14
C ALA H 92 22.67 42.99 7.92
N VAL H 93 23.78 42.29 8.13
CA VAL H 93 24.76 42.00 7.08
C VAL H 93 24.52 40.58 6.63
N TYR H 94 23.96 40.44 5.44
CA TYR H 94 23.67 39.13 4.89
C TYR H 94 24.84 38.64 4.08
N TYR H 95 25.33 37.46 4.42
CA TYR H 95 26.48 36.84 3.77
C TYR H 95 26.04 35.64 2.95
N CYS H 96 26.61 35.51 1.77
CA CYS H 96 26.52 34.28 1.00
C CYS H 96 27.69 33.38 1.41
N ALA H 97 27.36 32.15 1.81
CA ALA H 97 28.32 31.28 2.45
C ALA H 97 28.33 29.89 1.82
N LYS H 98 29.53 29.35 1.70
CA LYS H 98 29.77 28.06 1.08
C LYS H 98 30.08 27.02 2.15
N ASP H 99 29.76 25.78 1.83
CA ASP H 99 29.97 24.66 2.73
C ASP H 99 31.40 24.18 2.67
N HIS H 100 31.74 23.36 3.66
CA HIS H 100 32.97 22.59 3.66
C HIS H 100 32.79 21.32 2.86
N ARG H 101 31.72 20.58 3.13
CA ARG H 101 31.43 19.34 2.43
C ARG H 101 30.88 19.67 1.07
N VAL H 102 30.48 18.65 0.35
CA VAL H 102 30.01 18.75 -1.02
C VAL H 102 28.72 17.98 -1.14
N TRP H 103 27.94 18.32 -2.17
CA TRP H 103 26.68 17.66 -2.46
C TRP H 103 25.69 17.81 -1.31
N ALA H 104 25.36 19.07 -1.05
CA ALA H 104 24.20 19.50 -0.27
C ALA H 104 24.17 18.85 1.11
N ALA H 105 25.34 18.60 1.67
CA ALA H 105 25.49 18.21 3.05
C ALA H 105 26.58 19.05 3.67
N GLY H 106 26.64 19.03 5.00
CA GLY H 106 27.67 19.78 5.68
C GLY H 106 27.34 21.23 5.72
N TYR H 107 26.28 21.54 6.46
CA TYR H 107 25.84 22.92 6.62
C TYR H 107 26.94 23.82 7.14
N HIS H 108 27.88 23.27 7.89
CA HIS H 108 29.00 24.07 8.37
C HIS H 108 29.78 24.65 7.20
N PHE H 109 30.08 25.93 7.32
CA PHE H 109 30.45 26.75 6.18
C PHE H 109 31.96 26.97 6.09
N ASP H 110 32.46 26.88 4.86
CA ASP H 110 33.87 27.10 4.59
C ASP H 110 34.18 28.58 4.41
N TYR H 111 33.56 29.19 3.40
CA TYR H 111 33.87 30.55 3.01
C TYR H 111 32.77 31.49 3.45
N TRP H 112 32.98 32.76 3.17
CA TRP H 112 32.10 33.81 3.65
C TRP H 112 32.16 34.96 2.66
N GLY H 113 30.99 35.39 2.19
CA GLY H 113 30.94 36.55 1.32
C GLY H 113 31.38 37.81 2.04
N GLN H 114 31.37 38.92 1.32
CA GLN H 114 31.78 40.18 1.93
C GLN H 114 30.73 40.71 2.89
N GLY H 115 29.47 40.38 2.66
CA GLY H 115 28.37 40.90 3.45
C GLY H 115 27.82 42.20 2.90
N ALA H 116 26.54 42.45 3.20
CA ALA H 116 25.86 43.67 2.78
C ALA H 116 24.92 44.13 3.88
N LEU H 117 25.19 45.31 4.43
CA LEU H 117 24.49 45.79 5.62
C LEU H 117 23.15 46.36 5.21
N VAL H 118 22.21 45.45 4.99
CA VAL H 118 20.89 45.85 4.54
C VAL H 118 20.18 46.65 5.62
N THR H 119 19.31 47.56 5.20
CA THR H 119 18.67 48.53 6.07
C THR H 119 17.22 48.71 5.67
N VAL H 120 16.47 49.39 6.53
CA VAL H 120 15.02 49.50 6.41
C VAL H 120 14.54 50.94 6.32
N SER H 121 15.25 51.88 6.92
CA SER H 121 14.87 53.28 6.85
C SER H 121 15.98 54.20 7.34
N SER I 1 -18.86 7.72 0.41
CA SER I 1 -18.92 6.77 1.51
C SER I 1 -18.52 7.38 2.83
N ILE I 2 -17.22 7.50 3.05
CA ILE I 2 -16.69 7.84 4.36
C ILE I 2 -16.79 9.35 4.55
N PRO I 3 -16.98 9.85 5.75
CA PRO I 3 -16.94 11.29 5.96
C PRO I 3 -15.56 11.86 5.76
N LEU I 4 -15.49 13.18 5.89
CA LEU I 4 -14.22 13.87 5.85
C LEU I 4 -14.45 15.31 6.28
N GLY I 5 -13.52 15.82 7.07
CA GLY I 5 -13.62 17.16 7.61
C GLY I 5 -12.69 18.12 6.92
N VAL I 6 -13.01 19.41 7.04
CA VAL I 6 -12.30 20.46 6.35
C VAL I 6 -12.11 21.64 7.27
N ILE I 7 -11.18 22.50 6.88
CA ILE I 7 -10.84 23.70 7.64
C ILE I 7 -10.88 24.86 6.66
N HIS I 8 -12.02 25.54 6.59
CA HIS I 8 -12.21 26.71 5.76
C HIS I 8 -12.38 27.92 6.68
N ASN I 9 -11.48 28.89 6.55
CA ASN I 9 -11.48 30.06 7.40
C ASN I 9 -11.32 29.66 8.87
N SER I 10 -10.43 28.73 9.13
CA SER I 10 -10.04 28.37 10.50
C SER I 10 -11.22 27.85 11.30
N THR I 11 -12.23 27.32 10.63
CA THR I 11 -13.35 26.69 11.29
C THR I 11 -13.76 25.48 10.47
N LEU I 12 -14.78 24.80 10.97
CA LEU I 12 -15.08 23.45 10.54
C LEU I 12 -16.32 23.41 9.67
N GLN I 13 -16.31 22.46 8.74
CA GLN I 13 -17.48 22.08 7.99
C GLN I 13 -17.44 20.57 7.82
N VAL I 14 -18.28 20.05 6.94
CA VAL I 14 -18.34 18.61 6.72
C VAL I 14 -18.90 18.37 5.34
N SER I 15 -18.49 17.26 4.73
CA SER I 15 -18.90 16.91 3.38
C SER I 15 -18.52 15.48 3.04
N ASP I 16 -19.50 14.68 2.61
CA ASP I 16 -19.20 13.30 2.25
C ASP I 16 -18.68 13.19 0.82
N VAL I 17 -19.53 13.50 -0.15
CA VAL I 17 -19.22 13.30 -1.56
C VAL I 17 -19.58 14.55 -2.34
N ASP I 18 -20.84 14.93 -2.27
CA ASP I 18 -21.45 15.77 -3.29
C ASP I 18 -21.20 17.25 -3.08
N LYS I 19 -20.94 17.69 -1.85
CA LYS I 19 -20.69 19.10 -1.60
C LYS I 19 -19.42 19.51 -2.35
N LEU I 20 -19.58 20.36 -3.35
CA LEU I 20 -18.43 20.85 -4.08
C LEU I 20 -17.52 21.63 -3.17
N VAL I 21 -16.29 21.82 -3.64
CA VAL I 21 -15.50 22.98 -3.27
C VAL I 21 -14.81 23.45 -4.54
N CYS I 22 -15.22 24.59 -5.05
CA CYS I 22 -14.43 25.30 -6.03
C CYS I 22 -13.41 26.22 -5.38
N ARG I 23 -13.26 26.13 -4.05
CA ARG I 23 -12.36 26.97 -3.28
C ARG I 23 -11.12 26.22 -2.85
N ASP I 24 -11.31 25.10 -2.14
CA ASP I 24 -10.19 24.36 -1.60
C ASP I 24 -9.43 23.69 -2.73
N LYS I 25 -8.39 24.37 -3.21
CA LYS I 25 -7.60 23.85 -4.31
C LYS I 25 -6.95 22.52 -3.98
N LEU I 26 -6.77 22.22 -2.70
CA LEU I 26 -6.10 21.00 -2.27
C LEU I 26 -4.70 20.94 -2.88
N SER I 27 -3.89 21.90 -2.47
CA SER I 27 -2.61 22.13 -3.10
C SER I 27 -1.70 20.92 -3.02
N SER I 28 -1.84 20.10 -1.98
CA SER I 28 -0.97 18.96 -1.81
C SER I 28 -1.56 18.03 -0.76
N THR I 29 -0.78 17.04 -0.36
CA THR I 29 -1.23 15.97 0.52
C THR I 29 -0.71 16.10 1.93
N ASN I 30 0.41 16.78 2.13
CA ASN I 30 0.92 16.96 3.48
C ASN I 30 -0.08 17.71 4.34
N GLN I 31 -0.91 18.55 3.72
CA GLN I 31 -2.01 19.18 4.45
C GLN I 31 -3.10 18.18 4.73
N LEU I 32 -3.25 17.18 3.86
CA LEU I 32 -4.22 16.13 4.10
C LEU I 32 -3.69 15.18 5.16
N ARG I 33 -4.45 15.00 6.24
CA ARG I 33 -3.95 14.27 7.39
C ARG I 33 -5.06 13.49 8.04
N SER I 34 -4.64 12.63 8.96
CA SER I 34 -5.52 11.71 9.66
C SER I 34 -5.08 11.68 11.11
N VAL I 35 -6.05 11.78 12.01
CA VAL I 35 -5.80 12.18 13.38
C VAL I 35 -6.54 11.25 14.32
N GLY I 36 -5.84 10.80 15.35
CA GLY I 36 -6.47 10.07 16.42
C GLY I 36 -6.89 11.00 17.53
N LEU I 37 -7.79 10.52 18.38
CA LEU I 37 -8.25 11.32 19.50
C LEU I 37 -8.67 10.43 20.64
N ASN I 38 -8.27 10.80 21.84
CA ASN I 38 -8.58 10.04 23.04
C ASN I 38 -9.96 10.40 23.56
N LEU I 39 -10.56 9.44 24.24
CA LEU I 39 -11.88 9.62 24.82
C LEU I 39 -11.86 10.34 26.15
N GLU I 40 -10.67 10.55 26.73
CA GLU I 40 -10.57 11.38 27.91
C GLU I 40 -11.17 12.76 27.66
N GLY I 41 -11.06 13.25 26.42
CA GLY I 41 -11.68 14.51 26.09
C GLY I 41 -13.18 14.50 26.29
N ASN I 42 -13.80 13.34 26.05
CA ASN I 42 -15.22 13.20 26.29
C ASN I 42 -15.54 13.06 27.76
N GLY I 43 -14.56 12.68 28.58
CA GLY I 43 -14.72 12.74 30.02
C GLY I 43 -15.56 11.62 30.57
N VAL I 44 -15.18 10.40 30.25
CA VAL I 44 -15.80 9.21 30.82
C VAL I 44 -15.19 8.94 32.18
N ALA I 45 -15.76 7.99 32.90
CA ALA I 45 -15.15 7.50 34.12
C ALA I 45 -13.91 6.69 33.74
N THR I 46 -12.74 7.32 33.86
CA THR I 46 -11.49 6.69 33.48
C THR I 46 -10.83 6.01 34.66
N ASP I 47 -11.61 5.19 35.36
CA ASP I 47 -11.08 4.32 36.38
C ASP I 47 -10.64 3.01 35.73
N VAL I 48 -10.18 2.09 36.56
CA VAL I 48 -9.69 0.80 36.07
C VAL I 48 -10.86 -0.14 35.79
N PRO I 49 -11.85 -0.29 36.68
CA PRO I 49 -12.83 -1.37 36.45
C PRO I 49 -13.71 -1.15 35.24
N SER I 50 -14.13 0.08 35.00
CA SER I 50 -15.04 0.32 33.89
C SER I 50 -14.39 -0.04 32.58
N VAL I 51 -13.06 0.06 32.51
CA VAL I 51 -12.31 -0.42 31.37
C VAL I 51 -12.72 -1.84 31.05
N THR I 52 -12.58 -2.71 32.05
CA THR I 52 -13.00 -4.09 31.91
C THR I 52 -14.47 -4.15 31.52
N LYS I 53 -15.26 -3.22 32.02
CA LYS I 53 -16.65 -3.19 31.62
C LYS I 53 -16.82 -2.60 30.23
N ARG I 54 -15.92 -1.71 29.82
CA ARG I 54 -16.03 -1.11 28.50
C ARG I 54 -15.53 -2.03 27.39
N TRP I 55 -15.10 -3.25 27.74
CA TRP I 55 -14.46 -4.15 26.80
C TRP I 55 -15.16 -5.51 26.74
N GLY I 56 -14.55 -6.46 26.06
CA GLY I 56 -15.05 -7.81 26.02
C GLY I 56 -14.12 -8.72 25.25
N PHE I 57 -14.61 -9.94 25.02
CA PHE I 57 -13.88 -10.94 24.26
C PHE I 57 -14.82 -11.69 23.35
N ARG I 58 -14.26 -12.18 22.26
CA ARG I 58 -14.94 -13.15 21.41
C ARG I 58 -13.90 -13.73 20.46
N SER I 59 -14.39 -14.44 19.46
CA SER I 59 -13.53 -15.04 18.47
C SER I 59 -14.28 -15.09 17.15
N GLY I 60 -13.61 -15.62 16.13
CA GLY I 60 -14.15 -15.65 14.80
C GLY I 60 -13.91 -14.37 14.03
N VAL I 61 -13.49 -13.31 14.69
CA VAL I 61 -13.25 -12.03 14.05
C VAL I 61 -11.75 -11.83 14.05
N PRO I 62 -11.15 -11.28 12.99
CA PRO I 62 -9.74 -11.00 13.03
C PRO I 62 -9.45 -9.69 13.74
N PRO I 63 -8.17 -9.35 13.88
CA PRO I 63 -7.78 -7.97 14.12
C PRO I 63 -7.65 -7.20 12.82
N LYS I 64 -7.75 -5.88 12.94
CA LYS I 64 -7.46 -4.98 11.84
C LYS I 64 -6.68 -3.79 12.37
N VAL I 65 -5.92 -3.17 11.47
CA VAL I 65 -4.97 -2.14 11.83
C VAL I 65 -5.07 -1.01 10.83
N VAL I 66 -4.73 0.18 11.29
CA VAL I 66 -4.87 1.39 10.51
C VAL I 66 -3.83 2.39 10.98
N ASN I 67 -3.55 3.38 10.13
CA ASN I 67 -2.56 4.40 10.41
C ASN I 67 -3.19 5.76 10.62
N TYR I 68 -2.70 6.47 11.63
CA TYR I 68 -2.92 7.88 11.77
C TYR I 68 -1.59 8.57 12.02
N GLU I 69 -1.59 9.88 11.86
CA GLU I 69 -0.37 10.66 11.92
C GLU I 69 -0.18 11.41 13.22
N ALA I 70 -1.23 11.59 14.00
CA ALA I 70 -1.08 12.34 15.22
C ALA I 70 -2.30 12.13 16.09
N GLY I 71 -2.11 12.37 17.39
CA GLY I 71 -3.18 12.20 18.33
C GLY I 71 -3.14 13.19 19.48
N GLU I 72 -3.21 12.64 20.70
CA GLU I 72 -3.40 13.40 21.90
C GLU I 72 -2.63 12.78 23.05
N TRP I 73 -2.26 13.63 24.00
CA TRP I 73 -1.65 13.15 25.23
C TRP I 73 -2.64 12.27 25.99
N ALA I 74 -2.08 11.41 26.82
CA ALA I 74 -2.85 10.42 27.55
C ALA I 74 -2.69 10.67 29.04
N GLU I 75 -3.79 11.02 29.69
CA GLU I 75 -3.81 11.01 31.14
C GLU I 75 -3.98 9.61 31.70
N ASN I 76 -4.33 8.63 30.86
CA ASN I 76 -4.46 7.26 31.33
C ASN I 76 -4.12 6.32 30.18
N CYS I 77 -2.86 5.90 30.14
CA CYS I 77 -2.48 4.79 29.30
C CYS I 77 -2.75 3.49 30.02
N TYR I 78 -2.66 2.40 29.26
CA TYR I 78 -3.00 1.08 29.76
C TYR I 78 -2.11 0.06 29.08
N ASN I 79 -1.58 -0.86 29.87
CA ASN I 79 -0.90 -2.04 29.35
C ASN I 79 -1.36 -3.24 30.13
N LEU I 80 -1.25 -4.41 29.49
CA LEU I 80 -1.81 -5.63 30.02
C LEU I 80 -0.87 -6.78 29.78
N GLU I 81 -0.80 -7.67 30.77
CA GLU I 81 -0.05 -8.93 30.66
C GLU I 81 -0.87 -9.94 31.45
N ILE I 82 -1.73 -10.64 30.74
CA ILE I 82 -2.76 -11.46 31.35
C ILE I 82 -2.67 -12.86 30.77
N LYS I 83 -2.95 -13.83 31.62
CA LYS I 83 -3.02 -15.22 31.25
C LYS I 83 -4.35 -15.78 31.72
N LYS I 84 -4.79 -16.82 31.05
CA LYS I 84 -5.91 -17.55 31.57
C LYS I 84 -5.48 -18.24 32.87
N PRO I 85 -6.40 -18.37 33.82
CA PRO I 85 -6.00 -18.91 35.14
C PRO I 85 -5.47 -20.31 35.09
N ASP I 86 -5.74 -21.05 34.03
CA ASP I 86 -5.08 -22.33 33.84
C ASP I 86 -3.58 -22.15 33.69
N GLY I 87 -3.16 -21.03 33.14
CA GLY I 87 -1.76 -20.73 32.93
C GLY I 87 -1.45 -20.27 31.53
N SER I 88 -2.38 -20.49 30.60
CA SER I 88 -2.16 -20.11 29.23
C SER I 88 -2.42 -18.63 29.02
N GLU I 89 -1.85 -18.11 27.93
CA GLU I 89 -2.05 -16.72 27.59
C GLU I 89 -3.50 -16.46 27.23
N CYS I 90 -3.98 -15.28 27.61
CA CYS I 90 -5.19 -14.75 27.03
C CYS I 90 -4.91 -14.10 25.69
N LEU I 91 -3.96 -13.20 25.67
CA LEU I 91 -3.78 -12.31 24.54
C LEU I 91 -2.75 -12.82 23.57
N PRO I 92 -2.82 -12.40 22.30
CA PRO I 92 -1.72 -12.62 21.39
C PRO I 92 -0.65 -11.56 21.54
N ALA I 93 0.56 -11.94 21.16
CA ALA I 93 1.68 -11.03 21.15
C ALA I 93 1.41 -9.85 20.24
N ALA I 94 2.14 -8.80 20.49
CA ALA I 94 2.11 -7.64 19.62
C ALA I 94 3.03 -7.88 18.44
N PRO I 95 2.54 -7.85 17.20
CA PRO I 95 3.43 -8.06 16.07
C PRO I 95 4.48 -6.97 15.95
N ASP I 96 5.35 -7.17 14.97
CA ASP I 96 6.47 -6.28 14.75
C ASP I 96 5.99 -4.91 14.31
N GLY I 97 6.82 -3.91 14.56
CA GLY I 97 6.50 -2.54 14.21
C GLY I 97 5.70 -1.85 15.29
N ILE I 98 4.67 -2.54 15.80
CA ILE I 98 3.82 -1.95 16.81
C ILE I 98 4.62 -1.74 18.08
N ARG I 99 4.35 -0.63 18.74
CA ARG I 99 4.98 -0.32 20.01
C ARG I 99 3.99 0.42 20.88
N GLY I 100 4.35 0.55 22.15
CA GLY I 100 3.45 1.14 23.12
C GLY I 100 3.06 2.54 22.73
N PHE I 101 2.01 3.01 23.36
CA PHE I 101 1.60 4.38 23.13
C PHE I 101 2.69 5.30 23.66
N PRO I 102 3.28 6.13 22.83
CA PRO I 102 4.56 6.74 23.20
C PRO I 102 4.48 7.75 24.32
N ARG I 103 3.34 8.43 24.45
CA ARG I 103 3.27 9.69 25.17
C ARG I 103 2.21 9.64 26.26
N CYS I 104 2.62 9.14 27.40
CA CYS I 104 1.73 8.83 28.51
C CYS I 104 2.00 9.75 29.69
N ARG I 105 1.10 9.70 30.63
CA ARG I 105 1.16 10.41 31.89
C ARG I 105 0.93 9.50 33.08
N TYR I 106 0.06 8.51 32.95
CA TYR I 106 -0.20 7.53 34.00
C TYR I 106 -0.37 6.17 33.34
N VAL I 107 0.70 5.38 33.36
CA VAL I 107 0.68 4.04 32.77
C VAL I 107 0.03 3.11 33.77
N HIS I 108 -1.21 2.72 33.50
CA HIS I 108 -1.93 1.77 34.34
C HIS I 108 -1.60 0.36 33.88
N LYS I 109 -0.36 -0.03 34.10
CA LYS I 109 0.05 -1.39 33.81
C LYS I 109 -0.65 -2.35 34.77
N VAL I 110 -0.90 -3.57 34.28
CA VAL I 110 -1.70 -4.55 34.98
C VAL I 110 -1.15 -5.93 34.69
N SER I 111 -1.35 -6.82 35.66
CA SER I 111 -1.40 -8.25 35.38
C SER I 111 -2.63 -8.80 36.09
N GLY I 112 -2.83 -10.10 35.94
CA GLY I 112 -3.98 -10.76 36.49
C GLY I 112 -4.38 -11.91 35.59
N THR I 113 -5.56 -12.47 35.88
CA THR I 113 -6.08 -13.58 35.10
C THR I 113 -7.59 -13.48 35.00
N GLY I 114 -8.18 -14.48 34.38
CA GLY I 114 -9.61 -14.60 34.25
C GLY I 114 -9.96 -15.35 32.99
N PRO I 115 -11.18 -15.85 32.89
CA PRO I 115 -11.57 -16.58 31.69
C PRO I 115 -11.68 -15.65 30.50
N CYS I 116 -10.72 -15.78 29.58
CA CYS I 116 -10.69 -14.94 28.40
C CYS I 116 -11.41 -15.66 27.27
N ALA I 117 -12.72 -15.74 27.44
CA ALA I 117 -13.57 -16.44 26.48
C ALA I 117 -13.64 -15.63 25.21
N GLY I 118 -12.69 -15.90 24.33
CA GLY I 118 -12.55 -15.17 23.10
C GLY I 118 -11.07 -14.90 22.88
N ASP I 119 -10.58 -15.28 21.71
CA ASP I 119 -9.15 -15.19 21.43
C ASP I 119 -8.72 -13.78 21.08
N PHE I 120 -9.61 -12.80 21.17
CA PHE I 120 -9.25 -11.41 20.94
C PHE I 120 -10.07 -10.54 21.86
N ALA I 121 -9.60 -9.31 22.02
CA ALA I 121 -10.06 -8.40 23.05
C ALA I 121 -10.52 -7.11 22.39
N PHE I 122 -11.78 -7.09 21.98
CA PHE I 122 -12.34 -5.92 21.34
C PHE I 122 -12.80 -4.91 22.36
N HIS I 123 -13.01 -3.69 21.88
CA HIS I 123 -13.78 -2.72 22.62
C HIS I 123 -15.26 -3.02 22.43
N LYS I 124 -16.04 -2.59 23.40
CA LYS I 124 -17.44 -2.93 23.47
C LYS I 124 -18.28 -2.07 22.54
N GLU I 125 -18.10 -0.76 22.62
CA GLU I 125 -18.76 0.17 21.72
C GLU I 125 -18.13 0.17 20.34
N GLY I 126 -16.95 -0.40 20.19
CA GLY I 126 -16.30 -0.46 18.89
C GLY I 126 -15.32 0.68 18.74
N ALA I 127 -14.62 0.97 19.82
CA ALA I 127 -13.56 1.96 19.80
C ALA I 127 -12.28 1.32 19.30
N PHE I 128 -11.17 1.99 19.53
CA PHE I 128 -9.86 1.56 19.11
C PHE I 128 -8.96 1.31 20.30
N PHE I 129 -7.72 0.95 19.99
CA PHE I 129 -6.69 0.67 20.97
C PHE I 129 -5.42 1.25 20.37
N LEU I 130 -5.03 2.41 20.85
CA LEU I 130 -4.19 3.33 20.11
C LEU I 130 -2.74 3.14 20.51
N TYR I 131 -1.98 2.53 19.63
CA TYR I 131 -0.56 2.32 19.80
C TYR I 131 0.21 3.47 19.15
N ASP I 132 1.52 3.29 18.99
CA ASP I 132 2.35 4.30 18.35
C ASP I 132 1.90 4.54 16.93
N ARG I 133 1.22 5.67 16.72
CA ARG I 133 0.73 6.10 15.42
C ARG I 133 -0.20 5.08 14.78
N LEU I 134 -0.73 4.15 15.56
CA LEU I 134 -1.53 3.07 15.03
C LEU I 134 -2.66 2.72 15.98
N ALA I 135 -3.73 2.24 15.40
CA ALA I 135 -4.90 1.78 16.11
C ALA I 135 -5.15 0.33 15.75
N SER I 136 -6.01 -0.27 16.55
CA SER I 136 -6.41 -1.65 16.34
C SER I 136 -7.86 -1.79 16.70
N THR I 137 -8.42 -2.90 16.25
CA THR I 137 -9.71 -3.33 16.73
C THR I 137 -9.60 -4.00 18.09
N VAL I 138 -8.40 -4.36 18.51
CA VAL I 138 -8.19 -5.24 19.62
C VAL I 138 -6.99 -4.75 20.42
N ILE I 139 -6.65 -5.52 21.44
CA ILE I 139 -5.47 -5.29 22.26
C ILE I 139 -4.45 -6.37 21.91
N TYR I 140 -3.18 -6.03 22.12
CA TYR I 140 -2.08 -6.96 21.98
C TYR I 140 -1.44 -7.21 23.34
N ARG I 141 -0.85 -8.39 23.47
CA ARG I 141 -0.27 -8.80 24.73
C ARG I 141 0.93 -7.94 25.08
N GLY I 142 0.94 -7.39 26.28
CA GLY I 142 2.10 -6.75 26.83
C GLY I 142 2.52 -5.52 26.06
N THR I 143 1.63 -4.54 25.96
CA THR I 143 1.96 -3.33 25.22
C THR I 143 1.06 -2.20 25.68
N THR I 144 1.67 -1.04 25.89
CA THR I 144 0.92 0.15 26.25
C THR I 144 -0.01 0.53 25.11
N PHE I 145 -1.10 1.20 25.45
CA PHE I 145 -1.98 1.75 24.44
C PHE I 145 -2.85 2.82 25.08
N ALA I 146 -3.88 3.23 24.35
CA ALA I 146 -4.89 4.11 24.88
C ALA I 146 -6.16 3.90 24.09
N GLU I 147 -7.26 4.32 24.67
CA GLU I 147 -8.55 4.30 24.01
C GLU I 147 -8.80 5.62 23.31
N GLY I 148 -9.43 5.53 22.15
CA GLY I 148 -9.63 6.71 21.36
C GLY I 148 -10.29 6.37 20.04
N VAL I 149 -10.39 7.40 19.21
CA VAL I 149 -11.04 7.32 17.92
C VAL I 149 -10.18 8.09 16.92
N VAL I 150 -10.70 8.20 15.70
CA VAL I 150 -9.98 8.78 14.58
C VAL I 150 -10.90 9.69 13.80
N ALA I 151 -10.31 10.71 13.22
CA ALA I 151 -10.94 11.48 12.17
C ALA I 151 -9.92 11.78 11.09
N PHE I 152 -10.45 12.16 9.93
CA PHE I 152 -9.67 12.52 8.77
C PHE I 152 -9.95 13.96 8.43
N LEU I 153 -8.92 14.68 7.97
CA LEU I 153 -9.04 16.11 7.84
C LEU I 153 -8.19 16.66 6.72
N ILE I 154 -8.62 17.82 6.25
CA ILE I 154 -7.85 18.66 5.37
C ILE I 154 -7.46 19.90 6.15
N LEU I 155 -6.34 20.47 5.78
CA LEU I 155 -5.89 21.75 6.30
C LEU I 155 -5.57 22.70 5.16
N PRO I 156 -5.62 24.00 5.41
CA PRO I 156 -5.18 24.96 4.41
C PRO I 156 -3.66 25.05 4.36
N GLN I 157 -3.19 25.86 3.44
CA GLN I 157 -1.76 25.99 3.16
C GLN I 157 -1.19 27.22 3.88
N ALA I 158 -1.24 27.18 5.21
CA ALA I 158 -0.61 28.18 6.05
C ALA I 158 0.43 27.61 7.01
N LYS I 159 0.04 26.62 7.82
CA LYS I 159 0.86 26.16 8.93
C LYS I 159 0.57 24.68 9.17
N LYS I 160 1.09 24.16 10.28
CA LYS I 160 0.78 22.84 10.78
C LYS I 160 -0.01 22.93 12.07
N ASP I 161 -0.85 21.93 12.30
CA ASP I 161 -1.73 21.89 13.45
C ASP I 161 -1.79 20.47 14.01
N TYR I 182 7.63 16.06 31.12
CA TYR I 182 7.38 14.74 30.56
C TYR I 182 8.01 13.66 31.43
N TYR I 183 7.15 12.85 32.04
CA TYR I 183 7.57 11.91 33.07
C TYR I 183 7.23 10.47 32.73
N SER I 184 6.00 10.20 32.28
CA SER I 184 5.54 8.86 31.93
C SER I 184 5.58 7.93 33.15
N THR I 185 4.71 8.26 34.11
CA THR I 185 4.52 7.47 35.32
C THR I 185 4.27 6.01 35.00
N THR I 186 4.65 5.15 35.94
CA THR I 186 4.29 3.75 35.95
C THR I 186 3.31 3.49 37.09
N ILE I 187 2.33 2.63 36.84
CA ILE I 187 1.40 2.16 37.85
C ILE I 187 1.14 0.69 37.58
N ARG I 188 0.92 -0.07 38.66
CA ARG I 188 0.77 -1.51 38.59
C ARG I 188 -0.48 -1.94 39.33
N TYR I 189 -0.91 -3.16 39.02
CA TYR I 189 -2.15 -3.69 39.53
C TYR I 189 -2.12 -5.21 39.54
N GLN I 190 -3.14 -5.79 40.15
CA GLN I 190 -3.48 -7.19 39.98
C GLN I 190 -4.98 -7.32 39.99
N ALA I 191 -5.47 -8.43 39.45
CA ALA I 191 -6.91 -8.58 39.33
C ALA I 191 -7.23 -9.98 38.84
N THR I 192 -8.51 -10.33 38.99
CA THR I 192 -9.04 -11.61 38.56
C THR I 192 -10.45 -11.39 38.02
N GLY I 193 -11.08 -12.46 37.57
CA GLY I 193 -12.42 -12.38 37.04
C GLY I 193 -12.38 -11.84 35.63
N PHE I 194 -12.09 -10.56 35.52
CA PHE I 194 -11.53 -9.96 34.31
C PHE I 194 -12.49 -10.13 33.12
N GLY I 195 -13.60 -9.41 33.23
CA GLY I 195 -14.66 -9.46 32.25
C GLY I 195 -15.92 -9.98 32.90
N THR I 196 -16.06 -9.67 34.19
CA THR I 196 -17.06 -10.27 35.05
C THR I 196 -17.59 -9.25 36.01
N ASN I 197 -18.81 -9.51 36.45
CA ASN I 197 -19.34 -8.84 37.63
C ASN I 197 -18.66 -9.31 38.92
N GLU I 198 -17.83 -10.35 38.84
CA GLU I 198 -17.01 -10.80 39.95
C GLU I 198 -15.56 -10.31 39.86
N THR I 199 -15.27 -9.40 38.94
CA THR I 199 -13.90 -8.98 38.73
C THR I 199 -13.34 -8.32 39.98
N GLU I 200 -12.14 -8.72 40.36
CA GLU I 200 -11.42 -8.17 41.50
C GLU I 200 -10.31 -7.27 41.03
N TYR I 201 -9.75 -6.52 41.97
CA TYR I 201 -8.70 -5.55 41.67
C TYR I 201 -7.81 -5.36 42.87
N LEU I 202 -6.56 -5.02 42.61
CA LEU I 202 -5.62 -4.67 43.66
C LEU I 202 -4.63 -3.67 43.13
N PHE I 203 -4.06 -2.91 44.06
CA PHE I 203 -3.09 -1.88 43.76
C PHE I 203 -1.78 -2.17 44.45
N GLU I 204 -0.69 -1.95 43.73
CA GLU I 204 0.64 -2.27 44.23
C GLU I 204 1.32 -1.03 44.78
N VAL I 205 1.96 -1.22 45.92
CA VAL I 205 3.01 -0.34 46.41
C VAL I 205 4.32 -1.10 46.59
N ASP I 206 4.23 -2.34 47.06
CA ASP I 206 5.37 -3.15 47.45
C ASP I 206 5.18 -4.54 46.87
N ASN I 207 6.11 -5.41 47.24
CA ASN I 207 5.96 -6.84 46.99
C ASN I 207 4.65 -7.35 47.54
N LEU I 208 4.35 -7.03 48.79
CA LEU I 208 3.29 -7.65 49.56
C LEU I 208 2.12 -6.73 49.80
N THR I 209 2.40 -5.47 50.01
CA THR I 209 1.36 -4.55 50.43
C THR I 209 0.49 -4.21 49.23
N TYR I 210 -0.80 -4.54 49.35
CA TYR I 210 -1.78 -4.22 48.33
C TYR I 210 -3.00 -3.67 49.04
N VAL I 211 -4.07 -3.48 48.28
CA VAL I 211 -5.31 -2.98 48.85
C VAL I 211 -6.44 -3.30 47.89
N GLN I 212 -7.60 -3.57 48.45
CA GLN I 212 -8.80 -3.65 47.66
C GLN I 212 -9.11 -2.30 47.04
N LEU I 213 -9.43 -2.31 45.76
CA LEU I 213 -9.51 -1.10 44.97
C LEU I 213 -10.93 -0.56 44.92
N GLU I 214 -11.04 0.73 44.69
CA GLU I 214 -12.31 1.41 44.47
C GLU I 214 -12.22 2.30 43.25
N SER I 215 -13.36 2.50 42.61
CA SER I 215 -13.44 3.41 41.48
C SER I 215 -13.15 4.84 41.87
N ARG I 216 -13.29 5.18 43.16
CA ARG I 216 -12.98 6.53 43.60
C ARG I 216 -11.53 6.87 43.35
N PHE I 217 -10.65 5.90 43.58
CA PHE I 217 -9.23 6.19 43.68
C PHE I 217 -8.67 6.64 42.34
N THR I 218 -8.05 7.80 42.35
CA THR I 218 -7.43 8.38 41.19
C THR I 218 -5.96 8.02 41.16
N PRO I 219 -5.29 8.28 40.04
CA PRO I 219 -3.83 8.11 40.03
C PRO I 219 -3.15 9.00 41.04
N GLN I 220 -3.69 10.19 41.27
CA GLN I 220 -3.06 11.13 42.17
C GLN I 220 -3.19 10.66 43.60
N PHE I 221 -4.36 10.11 43.93
CA PHE I 221 -4.61 9.66 45.27
C PHE I 221 -3.73 8.48 45.62
N LEU I 222 -3.61 7.55 44.69
CA LEU I 222 -2.77 6.39 44.93
C LEU I 222 -1.30 6.77 44.92
N LEU I 223 -0.95 7.75 44.10
CA LEU I 223 0.39 8.27 44.12
C LEU I 223 0.71 8.89 45.46
N GLN I 224 -0.27 9.55 46.06
CA GLN I 224 -0.12 10.06 47.41
C GLN I 224 0.07 8.92 48.38
N LEU I 225 -0.65 7.83 48.18
CA LEU I 225 -0.51 6.68 49.04
C LEU I 225 0.80 5.96 48.84
N ASN I 226 1.55 6.32 47.83
CA ASN I 226 2.97 5.95 47.80
C ASN I 226 3.80 6.80 48.80
N GLU I 227 3.18 7.56 49.68
CA GLU I 227 3.85 8.18 50.81
C GLU I 227 3.32 7.66 52.13
N THR I 228 2.01 7.54 52.28
CA THR I 228 1.38 7.18 53.54
C THR I 228 1.85 5.82 54.03
N ILE I 229 1.51 4.77 53.28
CA ILE I 229 1.92 3.42 53.67
C ILE I 229 3.35 3.15 53.22
N TYR I 230 3.85 3.94 52.28
CA TYR I 230 5.28 3.94 52.00
C TYR I 230 6.08 4.25 53.26
N ALA I 231 5.52 5.09 54.13
CA ALA I 231 6.06 5.28 55.47
C ALA I 231 5.62 4.15 56.40
N SER I 232 4.31 3.90 56.46
CA SER I 232 3.79 2.91 57.40
C SER I 232 3.91 1.47 56.93
N GLY I 233 4.54 1.22 55.77
CA GLY I 233 4.77 -0.13 55.31
C GLY I 233 3.51 -0.95 55.10
N PRO J 8 -22.70 16.57 27.64
CA PRO J 8 -21.48 15.82 27.97
C PRO J 8 -20.30 16.71 28.29
N LYS J 9 -19.20 16.09 28.65
CA LYS J 9 -17.95 16.80 28.90
C LYS J 9 -17.15 16.90 27.61
N CYS J 10 -16.35 17.95 27.53
CA CYS J 10 -15.53 18.20 26.35
C CYS J 10 -14.40 19.14 26.76
N ASN J 11 -13.18 18.77 26.44
CA ASN J 11 -12.05 19.63 26.74
C ASN J 11 -11.82 20.58 25.58
N PRO J 12 -12.20 21.85 25.67
CA PRO J 12 -11.92 22.76 24.56
C PRO J 12 -10.46 22.94 24.29
N ASN J 13 -9.62 22.78 25.31
CA ASN J 13 -8.20 22.87 25.08
C ASN J 13 -7.70 21.61 24.40
N LEU J 14 -6.51 21.71 23.84
CA LEU J 14 -5.92 20.55 23.21
C LEU J 14 -4.42 20.68 23.19
N HIS J 15 -3.77 19.53 23.27
CA HIS J 15 -2.33 19.40 23.30
C HIS J 15 -2.02 18.10 22.57
N PHE J 16 -1.10 18.15 21.61
CA PHE J 16 -0.91 17.03 20.70
C PHE J 16 0.57 16.76 20.49
N TRP J 17 0.85 15.73 19.69
CA TRP J 17 2.19 15.14 19.60
C TRP J 17 2.59 14.86 18.17
N THR J 18 2.44 15.84 17.28
CA THR J 18 2.75 15.58 15.88
C THR J 18 4.24 15.32 15.69
N THR J 19 4.59 15.02 14.44
CA THR J 19 5.77 14.24 14.12
C THR J 19 6.96 15.04 13.63
N GLN J 20 6.74 16.20 13.00
CA GLN J 20 7.69 16.77 12.05
C GLN J 20 7.93 15.79 10.90
N ASP J 21 6.84 15.50 10.19
CA ASP J 21 6.99 14.88 8.88
C ASP J 21 7.78 15.79 7.97
N GLU J 22 7.51 17.08 8.04
CA GLU J 22 8.31 18.12 7.44
C GLU J 22 8.33 19.27 8.43
N GLY J 23 8.79 20.43 7.98
CA GLY J 23 9.19 21.50 8.84
C GLY J 23 10.65 21.72 8.54
N ALA J 24 11.35 20.60 8.36
CA ALA J 24 12.65 20.58 7.72
C ALA J 24 13.68 21.43 8.46
N ALA J 25 13.49 21.57 9.77
CA ALA J 25 14.48 22.22 10.62
C ALA J 25 15.55 21.19 10.96
N ILE J 26 16.38 20.89 9.95
CA ILE J 26 17.21 19.70 9.95
C ILE J 26 18.65 20.06 9.68
N GLY J 27 19.53 19.47 10.47
CA GLY J 27 20.96 19.50 10.23
C GLY J 27 21.37 18.17 9.64
N LEU J 28 22.14 17.40 10.41
CA LEU J 28 22.57 16.07 10.02
C LEU J 28 21.94 14.98 10.85
N ALA J 29 21.20 15.32 11.89
CA ALA J 29 20.61 14.32 12.76
C ALA J 29 19.55 13.47 12.07
N TRP J 30 19.19 13.81 10.83
CA TRP J 30 18.31 12.96 10.05
C TRP J 30 18.87 11.56 9.91
N ILE J 31 20.19 11.42 9.96
CA ILE J 31 20.76 10.09 9.86
C ILE J 31 20.29 9.25 11.04
N PRO J 32 20.05 7.96 10.89
CA PRO J 32 19.67 7.16 12.04
C PRO J 32 20.78 7.00 13.06
N TYR J 33 21.94 6.58 12.58
CA TYR J 33 22.99 6.08 13.47
C TYR J 33 23.39 7.11 14.51
N PHE J 34 23.27 8.39 14.17
CA PHE J 34 23.54 9.47 15.09
C PHE J 34 22.28 10.14 15.59
N GLY J 35 21.12 9.61 15.25
CA GLY J 35 19.87 10.24 15.59
C GLY J 35 19.30 9.69 16.87
N PRO J 36 18.22 10.28 17.34
CA PRO J 36 17.52 9.72 18.48
C PRO J 36 16.87 8.40 18.12
N ALA J 37 16.36 7.73 19.16
CA ALA J 37 15.87 6.37 18.96
C ALA J 37 14.45 6.36 18.42
N ALA J 38 13.51 6.82 19.24
CA ALA J 38 12.13 7.00 18.82
C ALA J 38 11.47 8.21 19.47
N GLU J 39 12.22 8.98 20.26
CA GLU J 39 11.64 10.00 21.10
C GLU J 39 12.46 11.26 20.97
N GLY J 40 11.89 12.36 21.46
CA GLY J 40 12.41 13.66 21.10
C GLY J 40 12.24 13.98 19.63
N ILE J 41 11.37 13.21 18.95
CA ILE J 41 11.16 13.35 17.53
C ILE J 41 9.79 13.92 17.22
N TYR J 42 8.81 13.67 18.08
CA TYR J 42 7.46 14.15 17.88
C TYR J 42 7.34 15.54 18.46
N THR J 43 7.05 16.49 17.58
CA THR J 43 6.70 17.83 18.04
C THR J 43 5.50 17.77 18.95
N GLU J 44 5.47 18.67 19.93
CA GLU J 44 4.44 18.69 20.95
C GLU J 44 3.80 20.07 20.91
N GLY J 45 2.83 20.22 20.03
CA GLY J 45 2.16 21.49 19.84
C GLY J 45 0.94 21.60 20.71
N LEU J 46 0.68 22.81 21.14
CA LEU J 46 -0.46 23.15 21.98
C LEU J 46 -1.52 23.82 21.13
N MET J 47 -2.72 23.97 21.72
CA MET J 47 -3.80 24.62 21.01
C MET J 47 -4.78 25.24 21.97
N HIS J 48 -5.24 26.46 21.65
CA HIS J 48 -6.23 27.17 22.43
C HIS J 48 -7.21 27.92 21.54
N ASN J 49 -7.48 27.39 20.35
CA ASN J 49 -8.33 28.07 19.40
C ASN J 49 -9.79 27.86 19.79
N GLN J 50 -10.71 28.13 18.86
CA GLN J 50 -12.15 28.00 19.06
C GLN J 50 -12.49 26.75 19.84
N ASP J 51 -13.35 26.93 20.84
CA ASP J 51 -13.61 25.89 21.81
C ASP J 51 -14.54 24.83 21.26
N GLY J 52 -15.71 25.25 20.79
CA GLY J 52 -16.66 24.32 20.21
C GLY J 52 -16.15 23.63 18.96
N LEU J 53 -15.12 24.21 18.34
CA LEU J 53 -14.47 23.58 17.19
C LEU J 53 -14.07 22.15 17.51
N ILE J 54 -13.27 21.99 18.56
CA ILE J 54 -12.74 20.67 18.86
C ILE J 54 -13.81 19.78 19.44
N CYS J 55 -14.84 20.35 20.05
CA CYS J 55 -15.93 19.51 20.51
C CYS J 55 -16.65 18.89 19.32
N GLY J 56 -16.94 19.72 18.32
CA GLY J 56 -17.47 19.18 17.08
C GLY J 56 -16.51 18.22 16.43
N LEU J 57 -15.21 18.42 16.65
CA LEU J 57 -14.22 17.54 16.07
C LEU J 57 -14.28 16.16 16.70
N ARG J 58 -14.27 16.13 18.03
CA ARG J 58 -14.37 14.87 18.74
C ARG J 58 -15.65 14.17 18.35
N GLN J 59 -16.72 14.93 18.26
CA GLN J 59 -17.98 14.41 17.77
C GLN J 59 -17.80 13.77 16.41
N LEU J 60 -17.07 14.46 15.53
CA LEU J 60 -16.92 14.01 14.17
C LEU J 60 -16.21 12.67 14.12
N ALA J 61 -15.18 12.53 14.95
CA ALA J 61 -14.43 11.29 14.96
C ALA J 61 -15.30 10.15 15.46
N ASN J 62 -16.05 10.43 16.53
CA ASN J 62 -16.92 9.42 17.11
C ASN J 62 -17.95 8.96 16.08
N GLU J 63 -18.35 9.86 15.20
CA GLU J 63 -19.29 9.48 14.15
C GLU J 63 -18.58 8.68 13.08
N THR J 64 -17.37 9.10 12.74
CA THR J 64 -16.62 8.52 11.64
C THR J 64 -16.30 7.07 11.91
N THR J 65 -16.18 6.72 13.19
CA THR J 65 -15.84 5.37 13.62
C THR J 65 -16.63 4.31 12.90
N GLN J 66 -17.89 4.58 12.63
CA GLN J 66 -18.79 3.57 12.10
C GLN J 66 -18.31 3.11 10.73
N ALA J 67 -18.29 4.04 9.79
CA ALA J 67 -17.86 3.71 8.44
C ALA J 67 -16.43 3.23 8.44
N LEU J 68 -15.65 3.70 9.40
CA LEU J 68 -14.26 3.27 9.47
C LEU J 68 -14.17 1.78 9.75
N GLN J 69 -14.92 1.32 10.73
CA GLN J 69 -14.95 -0.10 11.05
C GLN J 69 -15.50 -0.89 9.89
N LEU J 70 -16.51 -0.34 9.22
CA LEU J 70 -17.08 -1.06 8.11
C LEU J 70 -16.05 -1.24 7.02
N PHE J 71 -15.22 -0.23 6.83
CA PHE J 71 -14.20 -0.29 5.82
C PHE J 71 -13.18 -1.37 6.15
N LEU J 72 -12.67 -1.33 7.36
CA LEU J 72 -11.64 -2.30 7.73
C LEU J 72 -12.20 -3.70 7.74
N ARG J 73 -13.43 -3.83 8.20
CA ARG J 73 -14.16 -5.07 8.11
C ARG J 73 -14.27 -5.54 6.67
N ALA J 74 -14.37 -4.58 5.75
CA ALA J 74 -14.65 -4.86 4.35
C ALA J 74 -13.38 -5.04 3.53
N THR J 75 -12.28 -5.44 4.16
CA THR J 75 -11.10 -5.82 3.41
C THR J 75 -10.46 -7.02 4.08
N THR J 76 -9.29 -7.37 3.57
CA THR J 76 -8.42 -8.37 4.14
C THR J 76 -7.09 -7.80 4.60
N GLU J 77 -6.81 -6.54 4.27
CA GLU J 77 -5.58 -5.92 4.70
C GLU J 77 -5.48 -5.96 6.21
N LEU J 78 -4.26 -6.12 6.70
CA LEU J 78 -4.02 -5.89 8.11
C LEU J 78 -3.77 -4.42 8.36
N ARG J 79 -2.68 -3.92 7.82
CA ARG J 79 -2.14 -2.63 8.16
C ARG J 79 -2.46 -1.68 7.02
N THR J 80 -3.62 -1.05 7.11
CA THR J 80 -4.00 -0.07 6.12
C THR J 80 -3.07 1.13 6.15
N PHE J 81 -2.78 1.65 4.98
CA PHE J 81 -2.05 2.90 4.84
C PHE J 81 -2.57 3.73 3.67
N SER J 82 -3.62 3.30 3.00
CA SER J 82 -3.97 3.78 1.67
C SER J 82 -5.21 4.64 1.68
N ILE J 83 -5.63 5.12 2.84
CA ILE J 83 -6.89 5.81 2.93
C ILE J 83 -6.80 7.15 2.25
N LEU J 84 -5.91 8.00 2.74
CA LEU J 84 -5.94 9.40 2.34
C LEU J 84 -5.66 9.56 0.87
N ASN J 85 -4.81 8.70 0.32
CA ASN J 85 -4.59 8.70 -1.11
C ASN J 85 -5.89 8.39 -1.84
N ARG J 86 -6.63 7.42 -1.34
CA ARG J 86 -7.90 7.08 -1.95
C ARG J 86 -8.87 8.25 -1.86
N LYS J 87 -8.88 8.95 -0.73
CA LYS J 87 -9.78 10.08 -0.58
C LYS J 87 -9.42 11.18 -1.54
N ALA J 88 -8.12 11.39 -1.74
CA ALA J 88 -7.66 12.43 -2.63
C ALA J 88 -8.10 12.16 -4.04
N ILE J 89 -7.86 10.93 -4.50
CA ILE J 89 -8.21 10.59 -5.86
C ILE J 89 -9.71 10.60 -6.05
N ASP J 90 -10.45 10.25 -4.99
CA ASP J 90 -11.89 10.37 -5.03
C ASP J 90 -12.30 11.82 -5.25
N PHE J 91 -11.65 12.72 -4.55
CA PHE J 91 -11.97 14.13 -4.71
C PHE J 91 -11.66 14.59 -6.11
N LEU J 92 -10.57 14.08 -6.68
CA LEU J 92 -10.21 14.44 -8.04
C LEU J 92 -11.31 14.04 -9.01
N LEU J 93 -11.74 12.79 -8.93
CA LEU J 93 -12.82 12.33 -9.78
C LEU J 93 -14.08 13.15 -9.55
N GLN J 94 -14.37 13.44 -8.29
CA GLN J 94 -15.54 14.23 -7.93
C GLN J 94 -15.47 15.62 -8.51
N ARG J 95 -14.26 16.10 -8.83
CA ARG J 95 -14.05 17.32 -9.56
C ARG J 95 -13.65 17.09 -11.00
N TRP J 96 -13.20 15.89 -11.36
CA TRP J 96 -12.73 15.61 -12.71
C TRP J 96 -13.01 14.16 -13.07
N ASP K 1 -33.02 -6.75 5.58
CA ASP K 1 -32.80 -8.20 5.37
C ASP K 1 -33.44 -8.99 6.52
N ILE K 2 -33.45 -8.40 7.70
CA ILE K 2 -34.02 -9.04 8.88
C ILE K 2 -35.47 -8.62 9.00
N VAL K 3 -36.27 -9.52 9.58
CA VAL K 3 -37.69 -9.33 9.76
C VAL K 3 -38.04 -9.71 11.19
N LEU K 4 -39.02 -9.02 11.74
CA LEU K 4 -39.50 -9.25 13.09
C LEU K 4 -40.77 -10.07 13.07
N THR K 5 -41.23 -10.40 14.27
CA THR K 5 -42.55 -11.01 14.42
C THR K 5 -43.09 -10.57 15.78
N GLN K 6 -43.96 -9.57 15.76
CA GLN K 6 -44.76 -9.30 16.93
C GLN K 6 -45.66 -10.48 17.19
N SER K 7 -45.85 -10.78 18.47
CA SER K 7 -46.82 -11.79 18.83
C SER K 7 -47.21 -11.62 20.29
N PRO K 8 -48.50 -11.58 20.63
CA PRO K 8 -49.70 -11.71 19.81
C PRO K 8 -49.95 -10.53 18.92
N SER K 9 -50.89 -10.68 18.00
CA SER K 9 -51.24 -9.57 17.12
C SER K 9 -51.83 -8.41 17.91
N THR K 10 -52.58 -8.72 18.96
CA THR K 10 -53.22 -7.69 19.76
C THR K 10 -53.61 -8.29 21.10
N LEU K 11 -54.45 -7.56 21.82
CA LEU K 11 -55.09 -8.12 22.99
C LEU K 11 -56.33 -7.31 23.33
N SER K 12 -57.29 -8.01 23.91
CA SER K 12 -58.54 -7.42 24.42
C SER K 12 -58.63 -7.85 25.87
N ALA K 13 -58.11 -7.00 26.75
CA ALA K 13 -58.01 -7.34 28.16
C ALA K 13 -58.33 -6.11 28.99
N SER K 14 -58.45 -6.33 30.29
CA SER K 14 -58.99 -5.34 31.20
C SER K 14 -57.95 -4.89 32.22
N VAL K 15 -58.31 -3.87 32.97
CA VAL K 15 -57.39 -3.18 33.87
C VAL K 15 -56.98 -4.13 34.99
N GLY K 16 -55.78 -3.90 35.53
CA GLY K 16 -55.27 -4.64 36.64
C GLY K 16 -54.58 -5.93 36.24
N ASP K 17 -54.96 -6.50 35.10
CA ASP K 17 -54.31 -7.68 34.59
C ASP K 17 -52.83 -7.40 34.34
N ARG K 18 -52.06 -8.48 34.22
CA ARG K 18 -50.70 -8.41 33.75
C ARG K 18 -50.62 -9.06 32.38
N VAL K 19 -49.80 -8.48 31.52
CA VAL K 19 -49.66 -8.93 30.15
C VAL K 19 -48.20 -8.92 29.77
N THR K 20 -47.81 -9.93 29.03
CA THR K 20 -46.54 -9.98 28.35
C THR K 20 -46.80 -9.99 26.85
N ILE K 21 -45.89 -9.39 26.11
CA ILE K 21 -45.90 -9.48 24.65
C ILE K 21 -44.54 -9.96 24.20
N THR K 22 -44.55 -10.79 23.18
CA THR K 22 -43.36 -11.34 22.58
C THR K 22 -43.00 -10.58 21.32
N CYS K 23 -41.75 -10.75 20.90
CA CYS K 23 -41.29 -10.13 19.66
C CYS K 23 -40.09 -10.94 19.20
N ARG K 24 -40.24 -11.61 18.07
CA ARG K 24 -39.21 -12.46 17.52
C ARG K 24 -38.58 -11.80 16.30
N ALA K 25 -37.48 -12.42 15.85
CA ALA K 25 -36.78 -11.97 14.67
C ALA K 25 -36.25 -13.17 13.91
N SER K 26 -35.81 -12.89 12.69
CA SER K 26 -35.23 -13.91 11.85
C SER K 26 -33.75 -14.15 12.14
N GLN K 27 -33.12 -13.32 12.97
CA GLN K 27 -31.69 -13.45 13.22
C GLN K 27 -31.39 -12.97 14.63
N SER K 28 -30.30 -13.49 15.18
CA SER K 28 -29.97 -13.23 16.57
C SER K 28 -29.55 -11.79 16.76
N ILE K 29 -29.95 -11.23 17.89
CA ILE K 29 -29.69 -9.85 18.23
C ILE K 29 -29.39 -9.78 19.71
N SER K 30 -28.57 -8.81 20.07
CA SER K 30 -28.21 -8.53 21.44
C SER K 30 -29.33 -7.75 22.11
N SER K 31 -29.02 -7.10 23.22
CA SER K 31 -29.95 -6.19 23.87
C SER K 31 -29.96 -4.84 23.16
N TRP K 32 -30.33 -4.86 21.87
CA TRP K 32 -30.40 -3.68 21.03
C TRP K 32 -31.79 -3.58 20.46
N LEU K 33 -32.78 -3.63 21.32
CA LEU K 33 -34.17 -3.54 20.92
C LEU K 33 -34.87 -2.45 21.71
N ALA K 34 -36.00 -2.01 21.17
CA ALA K 34 -36.77 -0.93 21.73
C ALA K 34 -38.25 -1.26 21.66
N TRP K 35 -39.04 -0.37 22.28
CA TRP K 35 -40.48 -0.50 22.35
C TRP K 35 -41.09 0.89 22.30
N TYR K 36 -42.34 0.96 21.87
CA TYR K 36 -43.01 2.23 21.71
C TYR K 36 -44.48 2.11 22.02
N GLN K 37 -45.14 3.26 22.00
CA GLN K 37 -46.59 3.32 22.03
C GLN K 37 -47.06 4.47 21.17
N GLN K 38 -48.29 4.34 20.70
CA GLN K 38 -48.98 5.40 19.96
C GLN K 38 -50.43 5.00 19.85
N LYS K 39 -51.28 6.00 19.67
CA LYS K 39 -52.72 5.79 19.62
C LYS K 39 -53.27 6.26 18.28
N PRO K 40 -54.54 5.95 17.96
CA PRO K 40 -55.03 6.26 16.62
C PRO K 40 -55.13 7.75 16.38
N GLY K 41 -53.98 8.34 16.11
CA GLY K 41 -53.88 9.74 15.75
C GLY K 41 -52.70 10.38 16.44
N GLU K 42 -52.28 9.81 17.56
CA GLU K 42 -51.24 10.41 18.37
C GLU K 42 -49.86 10.15 17.80
N ALA K 43 -48.98 11.09 18.03
CA ALA K 43 -47.58 10.86 17.73
C ALA K 43 -47.02 9.86 18.75
N PRO K 44 -46.14 8.96 18.34
CA PRO K 44 -45.71 7.92 19.28
C PRO K 44 -44.85 8.36 20.43
N LYS K 45 -44.43 7.38 21.21
CA LYS K 45 -43.59 7.60 22.37
C LYS K 45 -42.68 6.41 22.58
N LEU K 46 -41.52 6.69 23.15
CA LEU K 46 -40.55 5.67 23.47
C LEU K 46 -40.80 5.10 24.84
N LEU K 47 -40.47 3.82 25.00
CA LEU K 47 -40.69 3.10 26.23
C LEU K 47 -39.43 2.49 26.80
N ILE K 48 -38.70 1.70 26.02
CA ILE K 48 -37.47 1.07 26.48
C ILE K 48 -36.41 1.21 25.39
N SER K 49 -35.17 1.37 25.84
CA SER K 49 -33.99 1.29 25.00
C SER K 49 -33.22 0.03 25.38
N ASP K 50 -32.57 -0.58 24.40
CA ASP K 50 -31.76 -1.79 24.63
C ASP K 50 -32.52 -3.04 25.06
N ALA K 51 -33.84 -2.94 25.11
CA ALA K 51 -34.68 -4.06 25.51
C ALA K 51 -34.94 -4.16 27.01
N SER K 52 -34.25 -3.38 27.81
CA SER K 52 -34.56 -3.31 29.24
C SER K 52 -34.42 -1.93 29.85
N SER K 53 -33.74 -0.98 29.22
CA SER K 53 -33.47 0.30 29.84
C SER K 53 -34.70 1.17 29.74
N LEU K 54 -35.41 1.29 30.85
CA LEU K 54 -36.61 2.09 30.86
C LEU K 54 -36.30 3.55 30.61
N GLU K 55 -37.28 4.26 30.10
CA GLU K 55 -37.15 5.67 29.82
C GLU K 55 -37.57 6.52 31.00
N SER K 56 -37.28 7.79 30.90
CA SER K 56 -37.64 8.76 31.92
C SER K 56 -39.12 9.09 31.83
N GLY K 57 -39.70 9.39 33.00
CA GLY K 57 -41.09 9.80 33.03
C GLY K 57 -42.07 8.72 32.68
N VAL K 58 -41.70 7.46 32.88
CA VAL K 58 -42.54 6.33 32.53
C VAL K 58 -42.85 5.54 33.79
N PRO K 59 -44.04 4.93 33.93
CA PRO K 59 -44.26 4.04 35.06
C PRO K 59 -43.30 2.87 35.05
N SER K 60 -42.98 2.39 36.25
CA SER K 60 -42.13 1.23 36.40
C SER K 60 -42.85 -0.07 36.06
N ARG K 61 -44.16 -0.04 35.82
CA ARG K 61 -44.87 -1.24 35.41
C ARG K 61 -44.32 -1.78 34.10
N PHE K 62 -43.81 -0.89 33.27
CA PHE K 62 -43.30 -1.26 31.98
C PHE K 62 -41.99 -2.01 32.12
N SER K 63 -41.93 -3.22 31.59
CA SER K 63 -40.72 -4.00 31.68
C SER K 63 -40.72 -5.09 30.62
N GLY K 64 -39.53 -5.41 30.14
CA GLY K 64 -39.37 -6.45 29.15
C GLY K 64 -37.94 -6.93 29.18
N SER K 65 -37.68 -7.97 28.41
CA SER K 65 -36.36 -8.57 28.40
C SER K 65 -36.29 -9.55 27.24
N GLY K 66 -35.17 -10.25 27.16
CA GLY K 66 -34.91 -11.24 26.16
C GLY K 66 -33.47 -11.15 25.68
N SER K 67 -33.17 -11.91 24.65
CA SER K 67 -31.86 -11.92 24.02
C SER K 67 -31.97 -12.76 22.76
N GLY K 68 -30.97 -12.62 21.91
CA GLY K 68 -30.97 -13.38 20.67
C GLY K 68 -32.11 -12.95 19.77
N THR K 69 -33.14 -13.76 19.69
CA THR K 69 -34.32 -13.48 18.87
C THR K 69 -35.57 -13.28 19.71
N GLU K 70 -35.71 -14.06 20.78
CA GLU K 70 -36.88 -13.95 21.63
C GLU K 70 -36.77 -12.73 22.52
N PHE K 71 -37.82 -11.93 22.54
CA PHE K 71 -37.83 -10.73 23.35
C PHE K 71 -39.24 -10.47 23.83
N THR K 72 -39.33 -9.94 25.04
CA THR K 72 -40.55 -9.90 25.81
C THR K 72 -40.90 -8.46 26.16
N LEU K 73 -42.11 -8.30 26.69
CA LEU K 73 -42.48 -7.02 27.28
C LEU K 73 -43.63 -7.27 28.25
N THR K 74 -43.31 -7.28 29.53
CA THR K 74 -44.27 -7.62 30.59
C THR K 74 -44.70 -6.36 31.32
N ILE K 75 -46.01 -6.19 31.47
CA ILE K 75 -46.57 -5.09 32.23
C ILE K 75 -47.69 -5.65 33.10
N SER K 76 -47.56 -5.47 34.40
CA SER K 76 -48.64 -5.72 35.34
C SER K 76 -49.51 -4.49 35.45
N SER K 77 -50.69 -4.68 36.05
CA SER K 77 -51.49 -3.59 36.61
C SER K 77 -51.77 -2.51 35.57
N LEU K 78 -52.52 -2.90 34.56
CA LEU K 78 -52.69 -2.07 33.39
C LEU K 78 -53.48 -0.82 33.73
N GLN K 79 -53.68 0.00 32.71
CA GLN K 79 -54.40 1.26 32.84
C GLN K 79 -55.13 1.52 31.55
N PRO K 80 -56.02 2.52 31.53
CA PRO K 80 -56.57 2.96 30.24
C PRO K 80 -55.49 3.50 29.32
N ASP K 81 -54.58 4.30 29.88
CA ASP K 81 -53.50 4.87 29.08
C ASP K 81 -52.63 3.78 28.48
N ASP K 82 -52.55 2.64 29.16
CA ASP K 82 -51.74 1.53 28.68
C ASP K 82 -52.34 0.86 27.44
N PHE K 83 -53.57 1.21 27.05
CA PHE K 83 -54.27 0.53 25.97
C PHE K 83 -54.03 1.17 24.63
N ALA K 84 -52.87 1.79 24.44
CA ALA K 84 -52.46 2.20 23.12
C ALA K 84 -52.02 0.98 22.32
N THR K 85 -51.61 1.23 21.08
CA THR K 85 -50.94 0.24 20.27
C THR K 85 -49.45 0.36 20.50
N TYR K 86 -48.78 -0.77 20.53
CA TYR K 86 -47.36 -0.84 20.85
C TYR K 86 -46.62 -1.49 19.70
N TYR K 87 -45.33 -1.20 19.63
CA TYR K 87 -44.49 -1.64 18.53
C TYR K 87 -43.13 -2.06 19.05
N CYS K 88 -42.36 -2.69 18.16
CA CYS K 88 -41.11 -3.36 18.49
C CYS K 88 -40.10 -2.99 17.41
N GLN K 89 -39.17 -2.10 17.73
CA GLN K 89 -38.23 -1.57 16.75
C GLN K 89 -36.88 -2.25 16.90
N GLN K 90 -36.56 -3.10 15.94
CA GLN K 90 -35.19 -3.54 15.77
C GLN K 90 -34.30 -2.35 15.50
N TYR K 91 -33.08 -2.39 16.00
CA TYR K 91 -32.08 -1.47 15.50
C TYR K 91 -30.70 -2.10 15.49
N TYR K 92 -30.64 -3.41 15.24
CA TYR K 92 -29.35 -4.10 15.19
C TYR K 92 -28.59 -3.72 13.94
N SER K 93 -29.16 -4.06 12.79
CA SER K 93 -28.55 -3.86 11.49
C SER K 93 -29.34 -2.92 10.61
N SER K 94 -30.64 -2.80 10.84
CA SER K 94 -31.43 -1.82 10.14
C SER K 94 -32.62 -1.51 11.01
N PRO K 95 -33.09 -0.29 11.03
CA PRO K 95 -34.19 0.05 11.93
C PRO K 95 -35.48 -0.54 11.41
N THR K 96 -35.71 -1.80 11.77
CA THR K 96 -36.84 -2.56 11.27
C THR K 96 -37.98 -2.55 12.28
N PHE K 97 -39.19 -2.52 11.76
CA PHE K 97 -40.42 -2.63 12.54
C PHE K 97 -41.15 -3.90 12.13
N GLY K 98 -42.35 -4.04 12.65
CA GLY K 98 -43.22 -5.11 12.20
C GLY K 98 -44.69 -4.79 12.38
N GLY K 99 -45.49 -5.83 12.57
CA GLY K 99 -46.93 -5.69 12.53
C GLY K 99 -47.55 -4.94 13.68
N GLY K 100 -46.76 -4.55 14.67
CA GLY K 100 -47.30 -3.84 15.79
C GLY K 100 -48.24 -4.66 16.64
N THR K 101 -48.68 -4.09 17.75
CA THR K 101 -49.47 -4.81 18.74
C THR K 101 -50.49 -3.88 19.35
N LYS K 102 -51.76 -4.14 19.07
CA LYS K 102 -52.85 -3.31 19.54
C LYS K 102 -53.40 -3.84 20.86
N VAL K 103 -54.05 -2.95 21.59
CA VAL K 103 -54.62 -3.27 22.88
C VAL K 103 -56.05 -2.75 22.93
N GLU K 104 -56.90 -3.47 23.66
CA GLU K 104 -58.24 -2.99 23.91
C GLU K 104 -58.81 -3.68 25.14
N ILE K 105 -60.10 -3.51 25.35
CA ILE K 105 -60.88 -4.19 26.37
C ILE K 105 -61.85 -5.10 25.65
N LYS K 106 -62.33 -6.12 26.35
CA LYS K 106 -63.48 -6.93 25.92
C LYS K 106 -64.57 -6.11 25.23
N GLN L 1 -39.32 20.95 26.45
CA GLN L 1 -38.29 21.79 25.80
C GLN L 1 -38.12 21.36 24.37
N VAL L 2 -37.96 20.05 24.19
CA VAL L 2 -37.79 19.48 22.88
C VAL L 2 -39.07 19.75 22.10
N GLN L 3 -38.96 20.63 21.12
CA GLN L 3 -40.13 21.17 20.43
C GLN L 3 -39.93 20.95 18.94
N LEU L 4 -40.37 19.80 18.47
CA LEU L 4 -40.42 19.56 17.04
C LEU L 4 -41.54 20.36 16.41
N VAL L 5 -41.34 20.72 15.16
CA VAL L 5 -42.33 21.44 14.37
C VAL L 5 -42.42 20.73 13.03
N GLN L 6 -43.35 19.80 12.91
CA GLN L 6 -43.61 19.17 11.64
C GLN L 6 -44.41 20.15 10.78
N SER L 7 -43.93 20.38 9.56
CA SER L 7 -44.61 21.26 8.64
C SER L 7 -46.00 20.72 8.32
N GLY L 8 -46.80 21.56 7.69
CA GLY L 8 -48.12 21.16 7.24
C GLY L 8 -48.01 20.25 6.03
N VAL L 9 -49.19 19.90 5.51
CA VAL L 9 -49.33 18.89 4.46
C VAL L 9 -49.69 19.58 3.17
N THR L 10 -49.30 18.95 2.06
CA THR L 10 -49.58 19.45 0.72
C THR L 10 -49.87 18.27 -0.19
N LEU L 11 -50.78 18.49 -1.13
CA LEU L 11 -51.03 17.52 -2.18
C LEU L 11 -50.08 17.75 -3.33
N VAL L 12 -49.58 16.65 -3.88
CA VAL L 12 -48.66 16.67 -5.01
C VAL L 12 -49.07 15.56 -5.94
N GLN L 13 -48.92 15.78 -7.24
CA GLN L 13 -49.35 14.79 -8.19
C GLN L 13 -48.35 13.63 -8.20
N PRO L 14 -48.71 12.51 -8.81
CA PRO L 14 -47.74 11.43 -8.99
C PRO L 14 -46.57 11.89 -9.82
N GLY L 15 -45.39 11.37 -9.50
CA GLY L 15 -44.18 11.79 -10.14
C GLY L 15 -43.67 13.14 -9.70
N GLY L 16 -44.38 13.84 -8.83
CA GLY L 16 -44.01 15.18 -8.42
C GLY L 16 -42.82 15.19 -7.49
N SER L 17 -42.79 16.18 -6.61
CA SER L 17 -41.66 16.39 -5.72
C SER L 17 -42.09 17.30 -4.59
N LEU L 18 -41.20 17.44 -3.61
CA LEU L 18 -41.55 18.16 -2.40
C LEU L 18 -40.30 18.36 -1.56
N ARG L 19 -40.29 19.45 -0.79
CA ARG L 19 -39.26 19.69 0.22
C ARG L 19 -39.96 19.85 1.56
N VAL L 20 -39.77 18.87 2.43
CA VAL L 20 -40.26 18.97 3.79
C VAL L 20 -39.32 19.85 4.60
N SER L 21 -39.85 20.40 5.69
CA SER L 21 -39.02 21.09 6.67
C SER L 21 -39.62 20.84 8.04
N CYS L 22 -38.91 20.06 8.84
CA CYS L 22 -39.17 19.95 10.27
C CYS L 22 -38.16 20.81 11.01
N ALA L 23 -38.63 21.56 11.99
CA ALA L 23 -37.79 22.39 12.83
C ALA L 23 -37.83 21.87 14.25
N ALA L 24 -36.80 22.23 15.00
CA ALA L 24 -36.63 21.73 16.35
C ALA L 24 -36.04 22.80 17.23
N SER L 25 -36.26 22.62 18.52
CA SER L 25 -35.71 23.51 19.52
C SER L 25 -35.89 22.85 20.88
N GLY L 26 -34.99 23.17 21.79
CA GLY L 26 -34.97 22.61 23.12
C GLY L 26 -33.68 21.93 23.47
N PHE L 27 -32.67 21.96 22.61
CA PHE L 27 -31.43 21.24 22.84
C PHE L 27 -30.43 21.69 21.78
N THR L 28 -29.29 21.01 21.74
CA THR L 28 -28.28 21.27 20.73
C THR L 28 -28.66 20.50 19.48
N PHE L 29 -29.17 21.23 18.49
CA PHE L 29 -29.64 20.61 17.27
C PHE L 29 -28.55 19.84 16.55
N SER L 30 -27.30 20.23 16.74
CA SER L 30 -26.19 19.59 16.05
C SER L 30 -25.77 18.31 16.74
N SER L 31 -25.90 18.25 18.06
CA SER L 31 -25.35 17.12 18.79
C SER L 31 -26.11 15.83 18.52
N TYR L 32 -27.31 15.93 17.99
CA TYR L 32 -28.16 14.78 17.74
C TYR L 32 -28.43 14.66 16.26
N ALA L 33 -28.81 13.46 15.88
CA ALA L 33 -29.20 13.15 14.53
C ALA L 33 -30.71 13.09 14.44
N MET L 34 -31.20 12.92 13.22
CA MET L 34 -32.61 12.86 12.94
C MET L 34 -32.82 11.85 11.84
N SER L 35 -34.08 11.63 11.48
CA SER L 35 -34.41 10.64 10.47
C SER L 35 -35.82 10.91 9.99
N TRP L 36 -36.38 9.96 9.26
CA TRP L 36 -37.76 10.03 8.84
C TRP L 36 -38.35 8.63 8.82
N VAL L 37 -39.58 8.54 9.29
CA VAL L 37 -40.34 7.30 9.29
C VAL L 37 -41.74 7.66 8.82
N ARG L 38 -42.39 6.69 8.19
CA ARG L 38 -43.71 6.91 7.63
C ARG L 38 -44.67 5.85 8.12
N GLN L 39 -45.93 6.23 8.16
CA GLN L 39 -47.03 5.33 8.46
C GLN L 39 -48.16 5.68 7.52
N ALA L 40 -48.41 4.81 6.56
CA ALA L 40 -49.60 4.96 5.77
C ALA L 40 -50.81 4.68 6.65
N PRO L 41 -51.99 5.10 6.23
CA PRO L 41 -53.18 4.86 7.04
C PRO L 41 -53.46 3.37 7.21
N GLY L 42 -53.78 2.98 8.44
CA GLY L 42 -54.04 1.59 8.72
C GLY L 42 -52.84 0.71 8.52
N LYS L 43 -51.64 1.25 8.75
CA LYS L 43 -50.41 0.52 8.52
C LYS L 43 -49.45 0.75 9.66
N GLY L 44 -48.38 -0.02 9.66
CA GLY L 44 -47.30 0.13 10.60
C GLY L 44 -46.29 1.13 10.10
N LEU L 45 -45.09 1.02 10.66
CA LEU L 45 -44.04 1.99 10.43
C LEU L 45 -43.07 1.52 9.37
N GLU L 46 -42.24 2.46 8.91
CA GLU L 46 -41.26 2.16 7.88
C GLU L 46 -40.21 3.23 7.90
N TRP L 47 -38.98 2.85 8.20
CA TRP L 47 -37.90 3.80 8.17
C TRP L 47 -37.65 4.26 6.75
N VAL L 48 -37.28 5.52 6.64
CA VAL L 48 -37.04 6.14 5.36
C VAL L 48 -35.56 6.38 5.15
N SER L 49 -34.96 7.18 5.99
CA SER L 49 -33.59 7.63 5.77
C SER L 49 -33.17 8.38 7.03
N ALA L 50 -31.88 8.63 7.11
CA ALA L 50 -31.33 9.26 8.29
C ALA L 50 -30.04 9.94 7.95
N ILE L 51 -29.55 10.71 8.91
CA ILE L 51 -28.47 11.65 8.72
C ILE L 51 -27.57 11.58 9.93
N SER L 52 -26.33 12.02 9.75
CA SER L 52 -25.45 12.23 10.89
C SER L 52 -25.93 13.43 11.69
N GLY L 53 -25.29 13.63 12.83
CA GLY L 53 -25.59 14.83 13.59
C GLY L 53 -25.09 16.11 12.95
N LEU L 54 -24.25 15.99 11.92
CA LEU L 54 -23.66 17.14 11.25
C LEU L 54 -23.88 17.17 9.75
N GLY L 55 -24.28 16.06 9.15
CA GLY L 55 -24.65 16.01 7.75
C GLY L 55 -23.69 15.24 6.88
N GLY L 56 -22.57 14.77 7.41
CA GLY L 56 -21.69 13.94 6.64
C GLY L 56 -22.37 12.67 6.20
N SER L 57 -22.66 11.80 7.16
CA SER L 57 -23.20 10.51 6.80
C SER L 57 -24.69 10.61 6.54
N THR L 58 -25.11 9.95 5.48
CA THR L 58 -26.50 9.74 5.16
C THR L 58 -26.77 8.25 5.12
N TYR L 59 -28.02 7.92 5.34
CA TYR L 59 -28.46 6.54 5.29
C TYR L 59 -29.87 6.53 4.76
N TYR L 60 -30.12 5.67 3.79
CA TYR L 60 -31.40 5.57 3.12
C TYR L 60 -31.86 4.14 3.13
N ALA L 61 -33.17 3.96 3.23
CA ALA L 61 -33.73 2.65 3.01
C ALA L 61 -33.59 2.25 1.56
N ASP L 62 -33.64 0.94 1.32
CA ASP L 62 -33.46 0.42 -0.01
C ASP L 62 -34.60 0.81 -0.93
N SER L 63 -35.82 0.86 -0.38
CA SER L 63 -37.00 1.03 -1.20
C SER L 63 -37.07 2.40 -1.86
N VAL L 64 -36.33 3.39 -1.35
CA VAL L 64 -36.44 4.77 -1.78
C VAL L 64 -35.07 5.35 -2.10
N LYS L 65 -34.07 4.48 -2.25
CA LYS L 65 -32.72 4.94 -2.48
C LYS L 65 -32.65 5.70 -3.79
N GLY L 66 -32.12 6.92 -3.71
CA GLY L 66 -32.03 7.80 -4.84
C GLY L 66 -33.25 8.66 -5.04
N ARG L 67 -34.42 8.16 -4.69
CA ARG L 67 -35.64 8.93 -4.84
C ARG L 67 -35.69 10.08 -3.86
N PHE L 68 -35.13 9.88 -2.67
CA PHE L 68 -35.25 10.84 -1.59
C PHE L 68 -33.87 11.35 -1.21
N THR L 69 -33.85 12.61 -0.79
CA THR L 69 -32.61 13.30 -0.45
C THR L 69 -32.83 14.02 0.87
N ILE L 70 -32.17 13.52 1.89
CA ILE L 70 -32.23 14.12 3.21
C ILE L 70 -31.28 15.31 3.29
N SER L 71 -31.58 16.22 4.19
CA SER L 71 -30.69 17.33 4.48
C SER L 71 -31.18 18.07 5.71
N ARG L 72 -30.27 18.81 6.31
CA ARG L 72 -30.55 19.59 7.51
C ARG L 72 -29.86 20.93 7.38
N ASP L 73 -29.99 21.73 8.43
CA ASP L 73 -29.24 22.98 8.56
C ASP L 73 -29.02 23.19 10.05
N ASN L 74 -27.79 22.96 10.49
CA ASN L 74 -27.45 23.13 11.89
C ASN L 74 -27.66 24.57 12.32
N SER L 75 -27.32 25.51 11.45
CA SER L 75 -27.39 26.92 11.81
C SER L 75 -28.82 27.34 12.09
N LYS L 76 -29.76 26.88 11.28
CA LYS L 76 -31.15 27.28 11.40
C LYS L 76 -31.95 26.41 12.36
N ASN L 77 -31.32 25.40 12.96
CA ASN L 77 -32.02 24.46 13.83
C ASN L 77 -33.18 23.81 13.07
N THR L 78 -32.85 23.29 11.89
CA THR L 78 -33.85 22.93 10.91
C THR L 78 -33.47 21.63 10.22
N LEU L 79 -34.48 20.83 9.95
CA LEU L 79 -34.37 19.64 9.13
C LEU L 79 -35.05 19.90 7.79
N TYR L 80 -34.69 19.09 6.80
CA TYR L 80 -35.32 19.13 5.51
C TYR L 80 -35.42 17.72 4.95
N LEU L 81 -36.14 17.61 3.85
CA LEU L 81 -36.14 16.37 3.08
C LEU L 81 -36.67 16.67 1.69
N GLN L 82 -35.83 16.44 0.69
CA GLN L 82 -36.22 16.60 -0.71
C GLN L 82 -36.54 15.24 -1.29
N MET L 83 -37.58 15.20 -2.11
CA MET L 83 -38.17 13.96 -2.58
C MET L 83 -38.73 14.22 -3.96
N ASN L 84 -38.87 13.15 -4.74
CA ASN L 84 -39.28 13.34 -6.13
C ASN L 84 -39.82 12.04 -6.71
N SER L 85 -40.35 12.16 -7.92
CA SER L 85 -40.72 11.01 -8.74
C SER L 85 -41.73 10.13 -8.02
N LEU L 86 -42.66 10.77 -7.34
CA LEU L 86 -43.34 10.12 -6.25
C LEU L 86 -44.45 9.20 -6.74
N ARG L 87 -44.52 8.03 -6.11
CA ARG L 87 -45.54 7.02 -6.37
C ARG L 87 -46.67 7.14 -5.36
N ALA L 88 -47.70 6.33 -5.58
CA ALA L 88 -48.85 6.31 -4.68
C ALA L 88 -48.50 5.72 -3.33
N GLU L 89 -47.54 4.80 -3.30
CA GLU L 89 -47.18 4.14 -2.05
C GLU L 89 -46.65 5.12 -1.03
N ASP L 90 -46.09 6.23 -1.49
CA ASP L 90 -45.51 7.21 -0.60
C ASP L 90 -46.55 7.97 0.21
N THR L 91 -47.83 7.79 -0.08
CA THR L 91 -48.88 8.42 0.70
C THR L 91 -48.82 7.91 2.13
N ALA L 92 -48.42 8.78 3.06
CA ALA L 92 -48.29 8.36 4.45
C ALA L 92 -48.00 9.59 5.31
N VAL L 93 -47.85 9.34 6.60
CA VAL L 93 -47.56 10.36 7.59
C VAL L 93 -46.08 10.31 7.89
N TYR L 94 -45.35 11.30 7.40
CA TYR L 94 -43.92 11.35 7.59
C TYR L 94 -43.61 12.14 8.86
N TYR L 95 -42.86 11.51 9.75
CA TYR L 95 -42.48 12.10 11.02
C TYR L 95 -41.00 12.42 11.05
N CYS L 96 -40.66 13.57 11.59
CA CYS L 96 -39.30 13.88 11.95
C CYS L 96 -39.04 13.40 13.37
N ALA L 97 -38.00 12.58 13.54
CA ALA L 97 -37.79 11.84 14.77
C ALA L 97 -36.36 12.00 15.28
N LYS L 98 -36.25 12.12 16.59
CA LYS L 98 -34.99 12.32 17.27
C LYS L 98 -34.57 11.04 17.97
N ASP L 99 -33.26 10.90 18.12
CA ASP L 99 -32.67 9.74 18.76
C ASP L 99 -32.71 9.85 20.27
N HIS L 100 -32.46 8.71 20.89
CA HIS L 100 -32.20 8.65 22.32
C HIS L 100 -30.75 8.98 22.62
N ARG L 101 -29.84 8.32 21.91
CA ARG L 101 -28.42 8.54 22.07
C ARG L 101 -28.05 9.85 21.42
N VAL L 102 -26.76 10.14 21.40
CA VAL L 102 -26.21 11.38 20.91
C VAL L 102 -25.05 11.05 19.97
N TRP L 103 -24.73 12.01 19.11
CA TRP L 103 -23.62 11.89 18.18
C TRP L 103 -23.82 10.71 17.23
N ALA L 104 -24.90 10.82 16.46
CA ALA L 104 -25.15 10.03 15.25
C ALA L 104 -25.05 8.54 15.49
N ALA L 105 -25.43 8.11 16.68
CA ALA L 105 -25.62 6.71 16.99
C ALA L 105 -26.95 6.57 17.70
N GLY L 106 -27.41 5.33 17.80
CA GLY L 106 -28.65 5.09 18.51
C GLY L 106 -29.82 5.45 17.65
N TYR L 107 -30.00 4.70 16.57
CA TYR L 107 -31.10 4.92 15.65
C TYR L 107 -32.44 4.89 16.36
N HIS L 108 -32.55 4.14 17.46
CA HIS L 108 -33.79 4.12 18.21
C HIS L 108 -34.16 5.51 18.68
N PHE L 109 -35.42 5.86 18.50
CA PHE L 109 -35.86 7.24 18.52
C PHE L 109 -36.54 7.61 19.82
N ASP L 110 -36.20 8.81 20.30
CA ASP L 110 -36.77 9.35 21.53
C ASP L 110 -38.10 10.03 21.25
N TYR L 111 -38.08 11.07 20.44
CA TYR L 111 -39.23 11.92 20.20
C TYR L 111 -39.83 11.64 18.85
N TRP L 112 -40.92 12.33 18.57
CA TRP L 112 -41.70 12.09 17.37
C TRP L 112 -42.37 13.39 16.97
N GLY L 113 -42.20 13.80 15.72
CA GLY L 113 -42.88 14.96 15.22
C GLY L 113 -44.39 14.75 15.18
N GLN L 114 -45.11 15.78 14.74
CA GLN L 114 -46.56 15.67 14.67
C GLN L 114 -46.99 14.77 13.52
N GLY L 115 -46.19 14.70 12.46
CA GLY L 115 -46.55 13.96 11.26
C GLY L 115 -47.31 14.81 10.26
N ALA L 116 -47.20 14.41 9.00
CA ALA L 116 -47.89 15.09 7.91
C ALA L 116 -48.35 14.07 6.88
N LEU L 117 -49.67 13.96 6.71
CA LEU L 117 -50.27 12.90 5.91
C LEU L 117 -50.16 13.26 4.44
N VAL L 118 -48.98 13.03 3.90
CA VAL L 118 -48.72 13.39 2.52
C VAL L 118 -49.55 12.52 1.59
N THR L 119 -49.92 13.09 0.43
CA THR L 119 -50.85 12.48 -0.50
C THR L 119 -50.36 12.69 -1.92
N VAL L 120 -51.01 11.99 -2.85
CA VAL L 120 -50.57 11.92 -4.24
C VAL L 120 -51.62 12.39 -5.24
N SER L 121 -52.90 12.22 -4.89
CA SER L 121 -53.97 12.67 -5.78
C SER L 121 -55.32 12.68 -5.07
C1 NAG M . -22.68 -39.78 5.63
C2 NAG M . -21.79 -38.69 6.21
C3 NAG M . -21.78 -38.78 7.72
C4 NAG M . -23.20 -38.78 8.28
C5 NAG M . -24.01 -39.88 7.62
C6 NAG M . -25.47 -39.86 8.04
C7 NAG M . -19.62 -37.78 5.54
C8 NAG M . -18.26 -38.08 4.97
N2 NAG M . -20.44 -38.81 5.67
O3 NAG M . -21.07 -37.66 8.25
O4 NAG M . -23.19 -39.00 9.69
O5 NAG M . -23.99 -39.70 6.19
O6 NAG M . -26.29 -40.53 7.09
O7 NAG M . -19.94 -36.64 5.87
C1 NAG M . -23.89 -37.91 10.32
C2 NAG M . -24.25 -38.31 11.74
C3 NAG M . -24.93 -37.16 12.47
C4 NAG M . -24.08 -35.91 12.39
C5 NAG M . -23.74 -35.59 10.94
C6 NAG M . -22.79 -34.42 10.79
C7 NAG M . -24.62 -40.73 11.90
C8 NAG M . -25.63 -41.83 11.92
N2 NAG M . -25.10 -39.49 11.76
O3 NAG M . -25.14 -37.52 13.83
O4 NAG M . -24.78 -34.80 12.96
O5 NAG M . -23.09 -36.72 10.34
O6 NAG M . -21.83 -34.65 9.77
O7 NAG M . -23.41 -40.96 12.02
C1 NAG N . -8.34 -20.02 -21.05
C2 NAG N . -7.40 -20.84 -20.21
C3 NAG N . -6.85 -21.99 -21.05
C4 NAG N . -7.98 -22.78 -21.69
C5 NAG N . -9.01 -21.88 -22.36
C6 NAG N . -10.27 -22.62 -22.73
C7 NAG N . -5.86 -20.21 -18.42
C8 NAG N . -4.74 -19.31 -18.01
N2 NAG N . -6.32 -20.05 -19.67
O3 NAG N . -6.06 -22.84 -20.23
O4 NAG N . -7.41 -23.57 -22.73
O5 NAG N . -9.41 -20.82 -21.48
O6 NAG N . -11.16 -21.79 -23.46
O7 NAG N . -6.35 -21.03 -17.66
C1 NAG N . -7.26 -24.90 -22.26
C2 NAG N . -7.86 -25.77 -23.35
C3 NAG N . -7.69 -27.23 -23.00
C4 NAG N . -6.22 -27.53 -22.77
C5 NAG N . -5.67 -26.59 -21.70
C6 NAG N . -4.18 -26.75 -21.51
C7 NAG N . -9.78 -25.24 -24.78
C8 NAG N . -11.24 -24.92 -24.82
N2 NAG N . -9.27 -25.45 -23.56
O3 NAG N . -8.18 -28.03 -24.09
O4 NAG N . -6.07 -28.88 -22.35
O5 NAG N . -5.89 -25.24 -22.08
O6 NAG N . -3.55 -27.16 -22.70
O7 NAG N . -9.09 -25.30 -25.79
C1 BMA N . -5.22 -29.52 -23.32
C2 BMA N . -4.12 -30.19 -22.51
C3 BMA N . -3.31 -31.13 -23.36
C4 BMA N . -4.22 -32.03 -24.20
C5 BMA N . -5.16 -31.17 -25.01
C6 BMA N . -6.07 -31.99 -25.93
O2 BMA N . -4.67 -30.97 -21.48
O3 BMA N . -2.51 -31.94 -22.54
O4 BMA N . -3.44 -32.84 -25.05
O5 BMA N . -5.97 -30.46 -24.08
O6 BMA N . -7.17 -32.43 -25.18
C1 MAN N . -1.11 -31.72 -22.81
C2 MAN N . -0.39 -32.45 -21.70
C3 MAN N . -0.90 -31.90 -20.40
C4 MAN N . -0.66 -30.40 -20.32
C5 MAN N . -1.10 -29.64 -21.57
C6 MAN N . -0.44 -28.30 -21.67
O2 MAN N . 0.98 -32.13 -21.68
O3 MAN N . -0.25 -32.52 -19.31
O4 MAN N . -1.38 -29.89 -19.22
O5 MAN N . -0.78 -30.37 -22.77
O6 MAN N . 0.90 -28.46 -21.16
C1 MAN N . 1.67 -33.35 -21.41
C2 MAN N . 3.00 -33.01 -20.72
C3 MAN N . 3.93 -32.33 -21.72
C4 MAN N . 4.06 -33.18 -22.97
C5 MAN N . 2.69 -33.39 -23.58
C6 MAN N . 2.72 -34.25 -24.82
O2 MAN N . 3.69 -34.19 -20.33
O3 MAN N . 5.21 -32.09 -21.16
O4 MAN N . 4.90 -32.52 -23.90
O5 MAN N . 1.87 -34.06 -22.62
O6 MAN N . 3.76 -33.75 -25.67
C1 MAN N . -7.42 -33.82 -25.47
C2 MAN N . -8.71 -34.22 -24.72
C3 MAN N . -8.43 -34.28 -23.22
C4 MAN N . -7.23 -35.17 -22.93
C5 MAN N . -6.03 -34.62 -23.67
C6 MAN N . -4.77 -35.43 -23.45
O2 MAN N . -9.14 -35.53 -25.08
O3 MAN N . -9.57 -34.72 -22.49
O4 MAN N . -6.96 -35.20 -21.54
O5 MAN N . -6.31 -34.60 -25.09
O6 MAN N . -4.84 -36.58 -24.27
C1 NAG O . 40.48 -21.26 -6.19
C2 NAG O . 39.02 -21.32 -5.76
C3 NAG O . 38.56 -22.77 -5.68
C4 NAG O . 38.84 -23.50 -6.99
C5 NAG O . 40.32 -23.35 -7.36
C6 NAG O . 40.66 -23.95 -8.70
C7 NAG O . 37.71 -20.09 -4.10
C8 NAG O . 37.71 -19.45 -2.74
N2 NAG O . 38.85 -20.66 -4.48
O3 NAG O . 37.16 -22.81 -5.43
O4 NAG O . 38.54 -24.88 -6.86
O5 NAG O . 40.64 -21.95 -7.44
O6 NAG O . 41.85 -23.40 -9.23
O7 NAG O . 36.71 -20.09 -4.81
C1 NAG O . 37.61 -25.24 -7.92
C2 NAG O . 37.59 -26.75 -8.06
C3 NAG O . 36.56 -27.18 -9.10
C4 NAG O . 35.19 -26.57 -8.77
C5 NAG O . 35.32 -25.06 -8.60
C6 NAG O . 34.03 -24.42 -8.16
C7 NAG O . 39.77 -27.73 -7.50
C8 NAG O . 41.07 -28.24 -8.03
N2 NAG O . 38.90 -27.28 -8.40
O3 NAG O . 36.47 -28.59 -9.13
O4 NAG O . 34.27 -26.86 -9.81
O5 NAG O . 36.30 -24.77 -7.60
O6 NAG O . 34.27 -23.39 -7.21
O7 NAG O . 39.52 -27.73 -6.30
C1 NAG P . 27.68 12.14 -0.81
C2 NAG P . 27.79 11.22 0.38
C3 NAG P . 28.88 11.74 1.30
C4 NAG P . 30.18 11.91 0.53
C5 NAG P . 29.97 12.67 -0.78
C6 NAG P . 31.18 12.59 -1.68
C7 NAG P . 26.08 9.98 1.61
C8 NAG P . 24.77 10.05 2.34
N2 NAG P . 26.52 11.14 1.11
O3 NAG P . 29.08 10.82 2.37
O4 NAG P . 31.05 12.71 1.32
O5 NAG P . 28.88 12.11 -1.52
O6 NAG P . 31.02 13.40 -2.83
O7 NAG P . 26.69 8.93 1.49
C1 NAG P . 31.98 11.88 1.97
C2 NAG P . 33.33 12.54 1.70
C3 NAG P . 34.43 11.78 2.41
C4 NAG P . 34.11 11.68 3.89
C5 NAG P . 32.74 11.05 4.09
C6 NAG P . 32.29 11.05 5.53
C7 NAG P . 34.01 13.75 -0.31
C8 NAG P . 34.25 13.68 -1.78
N2 NAG P . 33.61 12.62 0.28
O3 NAG P . 35.67 12.46 2.23
O4 NAG P . 35.09 10.88 4.55
O5 NAG P . 31.75 11.81 3.36
O6 NAG P . 32.86 12.14 6.24
O7 NAG P . 34.19 14.79 0.33
C1 BMA P . 35.70 11.71 5.54
C2 BMA P . 35.63 10.90 6.84
C3 BMA P . 36.47 11.53 7.92
C4 BMA P . 37.85 11.89 7.39
C5 BMA P . 37.71 12.79 6.18
C6 BMA P . 39.05 13.25 5.62
O2 BMA P . 36.13 9.60 6.64
O3 BMA P . 36.63 10.63 8.99
O4 BMA P . 38.60 12.55 8.40
O5 BMA P . 37.04 12.02 5.18
O6 BMA P . 39.54 12.24 4.77
C1 MAN P . 36.05 11.15 10.20
C2 MAN P . 36.05 9.99 11.15
C3 MAN P . 35.30 8.87 10.51
C4 MAN P . 33.87 9.30 10.18
C5 MAN P . 33.79 10.65 9.46
C6 MAN P . 32.43 11.27 9.59
O2 MAN P . 35.30 10.28 12.32
O3 MAN P . 35.23 7.75 11.37
O4 MAN P . 33.28 8.34 9.35
O5 MAN P . 34.74 11.61 10.00
O6 MAN P . 31.95 10.94 10.89
C1 MAN P . 36.05 9.74 13.41
C2 MAN P . 35.04 9.41 14.54
C3 MAN P . 34.48 10.69 15.11
C4 MAN P . 35.61 11.61 15.54
C5 MAN P . 36.48 11.91 14.32
C6 MAN P . 37.65 12.81 14.65
O2 MAN P . 35.71 8.77 15.62
O3 MAN P . 33.65 10.43 16.23
O4 MAN P . 35.08 12.82 16.04
O5 MAN P . 37.01 10.67 13.83
O6 MAN P . 37.17 13.91 15.40
C1 MAN P . 40.95 12.04 5.05
C2 MAN P . 41.48 11.01 4.02
C3 MAN P . 40.91 9.62 4.33
C4 MAN P . 41.19 9.26 5.78
C5 MAN P . 40.54 10.31 6.68
C6 MAN P . 40.75 10.04 8.15
O2 MAN P . 42.89 10.87 4.10
O3 MAN P . 41.43 8.63 3.46
O4 MAN P . 40.62 8.00 6.08
O5 MAN P . 41.12 11.59 6.38
O6 MAN P . 42.08 10.42 8.49
C1 NAG Q . 6.98 5.13 45.32
C2 NAG Q . 7.38 4.48 44.00
C3 NAG Q . 8.78 3.87 44.11
C4 NAG Q . 9.77 4.91 44.62
C5 NAG Q . 9.27 5.53 45.92
C6 NAG Q . 10.14 6.64 46.42
C7 NAG Q . 6.16 3.12 42.36
C8 NAG Q . 5.13 2.05 42.15
N2 NAG Q . 6.41 3.46 43.63
O3 NAG Q . 9.18 3.42 42.82
O4 NAG Q . 11.04 4.31 44.85
O5 NAG Q . 7.97 6.09 45.70
O6 NAG Q . 9.45 7.50 47.32
O7 NAG Q . 6.75 3.64 41.42
C1 NAG Q . 12.03 5.04 44.09
C2 NAG Q . 13.41 4.69 44.63
C3 NAG Q . 14.49 5.39 43.80
C4 NAG Q . 14.31 5.06 42.33
C5 NAG Q . 12.90 5.40 41.89
C6 NAG Q . 12.62 5.00 40.46
C7 NAG Q . 13.33 4.19 47.03
C8 NAG Q . 13.52 4.72 48.41
N2 NAG Q . 13.54 5.05 46.04
O3 NAG Q . 15.77 4.96 44.25
O4 NAG Q . 15.24 5.81 41.56
O5 NAG Q . 11.95 4.70 42.71
O6 NAG Q . 11.31 4.47 40.32
O7 NAG Q . 12.99 3.03 46.82
C1 NAG R . -19.72 8.74 21.18
C2 NAG R . -19.37 7.35 21.65
C3 NAG R . -20.51 6.82 22.50
C4 NAG R . -20.84 7.79 23.62
C5 NAG R . -20.97 9.22 23.13
C6 NAG R . -21.00 10.23 24.25
C7 NAG R . -18.14 5.54 20.55
C8 NAG R . -18.01 4.69 19.33
N2 NAG R . -19.12 6.45 20.54
O3 NAG R . -20.15 5.55 23.05
O4 NAG R . -22.11 7.42 24.14
O5 NAG R . -19.85 9.58 22.30
O6 NAG R . -21.25 11.54 23.77
O7 NAG R . -17.38 5.42 21.51
C1 NAG R . -21.93 6.70 25.35
C2 NAG R . -22.87 7.35 26.35
C3 NAG R . -22.82 6.62 27.67
C4 NAG R . -23.14 5.15 27.44
C5 NAG R . -22.20 4.57 26.40
C6 NAG R . -22.55 3.15 26.02
C7 NAG R . -23.46 9.72 26.49
C8 NAG R . -22.96 11.12 26.70
N2 NAG R . -22.54 8.76 26.53
O3 NAG R . -23.78 7.19 28.56
O4 NAG R . -23.01 4.43 28.65
O5 NAG R . -22.28 5.34 25.19
O6 NAG R . -23.94 2.91 26.17
O7 NAG R . -24.65 9.49 26.28
C1 BMA R . -24.29 3.85 28.94
C2 BMA R . -24.01 2.38 29.20
C3 BMA R . -25.23 1.69 29.79
C4 BMA R . -25.83 2.50 30.92
C5 BMA R . -26.14 3.90 30.42
C6 BMA R . -26.80 4.77 31.48
O2 BMA R . -22.98 2.23 30.15
O3 BMA R . -24.86 0.43 30.28
O4 BMA R . -27.00 1.88 31.39
O5 BMA R . -24.89 4.48 30.06
O6 BMA R . -25.79 5.32 32.30
C1 MAN R . -25.55 -0.63 29.58
C2 MAN R . -24.86 -1.90 30.03
C3 MAN R . -23.41 -1.76 29.73
C4 MAN R . -23.19 -1.53 28.23
C5 MAN R . -24.09 -0.43 27.66
C6 MAN R . -24.21 -0.56 26.17
O2 MAN R . -25.27 -3.00 29.26
O3 MAN R . -22.71 -2.92 30.10
O4 MAN R . -21.85 -1.14 28.03
O5 MAN R . -25.43 -0.50 28.19
O6 MAN R . -24.21 -1.96 25.86
C1 MAN R . -25.44 -4.09 30.17
C2 MAN R . -25.20 -5.40 29.39
C3 MAN R . -26.33 -5.62 28.40
C4 MAN R . -27.67 -5.55 29.13
C5 MAN R . -27.79 -4.18 29.79
C6 MAN R . -29.09 -4.04 30.55
O2 MAN R . -25.24 -6.51 30.27
O3 MAN R . -26.21 -6.87 27.75
O4 MAN R . -28.70 -5.72 28.20
O5 MAN R . -26.73 -4.04 30.73
O6 MAN R . -30.16 -4.46 29.71
C1 MAN R . -26.19 5.20 33.68
C2 MAN R . -25.11 5.92 34.53
C3 MAN R . -23.82 5.11 34.52
C4 MAN R . -24.10 3.67 34.95
C5 MAN R . -25.10 3.07 33.98
C6 MAN R . -25.46 1.64 34.30
O2 MAN R . -25.49 6.02 35.89
O3 MAN R . -22.82 5.69 35.35
O4 MAN R . -22.90 2.91 34.90
O5 MAN R . -26.32 3.84 34.03
O6 MAN R . -26.36 1.64 35.40
C1 NAG S . -28.30 0.90 -25.12
C2 NAG S . -28.78 1.96 -26.10
C3 NAG S . -30.25 1.72 -26.45
C4 NAG S . -30.44 0.29 -26.94
C5 NAG S . -29.88 -0.70 -25.93
C6 NAG S . -29.92 -2.13 -26.41
C7 NAG S . -27.45 3.98 -25.66
C8 NAG S . -27.44 5.34 -25.04
N2 NAG S . -28.60 3.29 -25.55
O3 NAG S . -30.64 2.64 -27.47
O4 NAG S . -31.83 0.04 -27.14
O5 NAG S . -28.50 -0.39 -25.67
O6 NAG S . -28.88 -2.90 -25.84
O7 NAG S . -26.48 3.51 -26.24
C1 NAG T . -12.95 -43.09 12.90
C2 NAG T . -12.12 -41.99 13.54
C3 NAG T . -12.63 -41.71 14.95
C4 NAG T . -14.11 -41.33 14.90
C5 NAG T . -14.92 -42.36 14.11
C6 NAG T . -16.35 -41.85 13.88
C7 NAG T . -9.81 -41.98 12.68
C8 NAG T . -8.41 -42.48 12.93
N2 NAG T . -10.71 -42.36 13.59
O3 NAG T . -11.88 -40.65 15.56
O4 NAG T . -14.61 -41.23 16.24
O5 NAG T . -14.32 -42.65 12.85
O6 NAG T . -17.08 -42.75 13.04
O7 NAG T . -10.07 -41.28 11.71
C1 NAG U . 17.61 19.58 -27.19
C2 NAG U . 17.18 20.77 -28.05
C3 NAG U . 18.02 20.80 -29.33
C4 NAG U . 19.50 20.78 -29.00
C5 NAG U . 19.82 19.60 -28.09
C6 NAG U . 21.25 19.59 -27.61
C7 NAG U . 14.82 21.20 -27.56
C8 NAG U . 13.41 21.04 -28.04
N2 NAG U . 15.77 20.70 -28.37
O3 NAG U . 17.70 21.98 -30.06
O4 NAG U . 20.27 20.66 -30.19
O5 NAG U . 18.99 19.66 -26.92
O6 NAG U . 21.37 18.97 -26.33
O7 NAG U . 15.09 21.73 -26.49
C1 NAG V . 37.52 -27.67 4.23
C2 NAG V . 36.04 -27.79 4.61
C3 NAG V . 35.49 -29.10 4.07
C4 NAG V . 35.68 -29.15 2.55
C5 NAG V . 37.13 -28.87 2.16
C6 NAG V . 37.24 -28.70 0.64
C7 NAG V . 35.56 -26.65 6.74
C8 NAG V . 35.43 -26.82 8.22
N2 NAG V . 35.88 -27.75 6.06
O3 NAG V . 34.09 -29.21 4.39
O4 NAG V . 35.29 -30.45 2.08
O5 NAG V . 37.60 -27.68 2.80
O6 NAG V . 38.57 -28.30 0.28
O7 NAG V . 35.37 -25.55 6.21
C1 NAG W . -13.57 34.31 8.47
C2 NAG W . -14.17 35.42 7.62
C3 NAG W . -14.04 36.76 8.35
C4 NAG W . -14.64 36.66 9.74
C5 NAG W . -14.03 35.48 10.49
C6 NAG W . -14.68 35.25 11.84
C7 NAG W . -13.91 34.74 5.28
C8 NAG W . -13.14 34.92 4.02
N2 NAG W . -13.53 35.48 6.32
O3 NAG W . -14.70 37.76 7.60
O4 NAG W . -14.38 37.86 10.47
O5 NAG W . -14.22 34.28 9.74
O6 NAG W . -14.62 33.87 12.21
O7 NAG W . -14.84 33.94 5.36
C1 NAG X . 9.94 -7.11 45.19
C2 NAG X . 10.41 -7.74 43.87
C3 NAG X . 11.93 -7.71 43.82
C4 NAG X . 12.45 -6.28 43.99
C5 NAG X . 11.84 -5.60 45.22
C6 NAG X . 12.19 -4.12 45.23
C7 NAG X . 8.83 -9.43 43.03
C8 NAG X . 8.51 -10.90 43.02
N2 NAG X . 9.92 -9.10 43.73
O3 NAG X . 12.40 -8.25 42.58
O4 NAG X . 13.87 -6.31 44.09
O5 NAG X . 10.41 -5.76 45.24
O6 NAG X . 11.52 -3.45 46.31
O7 NAG X . 8.12 -8.62 42.46
#